data_8JKB
#
_entry.id   8JKB
#
_cell.length_a   1.00
_cell.length_b   1.00
_cell.length_c   1.00
_cell.angle_alpha   90.00
_cell.angle_beta   90.00
_cell.angle_gamma   90.00
#
_symmetry.space_group_name_H-M   'P 1'
#
loop_
_entity.id
_entity.type
_entity.pdbx_description
1 polymer 'Guanine nucleotide-binding protein G(I)/G(S)/G(T) subunit beta-1'
2 polymer 'Guanine nucleotide-binding protein G(I)/G(S)/G(O) subunit gamma-2'
3 polymer 'BTB/POZ domain-containing protein KCTD5'
#
loop_
_entity_poly.entity_id
_entity_poly.type
_entity_poly.pdbx_seq_one_letter_code
_entity_poly.pdbx_strand_id
1 'polypeptide(L)'
;MYPYDVPDYAYPYDVPDYAYPYDVPDYAGSGSMSELDQLRQEAEQLKNQIRDARKACADATLSQITNNIDPVGRIQMRTR
RTLRGHLAKIYAMHWGTDSRLLVSASQDGKLIIWDSYTTNKVHAIPLRSSWVMTCAYAPSGNYVACGGLDNICSIYNLKT
REGNVRVSRELAGHTGYLSCCRFLDDNQIVTSSGDTTCALWDIETGQQTTTFTGHTGDVMSLSLAPDTRLFVSGACDASA
KLWDVREGMCRQTFTGHESDINAICFFPNGNAFATGSDDATCRLFDLRADQELMTYSHDNIICGITSVSFSKSGRLLLAG
YDDFNCNVWDALKADRAGVLAGHDNRVSCLGVTDDGMAVATGSWDSFLKIWN
;
B,F,I,J,K
2 'polypeptide(L)'
;GSALEVLFQGPGAGALEVLFQGPGSMASNNTASIAQARKLVEQLKMEANIDRIKVSKAAADLMAYCEAHAKEDPLLTPVP
ASENPFREKKFFSAIL
;
G,L,M,N,O
3 'polypeptide(L)'
;MGSSHHHHHHGSEDQVDPRLIDGKDYKDDDDKLEVLFQGPMAENHCELLPPAPSGLGAGLGGGLCRRCSAGMGALAQRPG
GVSKWVRLNVGGTYFLTTRQTLCRDPKSFLYRLCQADPDLDSDKDETGAYLIDRDPTYFGPVLNYLRHGKLVINKDLAEE
GVLEEAEFYNITSLIKLVKDKIRERDSRISQMPVKHVYRVLQCQEEELTQMVSTMSDGWKFEQLVSIGSSYNYGNEDQAE
FLCVVSKELHNTPYGTTSEPSEKAKILQERGSRM
;
A,H,C,D,E
#
# COMPACT_ATOMS: atom_id res chain seq x y z
N GLU A 35 -76.36 -1.41 12.36
CA GLU A 35 -76.91 -2.62 12.95
C GLU A 35 -75.83 -3.31 13.79
N LEU A 36 -74.57 -3.03 13.46
CA LEU A 36 -73.43 -3.60 14.17
C LEU A 36 -73.30 -3.08 15.60
N ASP A 37 -74.04 -2.03 15.96
CA ASP A 37 -73.92 -1.46 17.30
C ASP A 37 -74.30 -2.48 18.37
N GLN A 38 -75.38 -3.23 18.16
CA GLN A 38 -75.76 -4.22 19.16
C GLN A 38 -74.79 -5.39 19.19
N LEU A 39 -74.23 -5.76 18.04
CA LEU A 39 -73.18 -6.79 18.03
C LEU A 39 -71.99 -6.36 18.88
N ARG A 40 -71.60 -5.08 18.77
CA ARG A 40 -70.59 -4.56 19.67
C ARG A 40 -71.07 -4.61 21.12
N GLN A 41 -72.35 -4.32 21.33
CA GLN A 41 -72.89 -4.24 22.69
C GLN A 41 -72.77 -5.58 23.41
N GLU A 42 -73.00 -6.70 22.71
CA GLU A 42 -72.75 -7.97 23.39
C GLU A 42 -71.28 -8.12 23.76
N ALA A 43 -70.37 -7.56 22.96
CA ALA A 43 -68.95 -7.61 23.30
C ALA A 43 -68.67 -6.83 24.58
N GLU A 44 -69.22 -5.62 24.70
CA GLU A 44 -69.01 -4.88 25.94
C GLU A 44 -69.64 -5.58 27.15
N GLN A 45 -70.83 -6.16 26.99
CA GLN A 45 -71.43 -6.81 28.15
C GLN A 45 -70.68 -8.08 28.53
N LEU A 46 -70.15 -8.82 27.55
CA LEU A 46 -69.32 -9.97 27.85
C LEU A 46 -68.04 -9.57 28.55
N LYS A 47 -67.42 -8.45 28.11
CA LYS A 47 -66.23 -7.95 28.81
C LYS A 47 -66.56 -7.56 30.24
N ASN A 48 -67.74 -6.95 30.46
CA ASN A 48 -68.15 -6.61 31.81
C ASN A 48 -68.32 -7.86 32.67
N GLN A 49 -68.94 -8.91 32.12
CA GLN A 49 -69.08 -10.15 32.85
C GLN A 49 -67.72 -10.76 33.17
N ILE A 50 -66.80 -10.70 32.20
CA ILE A 50 -65.45 -11.25 32.40
C ILE A 50 -64.73 -10.51 33.52
N ARG A 51 -64.81 -9.17 33.52
CA ARG A 51 -64.12 -8.41 34.56
C ARG A 51 -64.77 -8.62 35.93
N ASP A 52 -66.10 -8.77 35.96
CA ASP A 52 -66.77 -9.06 37.23
C ASP A 52 -66.33 -10.40 37.79
N ALA A 53 -66.21 -11.41 36.92
CA ALA A 53 -65.69 -12.70 37.38
C ALA A 53 -64.21 -12.62 37.76
N ARG A 54 -63.46 -11.74 37.08
CA ARG A 54 -62.02 -11.64 37.29
C ARG A 54 -61.69 -10.94 38.61
N LYS A 55 -62.54 -10.00 39.03
CA LYS A 55 -62.21 -9.18 40.19
C LYS A 55 -62.04 -10.02 41.45
N ALA A 56 -62.92 -11.01 41.65
CA ALA A 56 -62.91 -11.78 42.89
C ALA A 56 -61.81 -12.82 42.95
N CYS A 57 -61.08 -13.03 41.85
CA CYS A 57 -60.08 -14.10 41.83
C CYS A 57 -58.89 -13.78 42.74
N ALA A 58 -58.52 -12.51 42.86
CA ALA A 58 -57.36 -12.14 43.66
C ALA A 58 -57.58 -12.53 45.12
N ASP A 59 -56.55 -13.16 45.71
CA ASP A 59 -56.65 -13.64 47.08
C ASP A 59 -55.42 -13.31 47.92
N ALA A 60 -54.48 -12.53 47.39
CA ALA A 60 -53.27 -12.22 48.13
C ALA A 60 -52.73 -10.86 47.73
N THR A 61 -52.25 -10.12 48.72
CA THR A 61 -51.49 -8.90 48.50
C THR A 61 -50.18 -9.03 49.27
N LEU A 62 -49.06 -8.85 48.58
CA LEU A 62 -47.76 -9.19 49.17
C LEU A 62 -47.42 -8.32 50.36
N SER A 63 -48.04 -7.15 50.51
CA SER A 63 -47.76 -6.30 51.66
C SER A 63 -48.08 -7.02 52.96
N GLN A 64 -49.36 -7.35 53.17
CA GLN A 64 -49.81 -7.92 54.44
C GLN A 64 -49.35 -9.34 54.67
N ILE A 65 -48.76 -10.00 53.67
CA ILE A 65 -48.37 -11.39 53.79
C ILE A 65 -46.86 -11.56 53.78
N THR A 66 -46.11 -10.56 53.31
CA THR A 66 -44.65 -10.63 53.26
C THR A 66 -44.00 -9.47 54.01
N ASN A 67 -44.77 -8.67 54.77
CA ASN A 67 -44.14 -7.68 55.63
C ASN A 67 -43.33 -8.33 56.75
N ASN A 68 -43.59 -9.59 57.08
CA ASN A 68 -42.88 -10.25 58.17
C ASN A 68 -41.44 -10.56 57.79
N ILE A 69 -41.21 -10.96 56.53
CA ILE A 69 -39.89 -11.42 56.12
C ILE A 69 -38.91 -10.26 56.10
N ASP A 70 -37.64 -10.58 56.30
CA ASP A 70 -36.57 -9.59 56.28
C ASP A 70 -36.13 -9.26 54.86
N PRO A 71 -35.64 -8.06 54.62
CA PRO A 71 -35.15 -7.69 53.29
C PRO A 71 -33.72 -8.19 53.07
N VAL A 72 -33.28 -8.08 51.83
CA VAL A 72 -31.93 -8.48 51.48
C VAL A 72 -30.93 -7.40 51.90
N GLY A 73 -29.69 -7.82 52.10
CA GLY A 73 -28.65 -6.89 52.48
C GLY A 73 -28.10 -6.10 51.32
N ARG A 74 -27.35 -5.05 51.65
CA ARG A 74 -26.75 -4.22 50.62
C ARG A 74 -25.63 -4.98 49.90
N ILE A 75 -25.46 -4.65 48.62
CA ILE A 75 -24.48 -5.33 47.77
C ILE A 75 -23.77 -4.29 46.91
N GLN A 76 -22.48 -4.49 46.70
CA GLN A 76 -21.69 -3.66 45.80
C GLN A 76 -20.72 -4.57 45.05
N MET A 77 -20.77 -4.51 43.73
CA MET A 77 -19.95 -5.35 42.87
C MET A 77 -18.95 -4.50 42.09
N ARG A 78 -17.89 -5.15 41.63
CA ARG A 78 -16.77 -4.48 40.97
C ARG A 78 -16.59 -5.03 39.57
N THR A 79 -16.42 -4.13 38.61
CA THR A 79 -16.19 -4.53 37.22
C THR A 79 -14.89 -5.30 37.09
N ARG A 80 -14.90 -6.35 36.27
CA ARG A 80 -13.74 -7.21 36.11
C ARG A 80 -13.09 -7.14 34.73
N ARG A 81 -13.88 -7.11 33.65
CA ARG A 81 -13.32 -7.12 32.31
C ARG A 81 -14.03 -6.10 31.44
N THR A 82 -13.34 -5.66 30.39
CA THR A 82 -13.87 -4.66 29.46
C THR A 82 -13.51 -5.10 28.04
N LEU A 83 -14.44 -5.72 27.35
CA LEU A 83 -14.22 -6.20 26.00
C LEU A 83 -14.30 -5.06 25.00
N ARG A 84 -13.31 -4.96 24.12
CA ARG A 84 -13.30 -3.95 23.07
C ARG A 84 -13.06 -4.62 21.72
N GLY A 85 -13.36 -3.89 20.66
CA GLY A 85 -13.22 -4.43 19.31
C GLY A 85 -14.31 -3.98 18.36
N HIS A 86 -15.51 -3.73 18.87
CA HIS A 86 -16.53 -3.05 18.07
C HIS A 86 -16.16 -1.59 17.92
N LEU A 87 -16.51 -1.00 16.78
CA LEU A 87 -16.24 0.41 16.53
C LEU A 87 -17.52 1.15 16.15
N ALA A 88 -18.64 0.73 16.72
CA ALA A 88 -19.93 1.32 16.42
C ALA A 88 -20.81 1.18 17.66
N LYS A 89 -22.12 1.34 17.49
CA LYS A 89 -23.06 1.26 18.60
C LYS A 89 -23.62 -0.16 18.70
N ILE A 90 -23.42 -0.80 19.84
CA ILE A 90 -23.90 -2.16 20.06
C ILE A 90 -25.40 -2.14 20.32
N TYR A 91 -26.12 -3.12 19.78
CA TYR A 91 -27.56 -3.19 19.95
C TYR A 91 -28.06 -4.48 20.59
N ALA A 92 -27.26 -5.54 20.66
CA ALA A 92 -27.77 -6.80 21.17
C ALA A 92 -26.63 -7.67 21.66
N MET A 93 -26.99 -8.70 22.41
CA MET A 93 -26.06 -9.72 22.87
C MET A 93 -26.88 -10.92 23.34
N HIS A 94 -26.21 -12.06 23.48
CA HIS A 94 -26.89 -13.28 23.91
C HIS A 94 -25.85 -14.30 24.37
N TRP A 95 -26.10 -14.93 25.52
CA TRP A 95 -25.22 -15.93 26.08
C TRP A 95 -25.38 -17.27 25.37
N GLY A 96 -24.56 -18.24 25.76
CA GLY A 96 -24.69 -19.59 25.27
C GLY A 96 -24.80 -20.57 26.43
N THR A 97 -25.35 -21.75 26.13
CA THR A 97 -25.50 -22.77 27.15
C THR A 97 -24.15 -23.22 27.70
N ASP A 98 -23.11 -23.17 26.86
CA ASP A 98 -21.77 -23.54 27.30
C ASP A 98 -21.26 -22.61 28.40
N SER A 99 -21.83 -21.41 28.51
CA SER A 99 -21.64 -20.47 29.61
C SER A 99 -20.28 -19.81 29.61
N ARG A 100 -19.57 -19.82 28.48
CA ARG A 100 -18.36 -19.00 28.35
C ARG A 100 -18.25 -18.40 26.96
N LEU A 101 -19.36 -18.27 26.24
CA LEU A 101 -19.38 -17.71 24.89
C LEU A 101 -20.61 -16.83 24.74
N LEU A 102 -20.45 -15.67 24.10
CA LEU A 102 -21.56 -14.76 23.89
C LEU A 102 -21.40 -14.08 22.54
N VAL A 103 -22.52 -13.65 21.97
CA VAL A 103 -22.57 -13.04 20.66
C VAL A 103 -22.80 -11.54 20.83
N SER A 104 -22.37 -10.77 19.82
CA SER A 104 -22.61 -9.33 19.78
C SER A 104 -22.86 -8.90 18.35
N ALA A 105 -23.69 -7.88 18.18
CA ALA A 105 -24.03 -7.36 16.87
C ALA A 105 -23.94 -5.84 16.90
N SER A 106 -23.20 -5.27 15.96
CA SER A 106 -23.00 -3.83 15.86
C SER A 106 -23.98 -3.23 14.86
N GLN A 107 -23.80 -1.95 14.56
CA GLN A 107 -24.70 -1.22 13.69
C GLN A 107 -24.39 -1.39 12.20
N ASP A 108 -23.23 -1.95 11.84
CA ASP A 108 -22.87 -2.13 10.44
C ASP A 108 -22.34 -3.53 10.18
N GLY A 109 -22.93 -4.53 10.82
CA GLY A 109 -22.47 -5.89 10.62
C GLY A 109 -21.63 -6.39 11.78
N LYS A 110 -20.61 -7.18 11.47
CA LYS A 110 -19.61 -7.61 12.45
C LYS A 110 -20.24 -8.32 13.65
N LEU A 111 -20.82 -9.50 13.39
CA LEU A 111 -21.06 -10.41 14.49
C LEU A 111 -19.72 -10.91 15.02
N ILE A 112 -19.57 -10.93 16.33
CA ILE A 112 -18.33 -11.39 16.95
C ILE A 112 -18.70 -12.33 18.09
N ILE A 113 -18.03 -13.48 18.14
CA ILE A 113 -18.19 -14.44 19.23
C ILE A 113 -16.99 -14.32 20.15
N TRP A 114 -17.26 -13.97 21.42
CA TRP A 114 -16.22 -13.70 22.39
C TRP A 114 -16.02 -14.87 23.33
N ASP A 115 -14.82 -14.95 23.90
CA ASP A 115 -14.52 -15.87 24.99
C ASP A 115 -14.30 -15.02 26.25
N SER A 116 -15.07 -15.31 27.29
CA SER A 116 -15.14 -14.43 28.45
C SER A 116 -14.10 -14.72 29.51
N TYR A 117 -13.21 -15.70 29.29
CA TYR A 117 -12.14 -16.02 30.23
C TYR A 117 -10.81 -15.38 29.84
N THR A 118 -10.36 -15.63 28.61
CA THR A 118 -9.10 -15.11 28.13
C THR A 118 -9.27 -13.89 27.23
N THR A 119 -10.46 -13.28 27.25
CA THR A 119 -10.81 -12.07 26.50
C THR A 119 -10.19 -12.05 25.09
N ASN A 120 -10.50 -13.09 24.32
CA ASN A 120 -10.06 -13.23 22.95
C ASN A 120 -11.24 -13.55 22.05
N LYS A 121 -11.13 -13.14 20.79
CA LYS A 121 -12.16 -13.43 19.80
C LYS A 121 -11.91 -14.81 19.18
N VAL A 122 -13.01 -15.47 18.82
CA VAL A 122 -12.93 -16.74 18.14
C VAL A 122 -13.43 -16.66 16.70
N HIS A 123 -14.23 -15.65 16.36
CA HIS A 123 -14.70 -15.46 14.99
C HIS A 123 -14.97 -13.98 14.76
N ALA A 124 -15.10 -13.62 13.49
CA ALA A 124 -15.45 -12.25 13.11
C ALA A 124 -16.08 -12.33 11.72
N ILE A 125 -17.37 -12.07 11.64
CA ILE A 125 -18.17 -12.33 10.45
C ILE A 125 -18.65 -11.00 9.88
N PRO A 126 -18.36 -10.69 8.63
CA PRO A 126 -18.96 -9.51 8.00
C PRO A 126 -20.37 -9.81 7.49
N LEU A 127 -21.09 -8.74 7.16
CA LEU A 127 -22.43 -8.85 6.63
C LEU A 127 -22.58 -7.93 5.42
N ARG A 128 -23.70 -8.06 4.72
CA ARG A 128 -24.02 -7.22 3.58
C ARG A 128 -25.20 -6.30 3.87
N SER A 129 -25.42 -5.95 5.13
CA SER A 129 -26.50 -5.07 5.53
C SER A 129 -26.01 -4.18 6.67
N SER A 130 -26.55 -2.96 6.72
CA SER A 130 -26.07 -1.94 7.66
C SER A 130 -27.06 -1.64 8.78
N TRP A 131 -28.00 -2.54 9.04
CA TRP A 131 -28.89 -2.41 10.21
C TRP A 131 -29.25 -3.82 10.67
N VAL A 132 -28.55 -4.30 11.69
CA VAL A 132 -28.89 -5.55 12.37
C VAL A 132 -29.18 -5.23 13.83
N MET A 133 -30.35 -5.67 14.31
CA MET A 133 -30.82 -5.34 15.64
C MET A 133 -31.11 -6.56 16.50
N THR A 134 -30.72 -7.76 16.05
CA THR A 134 -30.99 -8.95 16.84
C THR A 134 -30.02 -10.06 16.45
N CYS A 135 -29.76 -10.95 17.40
CA CYS A 135 -28.91 -12.11 17.19
C CYS A 135 -29.35 -13.20 18.16
N ALA A 136 -29.03 -14.44 17.80
CA ALA A 136 -29.41 -15.58 18.62
C ALA A 136 -28.31 -16.62 18.56
N TYR A 137 -28.30 -17.50 19.56
CA TYR A 137 -27.36 -18.60 19.61
C TYR A 137 -28.14 -19.91 19.71
N ALA A 138 -27.59 -20.95 19.08
CA ALA A 138 -28.25 -22.24 19.15
C ALA A 138 -27.92 -22.95 20.48
N PRO A 139 -28.90 -23.60 21.09
CA PRO A 139 -28.62 -24.36 22.32
C PRO A 139 -27.57 -25.44 22.10
N SER A 140 -27.55 -26.06 20.91
CA SER A 140 -26.53 -27.05 20.60
C SER A 140 -25.17 -26.38 20.46
N GLY A 141 -25.09 -25.31 19.69
CA GLY A 141 -23.84 -24.56 19.58
C GLY A 141 -23.28 -24.45 18.18
N ASN A 142 -24.05 -24.86 17.18
CA ASN A 142 -23.57 -24.91 15.80
C ASN A 142 -24.24 -23.89 14.89
N TYR A 143 -25.08 -23.01 15.41
CA TYR A 143 -25.81 -22.07 14.58
C TYR A 143 -25.94 -20.71 15.27
N VAL A 144 -25.94 -19.66 14.45
CA VAL A 144 -26.30 -18.31 14.87
C VAL A 144 -27.20 -17.71 13.80
N ALA A 145 -27.92 -16.67 14.17
CA ALA A 145 -28.84 -16.02 13.24
C ALA A 145 -28.82 -14.51 13.49
N CYS A 146 -29.28 -13.76 12.50
CA CYS A 146 -29.29 -12.30 12.60
C CYS A 146 -30.35 -11.76 11.65
N GLY A 147 -30.69 -10.49 11.84
CA GLY A 147 -31.67 -9.84 11.00
C GLY A 147 -31.87 -8.41 11.45
N GLY A 148 -32.68 -7.69 10.67
CA GLY A 148 -32.92 -6.29 10.96
C GLY A 148 -33.77 -5.58 9.92
N LEU A 149 -33.32 -4.41 9.49
CA LEU A 149 -34.07 -3.58 8.54
C LEU A 149 -34.03 -4.12 7.12
N ASP A 150 -33.29 -5.20 6.86
CA ASP A 150 -33.20 -5.79 5.54
C ASP A 150 -34.33 -6.78 5.24
N ASN A 151 -35.25 -7.00 6.18
CA ASN A 151 -36.44 -7.83 6.01
C ASN A 151 -36.10 -9.29 5.73
N ILE A 152 -34.91 -9.74 6.13
CA ILE A 152 -34.44 -11.09 5.85
C ILE A 152 -33.71 -11.63 7.07
N CYS A 153 -33.96 -12.90 7.39
CA CYS A 153 -33.25 -13.60 8.45
C CYS A 153 -32.33 -14.63 7.83
N SER A 154 -31.08 -14.65 8.28
CA SER A 154 -30.05 -15.53 7.72
C SER A 154 -29.45 -16.40 8.81
N ILE A 155 -29.09 -17.62 8.43
CA ILE A 155 -28.53 -18.61 9.34
C ILE A 155 -27.10 -18.93 8.92
N TYR A 156 -26.22 -19.06 9.90
CA TYR A 156 -24.80 -19.26 9.66
C TYR A 156 -24.36 -20.58 10.28
N ASN A 157 -23.53 -21.32 9.55
CA ASN A 157 -23.07 -22.64 10.00
C ASN A 157 -21.63 -22.48 10.51
N LEU A 158 -21.48 -22.41 11.83
CA LEU A 158 -20.15 -22.22 12.42
C LEU A 158 -19.25 -23.42 12.17
N LYS A 159 -19.79 -24.63 12.30
CA LYS A 159 -19.00 -25.85 12.23
C LYS A 159 -19.19 -26.50 10.86
N THR A 160 -18.10 -26.57 10.10
CA THR A 160 -18.14 -27.14 8.75
C THR A 160 -16.90 -27.99 8.54
N ARG A 161 -16.92 -28.77 7.45
CA ARG A 161 -15.78 -29.63 7.13
C ARG A 161 -14.51 -28.81 6.87
N GLU A 162 -14.65 -27.70 6.15
CA GLU A 162 -13.52 -26.82 5.85
C GLU A 162 -13.28 -25.91 7.05
N GLY A 163 -12.43 -24.90 6.87
CA GLY A 163 -12.10 -23.95 7.91
C GLY A 163 -12.80 -22.63 7.81
N ASN A 164 -13.69 -22.44 6.84
CA ASN A 164 -14.37 -21.18 6.61
C ASN A 164 -15.82 -21.25 7.09
N VAL A 165 -16.47 -20.08 7.09
CA VAL A 165 -17.86 -19.94 7.51
C VAL A 165 -18.72 -19.69 6.29
N ARG A 166 -19.87 -20.36 6.23
CA ARG A 166 -20.78 -20.29 5.09
C ARG A 166 -22.17 -19.93 5.57
N VAL A 167 -23.10 -19.80 4.62
CA VAL A 167 -24.49 -19.46 4.91
C VAL A 167 -25.35 -20.66 4.58
N SER A 168 -25.97 -21.25 5.60
CA SER A 168 -26.76 -22.46 5.39
C SER A 168 -28.00 -22.19 4.55
N ARG A 169 -28.80 -21.20 4.92
CA ARG A 169 -30.01 -20.89 4.19
C ARG A 169 -30.44 -19.45 4.51
N GLU A 170 -31.31 -18.93 3.66
CA GLU A 170 -31.81 -17.56 3.79
C GLU A 170 -33.33 -17.60 3.80
N LEU A 171 -33.93 -16.98 4.81
CA LEU A 171 -35.36 -17.10 5.10
C LEU A 171 -36.06 -15.77 4.81
N ALA A 172 -36.55 -15.61 3.59
CA ALA A 172 -37.38 -14.47 3.24
C ALA A 172 -38.85 -14.87 3.25
N GLY A 173 -39.72 -13.88 3.08
CA GLY A 173 -41.14 -14.16 2.98
C GLY A 173 -42.08 -13.18 3.64
N HIS A 174 -41.62 -12.46 4.65
CA HIS A 174 -42.48 -11.52 5.37
C HIS A 174 -41.97 -10.10 5.22
N THR A 175 -42.90 -9.15 5.26
CA THR A 175 -42.62 -7.74 5.02
C THR A 175 -42.34 -7.05 6.36
N GLY A 176 -41.70 -5.88 6.28
CA GLY A 176 -41.38 -5.11 7.46
C GLY A 176 -40.05 -5.52 8.06
N TYR A 177 -39.66 -4.78 9.09
CA TYR A 177 -38.37 -4.99 9.73
C TYR A 177 -38.47 -6.10 10.76
N LEU A 178 -37.48 -6.98 10.76
CA LEU A 178 -37.44 -8.07 11.73
C LEU A 178 -37.04 -7.53 13.10
N SER A 179 -37.61 -8.11 14.16
CA SER A 179 -37.42 -7.60 15.51
C SER A 179 -36.70 -8.58 16.42
N CYS A 180 -37.13 -9.84 16.46
CA CYS A 180 -36.54 -10.81 17.40
C CYS A 180 -36.49 -12.18 16.74
N CYS A 181 -35.60 -13.03 17.25
CA CYS A 181 -35.40 -14.37 16.72
C CYS A 181 -34.93 -15.28 17.85
N ARG A 182 -35.65 -16.39 18.06
CA ARG A 182 -35.29 -17.36 19.09
C ARG A 182 -35.41 -18.78 18.53
N PHE A 183 -34.43 -19.62 18.86
CA PHE A 183 -34.47 -21.03 18.47
C PHE A 183 -35.32 -21.82 19.45
N LEU A 184 -36.37 -22.47 18.93
CA LEU A 184 -37.02 -23.54 19.68
C LEU A 184 -36.13 -24.77 19.71
N ASP A 185 -35.50 -25.10 18.59
CA ASP A 185 -34.54 -26.19 18.50
C ASP A 185 -33.68 -25.94 17.28
N ASP A 186 -32.75 -26.86 17.01
CA ASP A 186 -31.82 -26.70 15.90
C ASP A 186 -32.52 -26.63 14.55
N ASN A 187 -33.74 -27.16 14.43
CA ASN A 187 -34.49 -27.10 13.18
C ASN A 187 -35.75 -26.27 13.29
N GLN A 188 -35.93 -25.51 14.37
CA GLN A 188 -37.16 -24.77 14.61
C GLN A 188 -36.80 -23.32 14.92
N ILE A 189 -37.36 -22.39 14.15
CA ILE A 189 -37.14 -20.96 14.33
C ILE A 189 -38.47 -20.24 14.40
N VAL A 190 -38.57 -19.28 15.31
CA VAL A 190 -39.74 -18.42 15.45
C VAL A 190 -39.27 -16.97 15.34
N THR A 191 -39.97 -16.17 14.54
CA THR A 191 -39.59 -14.79 14.27
C THR A 191 -40.64 -13.84 14.82
N SER A 192 -40.33 -12.55 14.74
CA SER A 192 -41.24 -11.49 15.19
C SER A 192 -41.19 -10.36 14.16
N SER A 193 -42.14 -10.38 13.22
CA SER A 193 -42.15 -9.40 12.15
C SER A 193 -42.64 -8.05 12.68
N GLY A 194 -42.74 -7.09 11.78
CA GLY A 194 -43.19 -5.76 12.15
C GLY A 194 -44.55 -5.42 11.55
N ASP A 195 -45.02 -6.23 10.61
CA ASP A 195 -46.34 -6.02 10.02
C ASP A 195 -47.41 -6.84 10.74
N THR A 196 -47.43 -6.72 12.06
CA THR A 196 -48.42 -7.38 12.92
C THR A 196 -48.48 -8.89 12.67
N THR A 197 -47.30 -9.52 12.66
CA THR A 197 -47.22 -10.94 12.34
C THR A 197 -46.15 -11.61 13.19
N CYS A 198 -46.47 -12.81 13.68
CA CYS A 198 -45.51 -13.73 14.27
C CYS A 198 -45.66 -15.07 13.57
N ALA A 199 -44.54 -15.71 13.25
CA ALA A 199 -44.58 -16.89 12.40
C ALA A 199 -43.50 -17.87 12.83
N LEU A 200 -43.59 -19.09 12.31
CA LEU A 200 -42.65 -20.16 12.57
C LEU A 200 -42.27 -20.80 11.24
N TRP A 201 -41.01 -21.20 11.11
CA TRP A 201 -40.48 -21.68 9.84
C TRP A 201 -39.92 -23.08 9.99
N ASP A 202 -39.61 -23.70 8.85
CA ASP A 202 -38.95 -25.00 8.79
C ASP A 202 -37.63 -24.82 8.05
N ILE A 203 -36.53 -25.22 8.69
CA ILE A 203 -35.20 -24.88 8.18
C ILE A 203 -34.91 -25.63 6.89
N GLU A 204 -35.17 -26.93 6.85
CA GLU A 204 -34.79 -27.74 5.70
C GLU A 204 -35.53 -27.29 4.45
N THR A 205 -36.86 -27.18 4.53
CA THR A 205 -37.65 -26.74 3.39
C THR A 205 -37.42 -25.26 3.10
N GLY A 206 -37.24 -24.46 4.15
CA GLY A 206 -37.15 -23.02 4.00
C GLY A 206 -38.48 -22.32 3.86
N GLN A 207 -39.57 -22.97 4.25
CA GLN A 207 -40.91 -22.44 4.09
C GLN A 207 -41.61 -22.37 5.45
N GLN A 208 -42.58 -21.48 5.54
CA GLN A 208 -43.33 -21.31 6.78
C GLN A 208 -44.15 -22.56 7.08
N THR A 209 -44.22 -22.92 8.36
CA THR A 209 -45.02 -24.06 8.82
C THR A 209 -46.33 -23.60 9.45
N THR A 210 -46.27 -22.73 10.45
CA THR A 210 -47.46 -22.23 11.12
C THR A 210 -47.38 -20.71 11.19
N THR A 211 -48.52 -20.06 11.00
CA THR A 211 -48.61 -18.61 11.00
C THR A 211 -49.59 -18.15 12.07
N PHE A 212 -49.21 -17.11 12.81
CA PHE A 212 -50.03 -16.54 13.86
C PHE A 212 -50.55 -15.17 13.43
N THR A 213 -51.64 -14.75 14.06
CA THR A 213 -52.26 -13.47 13.75
C THR A 213 -53.13 -13.06 14.92
N GLY A 214 -53.65 -11.83 14.85
CA GLY A 214 -54.50 -11.30 15.88
C GLY A 214 -53.87 -10.25 16.78
N HIS A 215 -52.72 -9.70 16.40
CA HIS A 215 -52.01 -8.72 17.21
C HIS A 215 -52.26 -7.35 16.58
N THR A 216 -52.96 -6.49 17.31
CA THR A 216 -53.42 -5.23 16.73
C THR A 216 -52.29 -4.21 16.59
N GLY A 217 -51.28 -4.25 17.45
CA GLY A 217 -50.22 -3.26 17.40
C GLY A 217 -48.97 -3.77 16.71
N ASP A 218 -47.82 -3.41 17.27
CA ASP A 218 -46.52 -3.81 16.73
C ASP A 218 -45.79 -4.66 17.76
N VAL A 219 -45.24 -5.78 17.32
CA VAL A 219 -44.51 -6.68 18.20
C VAL A 219 -43.04 -6.29 18.20
N MET A 220 -42.46 -6.19 19.39
CA MET A 220 -41.05 -5.81 19.52
C MET A 220 -40.28 -6.67 20.51
N SER A 221 -40.87 -7.70 21.09
CA SER A 221 -40.17 -8.59 22.01
C SER A 221 -41.00 -9.84 22.22
N LEU A 222 -40.31 -10.91 22.63
CA LEU A 222 -40.95 -12.16 23.02
C LEU A 222 -39.90 -13.05 23.68
N SER A 223 -40.38 -14.01 24.46
CA SER A 223 -39.49 -14.94 25.13
C SER A 223 -40.17 -16.28 25.28
N LEU A 224 -39.36 -17.32 25.52
CA LEU A 224 -39.84 -18.69 25.56
C LEU A 224 -39.93 -19.19 27.00
N ALA A 225 -40.96 -19.99 27.27
CA ALA A 225 -41.10 -20.63 28.57
C ALA A 225 -40.04 -21.72 28.72
N PRO A 226 -39.70 -22.08 29.97
CA PRO A 226 -38.69 -23.12 30.18
C PRO A 226 -39.05 -24.45 29.54
N ASP A 227 -40.33 -24.81 29.49
CA ASP A 227 -40.76 -26.10 28.96
C ASP A 227 -40.88 -26.12 27.44
N THR A 228 -40.55 -25.02 26.77
CA THR A 228 -40.54 -24.93 25.30
C THR A 228 -41.87 -25.31 24.69
N ARG A 229 -42.97 -24.85 25.31
CA ARG A 229 -44.29 -25.02 24.73
C ARG A 229 -45.15 -23.77 24.81
N LEU A 230 -44.68 -22.69 25.43
CA LEU A 230 -45.44 -21.46 25.55
C LEU A 230 -44.52 -20.27 25.36
N PHE A 231 -45.07 -19.20 24.78
CA PHE A 231 -44.34 -17.94 24.66
C PHE A 231 -45.34 -16.80 24.66
N VAL A 232 -44.85 -15.61 25.00
CA VAL A 232 -45.68 -14.41 25.05
C VAL A 232 -45.01 -13.33 24.21
N SER A 233 -45.83 -12.43 23.67
CA SER A 233 -45.36 -11.37 22.81
C SER A 233 -45.70 -10.00 23.40
N GLY A 234 -44.96 -8.99 22.96
CA GLY A 234 -45.22 -7.63 23.34
C GLY A 234 -46.12 -6.92 22.33
N ALA A 235 -46.40 -5.65 22.62
CA ALA A 235 -47.30 -4.89 21.77
C ALA A 235 -46.95 -3.40 21.85
N CYS A 236 -47.25 -2.69 20.76
CA CYS A 236 -47.11 -1.25 20.76
C CYS A 236 -48.31 -0.55 21.38
N ASP A 237 -49.42 -1.26 21.57
CA ASP A 237 -50.61 -0.71 22.20
C ASP A 237 -50.78 -1.20 23.64
N ALA A 238 -49.69 -1.62 24.28
CA ALA A 238 -49.68 -2.10 25.65
C ALA A 238 -50.63 -3.29 25.84
N SER A 239 -50.30 -4.37 25.15
CA SER A 239 -51.05 -5.62 25.23
C SER A 239 -50.08 -6.77 25.44
N ALA A 240 -50.56 -7.80 26.15
CA ALA A 240 -49.75 -8.98 26.45
C ALA A 240 -50.53 -10.21 26.01
N LYS A 241 -50.00 -10.92 25.02
CA LYS A 241 -50.66 -12.07 24.43
C LYS A 241 -49.88 -13.34 24.78
N LEU A 242 -50.60 -14.43 25.01
CA LEU A 242 -49.99 -15.71 25.36
C LEU A 242 -50.46 -16.75 24.35
N TRP A 243 -49.51 -17.48 23.77
CA TRP A 243 -49.79 -18.41 22.69
C TRP A 243 -49.39 -19.83 23.09
N ASP A 244 -49.85 -20.79 22.29
CA ASP A 244 -49.40 -22.17 22.35
C ASP A 244 -48.73 -22.50 21.03
N VAL A 245 -47.56 -23.14 21.10
CA VAL A 245 -46.77 -23.38 19.89
C VAL A 245 -47.47 -24.37 18.96
N ARG A 246 -48.12 -25.40 19.50
CA ARG A 246 -48.60 -26.49 18.66
C ARG A 246 -49.72 -26.05 17.72
N GLU A 247 -50.77 -25.40 18.25
CA GLU A 247 -51.89 -25.00 17.41
C GLU A 247 -52.04 -23.50 17.24
N GLY A 248 -51.30 -22.68 17.99
CA GLY A 248 -51.40 -21.25 17.86
C GLY A 248 -52.70 -20.59 18.25
N MET A 249 -53.25 -20.94 19.42
CA MET A 249 -54.47 -20.31 19.91
C MET A 249 -54.10 -19.40 21.08
N CYS A 250 -54.60 -18.17 21.05
CA CYS A 250 -54.36 -17.21 22.13
C CYS A 250 -55.31 -17.51 23.28
N ARG A 251 -54.75 -18.01 24.38
CA ARG A 251 -55.57 -18.46 25.50
C ARG A 251 -55.96 -17.32 26.43
N GLN A 252 -55.05 -16.39 26.71
CA GLN A 252 -55.29 -15.36 27.71
C GLN A 252 -54.73 -14.03 27.22
N THR A 253 -55.10 -12.96 27.94
CA THR A 253 -54.72 -11.61 27.55
C THR A 253 -54.52 -10.78 28.81
N PHE A 254 -53.53 -9.89 28.77
CA PHE A 254 -53.21 -9.02 29.89
C PHE A 254 -53.15 -7.57 29.41
N THR A 255 -53.31 -6.64 30.35
CA THR A 255 -53.37 -5.22 30.04
C THR A 255 -52.94 -4.43 31.27
N GLY A 256 -52.64 -3.15 31.07
CA GLY A 256 -52.34 -2.27 32.18
C GLY A 256 -51.34 -1.16 31.94
N HIS A 257 -50.52 -1.26 30.91
CA HIS A 257 -49.55 -0.23 30.61
C HIS A 257 -50.14 0.84 29.71
N GLU A 258 -49.44 1.98 29.64
CA GLU A 258 -49.86 3.12 28.82
C GLU A 258 -48.84 3.48 27.75
N SER A 259 -47.92 2.57 27.44
CA SER A 259 -46.90 2.84 26.43
C SER A 259 -46.42 1.50 25.87
N ASP A 260 -45.43 1.56 24.99
CA ASP A 260 -44.90 0.37 24.37
C ASP A 260 -44.15 -0.49 25.39
N ILE A 261 -44.35 -1.80 25.32
CA ILE A 261 -43.65 -2.75 26.16
C ILE A 261 -42.38 -3.18 25.43
N ASN A 262 -41.23 -3.05 26.09
CA ASN A 262 -39.95 -3.29 25.44
C ASN A 262 -39.22 -4.53 25.94
N ALA A 263 -39.43 -4.94 27.19
CA ALA A 263 -38.71 -6.06 27.77
C ALA A 263 -39.71 -7.03 28.38
N ILE A 264 -39.57 -8.32 28.05
CA ILE A 264 -40.42 -9.38 28.60
C ILE A 264 -39.51 -10.50 29.08
N CYS A 265 -39.76 -10.99 30.29
CA CYS A 265 -38.99 -12.09 30.87
C CYS A 265 -39.90 -13.01 31.64
N PHE A 266 -39.33 -14.13 32.12
CA PHE A 266 -40.04 -15.15 32.86
C PHE A 266 -39.31 -15.48 34.16
N PHE A 267 -40.09 -15.76 35.20
CA PHE A 267 -39.55 -16.33 36.43
C PHE A 267 -39.19 -17.79 36.18
N PRO A 268 -38.19 -18.32 36.90
CA PRO A 268 -37.75 -19.70 36.64
C PRO A 268 -38.86 -20.73 36.77
N ASN A 269 -39.84 -20.51 37.66
CA ASN A 269 -40.88 -21.52 37.85
C ASN A 269 -41.76 -21.67 36.63
N GLY A 270 -42.00 -20.58 35.90
CA GLY A 270 -42.89 -20.58 34.76
C GLY A 270 -44.30 -20.12 35.03
N ASN A 271 -44.57 -19.51 36.18
CA ASN A 271 -45.89 -19.02 36.52
C ASN A 271 -45.89 -17.53 36.82
N ALA A 272 -44.97 -16.80 36.22
CA ALA A 272 -44.87 -15.36 36.41
C ALA A 272 -44.44 -14.69 35.10
N PHE A 273 -45.02 -13.53 34.84
CA PHE A 273 -44.84 -12.80 33.58
C PHE A 273 -44.57 -11.34 33.93
N ALA A 274 -43.30 -10.94 33.90
CA ALA A 274 -42.87 -9.61 34.32
C ALA A 274 -42.36 -8.82 33.12
N THR A 275 -42.83 -7.60 32.97
CA THR A 275 -42.44 -6.73 31.87
C THR A 275 -42.11 -5.33 32.38
N GLY A 276 -41.60 -4.52 31.48
CA GLY A 276 -41.35 -3.12 31.77
C GLY A 276 -41.66 -2.27 30.55
N SER A 277 -41.97 -0.99 30.81
CA SER A 277 -42.38 -0.08 29.75
C SER A 277 -41.56 1.20 29.85
N ASP A 278 -41.88 2.17 28.98
CA ASP A 278 -41.11 3.39 28.91
C ASP A 278 -41.39 4.34 30.08
N ASP A 279 -42.57 4.27 30.66
CA ASP A 279 -42.93 5.21 31.72
C ASP A 279 -42.59 4.69 33.12
N ALA A 280 -41.37 4.17 33.26
CA ALA A 280 -40.77 3.84 34.57
C ALA A 280 -41.69 2.99 35.44
N THR A 281 -42.29 1.97 34.85
CA THR A 281 -43.11 1.01 35.59
C THR A 281 -42.64 -0.41 35.31
N CYS A 282 -42.47 -1.19 36.37
CA CYS A 282 -42.21 -2.62 36.26
C CYS A 282 -43.33 -3.38 36.95
N ARG A 283 -43.93 -4.33 36.24
CA ARG A 283 -45.12 -5.03 36.70
C ARG A 283 -44.88 -6.53 36.64
N LEU A 284 -45.31 -7.25 37.67
CA LEU A 284 -45.31 -8.71 37.69
C LEU A 284 -46.75 -9.22 37.65
N PHE A 285 -47.03 -10.08 36.68
CA PHE A 285 -48.35 -10.66 36.50
C PHE A 285 -48.34 -12.13 36.92
N ASP A 286 -49.53 -12.64 37.21
CA ASP A 286 -49.72 -14.04 37.56
C ASP A 286 -50.66 -14.68 36.56
N LEU A 287 -50.31 -15.87 36.10
CA LEU A 287 -51.08 -16.54 35.05
C LEU A 287 -52.39 -17.11 35.58
N ARG A 288 -52.44 -17.49 36.85
CA ARG A 288 -53.60 -18.22 37.37
C ARG A 288 -54.83 -17.32 37.41
N ALA A 289 -54.78 -16.24 38.20
CA ALA A 289 -55.92 -15.35 38.34
C ALA A 289 -55.91 -14.19 37.35
N ASP A 290 -54.85 -14.07 36.54
CA ASP A 290 -54.74 -13.01 35.54
C ASP A 290 -54.82 -11.63 36.18
N GLN A 291 -54.30 -11.50 37.39
CA GLN A 291 -54.36 -10.26 38.16
C GLN A 291 -52.97 -9.71 38.36
N GLU A 292 -52.81 -8.41 38.12
CA GLU A 292 -51.54 -7.76 38.40
C GLU A 292 -51.29 -7.76 39.90
N LEU A 293 -50.09 -8.19 40.29
CA LEU A 293 -49.80 -8.44 41.70
C LEU A 293 -49.18 -7.23 42.38
N MET A 294 -48.01 -6.78 41.92
CA MET A 294 -47.37 -5.59 42.46
C MET A 294 -47.12 -4.58 41.35
N THR A 295 -46.39 -3.53 41.69
CA THR A 295 -45.98 -2.51 40.74
C THR A 295 -44.76 -1.82 41.32
N TYR A 296 -43.69 -1.79 40.55
CA TYR A 296 -42.41 -1.23 40.99
C TYR A 296 -42.19 0.13 40.32
N SER A 297 -42.47 1.20 41.07
CA SER A 297 -42.34 2.57 40.58
C SER A 297 -41.56 3.41 41.59
N HIS A 298 -40.75 4.33 41.08
CA HIS A 298 -40.02 5.26 41.92
C HIS A 298 -40.30 6.69 41.45
N ASP A 299 -40.27 7.62 42.40
CA ASP A 299 -40.63 9.00 42.10
C ASP A 299 -39.57 9.70 41.26
N ASN A 300 -38.29 9.40 41.50
CA ASN A 300 -37.22 10.13 40.83
C ASN A 300 -37.03 9.70 39.38
N ILE A 301 -37.20 8.41 39.08
CA ILE A 301 -36.91 7.91 37.75
C ILE A 301 -37.91 8.48 36.74
N ILE A 302 -37.41 8.92 35.59
CA ILE A 302 -38.23 9.54 34.57
C ILE A 302 -37.95 8.92 33.21
N CYS A 303 -36.83 8.19 33.10
CA CYS A 303 -36.38 7.65 31.83
C CYS A 303 -37.07 6.31 31.55
N GLY A 304 -36.80 5.77 30.36
CA GLY A 304 -37.45 4.56 29.91
C GLY A 304 -36.67 3.29 30.25
N ILE A 305 -37.35 2.15 30.08
CA ILE A 305 -36.78 0.84 30.35
C ILE A 305 -36.48 0.16 29.01
N THR A 306 -35.30 -0.47 28.92
CA THR A 306 -34.88 -1.14 27.71
C THR A 306 -34.59 -2.62 27.88
N SER A 307 -34.40 -3.12 29.10
CA SER A 307 -34.10 -4.53 29.32
C SER A 307 -34.39 -4.88 30.76
N VAL A 308 -34.98 -6.06 30.97
CA VAL A 308 -35.30 -6.58 32.30
C VAL A 308 -34.93 -8.06 32.34
N SER A 309 -34.34 -8.49 33.45
CA SER A 309 -33.92 -9.87 33.60
C SER A 309 -34.03 -10.30 35.06
N PHE A 310 -34.15 -11.60 35.26
CA PHE A 310 -34.21 -12.22 36.59
C PHE A 310 -32.93 -13.00 36.85
N SER A 311 -32.60 -13.13 38.13
CA SER A 311 -31.43 -13.90 38.55
C SER A 311 -31.76 -15.39 38.57
N LYS A 312 -30.87 -16.19 39.16
CA LYS A 312 -31.07 -17.63 39.21
C LYS A 312 -32.27 -18.00 40.09
N SER A 313 -32.21 -17.64 41.37
CA SER A 313 -33.29 -17.99 42.29
C SER A 313 -34.53 -17.15 42.05
N GLY A 314 -34.40 -15.97 41.44
CA GLY A 314 -35.52 -15.08 41.26
C GLY A 314 -35.74 -14.09 42.38
N ARG A 315 -34.75 -13.88 43.25
CA ARG A 315 -34.93 -12.98 44.37
C ARG A 315 -34.68 -11.53 43.98
N LEU A 316 -33.88 -11.30 42.95
CA LEU A 316 -33.54 -9.95 42.49
C LEU A 316 -34.10 -9.73 41.09
N LEU A 317 -34.25 -8.45 40.74
CA LEU A 317 -34.70 -8.05 39.42
C LEU A 317 -33.85 -6.89 38.94
N LEU A 318 -33.34 -6.99 37.72
CA LEU A 318 -32.47 -5.97 37.15
C LEU A 318 -33.15 -5.29 35.97
N ALA A 319 -32.93 -3.99 35.83
CA ALA A 319 -33.52 -3.21 34.76
C ALA A 319 -32.49 -2.21 34.24
N GLY A 320 -32.67 -1.82 32.98
CA GLY A 320 -31.77 -0.87 32.33
C GLY A 320 -32.50 0.44 32.06
N TYR A 321 -31.83 1.57 32.11
CA TYR A 321 -32.53 2.82 31.90
C TYR A 321 -31.82 3.66 30.87
N ASP A 322 -32.51 4.59 30.25
CA ASP A 322 -31.91 5.40 29.21
C ASP A 322 -31.20 6.59 29.80
N ASP A 323 -31.02 6.63 31.11
CA ASP A 323 -30.36 7.74 31.79
C ASP A 323 -28.91 7.43 31.97
N PHE A 324 -28.38 6.60 31.10
CA PHE A 324 -26.98 6.26 31.16
C PHE A 324 -26.59 5.37 32.36
N ASN A 325 -27.51 4.69 33.07
CA ASN A 325 -27.11 3.87 34.24
C ASN A 325 -27.98 2.67 34.57
N CYS A 326 -27.86 2.11 35.79
CA CYS A 326 -28.62 0.90 36.06
C CYS A 326 -28.57 0.61 37.55
N ASN A 327 -29.73 0.26 38.13
CA ASN A 327 -29.84 -0.07 39.54
C ASN A 327 -30.70 -1.31 39.68
N VAL A 328 -30.60 -1.96 40.84
CA VAL A 328 -31.28 -3.23 41.08
C VAL A 328 -32.29 -3.06 42.21
N TRP A 329 -33.51 -3.51 41.97
CA TRP A 329 -34.56 -3.55 42.97
C TRP A 329 -34.67 -4.94 43.58
N ASP A 330 -35.69 -5.14 44.40
CA ASP A 330 -35.97 -6.43 45.02
C ASP A 330 -37.32 -6.94 44.56
N ALA A 331 -37.42 -8.25 44.37
CA ALA A 331 -38.61 -8.85 43.78
C ALA A 331 -39.82 -8.70 44.68
N LEU A 332 -39.65 -8.89 45.99
CA LEU A 332 -40.78 -8.98 46.91
C LEU A 332 -41.06 -7.66 47.62
N LYS A 333 -40.08 -7.11 48.33
CA LYS A 333 -40.30 -5.93 49.14
C LYS A 333 -40.08 -4.62 48.40
N ALA A 334 -39.68 -4.67 47.13
CA ALA A 334 -39.54 -3.48 46.29
C ALA A 334 -38.63 -2.44 46.94
N ASP A 335 -37.42 -2.88 47.30
CA ASP A 335 -36.44 -2.03 47.96
C ASP A 335 -35.20 -1.92 47.11
N ARG A 336 -34.75 -0.68 46.86
CA ARG A 336 -33.55 -0.43 46.08
C ARG A 336 -32.33 -0.95 46.83
N ALA A 337 -31.68 -1.98 46.28
CA ALA A 337 -30.56 -2.61 46.98
C ALA A 337 -29.25 -1.86 46.71
N GLY A 338 -29.02 -1.47 45.46
CA GLY A 338 -27.81 -0.74 45.12
C GLY A 338 -27.87 -0.26 43.69
N VAL A 339 -26.76 0.35 43.25
CA VAL A 339 -26.67 0.96 41.94
C VAL A 339 -25.37 0.48 41.29
N LEU A 340 -25.35 0.51 39.96
CA LEU A 340 -24.20 0.07 39.18
C LEU A 340 -23.59 1.24 38.44
N ALA A 341 -22.26 1.32 38.47
CA ALA A 341 -21.53 2.37 37.77
C ALA A 341 -21.75 2.24 36.26
N GLY A 342 -22.51 3.16 35.68
CA GLY A 342 -22.94 3.05 34.30
C GLY A 342 -21.85 3.35 33.30
N HIS A 343 -22.27 3.81 32.12
CA HIS A 343 -21.40 4.06 30.99
C HIS A 343 -21.45 5.54 30.63
N ASP A 344 -20.84 5.88 29.50
CA ASP A 344 -20.88 7.24 28.97
C ASP A 344 -22.05 7.47 28.03
N ASN A 345 -22.91 6.50 27.83
CA ASN A 345 -24.05 6.64 26.93
C ASN A 345 -25.14 5.67 27.35
N ARG A 346 -26.15 5.51 26.51
CA ARG A 346 -27.35 4.76 26.87
C ARG A 346 -27.04 3.26 26.96
N VAL A 347 -27.64 2.61 27.95
CA VAL A 347 -27.58 1.16 28.09
C VAL A 347 -28.69 0.53 27.27
N SER A 348 -28.35 -0.51 26.50
CA SER A 348 -29.29 -1.09 25.54
C SER A 348 -29.41 -2.61 25.60
N CYS A 349 -28.71 -3.30 26.49
CA CYS A 349 -28.83 -4.74 26.60
C CYS A 349 -28.37 -5.19 27.98
N LEU A 350 -28.76 -6.41 28.34
CA LEU A 350 -28.44 -6.97 29.64
C LEU A 350 -28.66 -8.48 29.57
N GLY A 351 -27.82 -9.23 30.28
CA GLY A 351 -27.93 -10.67 30.28
C GLY A 351 -27.35 -11.28 31.52
N VAL A 352 -27.86 -12.46 31.88
CA VAL A 352 -27.43 -13.19 33.07
C VAL A 352 -27.12 -14.63 32.66
N THR A 353 -26.00 -15.15 33.16
CA THR A 353 -25.60 -16.50 32.84
C THR A 353 -26.62 -17.50 33.38
N ASP A 354 -26.70 -18.66 32.73
CA ASP A 354 -27.64 -19.70 33.15
C ASP A 354 -27.41 -20.10 34.60
N ASP A 355 -26.16 -20.40 34.96
CA ASP A 355 -25.83 -20.71 36.35
C ASP A 355 -26.04 -19.49 37.25
N GLY A 356 -25.65 -18.31 36.77
CA GLY A 356 -25.87 -17.09 37.51
C GLY A 356 -24.63 -16.50 38.15
N MET A 357 -23.50 -16.58 37.46
CA MET A 357 -22.23 -16.10 37.99
C MET A 357 -21.65 -14.97 37.15
N ALA A 358 -22.46 -14.31 36.33
CA ALA A 358 -21.95 -13.23 35.49
C ALA A 358 -23.10 -12.34 35.04
N VAL A 359 -22.78 -11.06 34.84
CA VAL A 359 -23.69 -10.08 34.28
C VAL A 359 -22.98 -9.36 33.15
N ALA A 360 -23.64 -9.25 32.00
CA ALA A 360 -23.07 -8.60 30.82
C ALA A 360 -23.93 -7.43 30.41
N THR A 361 -23.31 -6.28 30.20
CA THR A 361 -24.01 -5.05 29.83
C THR A 361 -23.31 -4.41 28.65
N GLY A 362 -24.09 -3.86 27.72
CA GLY A 362 -23.52 -3.20 26.57
C GLY A 362 -24.23 -1.92 26.19
N SER A 363 -23.49 -0.82 26.12
CA SER A 363 -24.07 0.49 25.86
C SER A 363 -23.89 0.89 24.40
N TRP A 364 -24.29 2.12 24.09
CA TRP A 364 -24.14 2.64 22.74
C TRP A 364 -22.71 3.07 22.45
N ASP A 365 -21.88 3.23 23.48
CA ASP A 365 -20.45 3.33 23.23
C ASP A 365 -19.87 1.94 23.01
N SER A 366 -18.68 1.91 22.40
CA SER A 366 -18.15 0.65 21.89
C SER A 366 -17.81 -0.37 22.96
N PHE A 367 -17.75 0.03 24.24
CA PHE A 367 -17.24 -0.86 25.28
C PHE A 367 -18.34 -1.79 25.79
N LEU A 368 -17.91 -2.99 26.20
CA LEU A 368 -18.79 -4.00 26.79
C LEU A 368 -18.21 -4.42 28.14
N LYS A 369 -19.07 -4.57 29.13
CA LYS A 369 -18.65 -4.77 30.52
C LYS A 369 -19.08 -6.15 31.02
N ILE A 370 -18.19 -6.79 31.75
CA ILE A 370 -18.51 -8.00 32.51
C ILE A 370 -18.56 -7.63 33.98
N TRP A 371 -19.60 -8.08 34.66
CA TRP A 371 -19.85 -7.70 36.05
C TRP A 371 -19.91 -8.94 36.93
N ASN A 372 -19.58 -8.76 38.20
CA ASN A 372 -19.62 -9.84 39.17
C ASN A 372 -19.70 -9.30 40.59
N ALA B 32 -63.46 -4.96 8.16
CA ALA B 32 -64.86 -4.59 8.34
C ALA B 32 -65.25 -4.65 9.81
N SER B 33 -66.13 -3.75 10.24
CA SER B 33 -66.59 -3.75 11.62
C SER B 33 -67.32 -5.03 11.94
N ILE B 34 -67.92 -5.63 10.88
CA ILE B 34 -68.63 -6.91 11.01
C ILE B 34 -67.78 -8.18 10.85
N ALA B 35 -66.76 -8.17 9.99
CA ALA B 35 -65.85 -9.33 9.93
C ALA B 35 -65.19 -9.36 11.27
N GLN B 36 -64.83 -8.18 11.76
CA GLN B 36 -64.24 -8.07 13.08
C GLN B 36 -65.21 -8.49 14.17
N ALA B 37 -66.49 -8.20 13.99
CA ALA B 37 -67.51 -8.66 14.94
C ALA B 37 -67.54 -10.17 15.01
N ARG B 38 -67.42 -10.79 13.84
CA ARG B 38 -67.38 -12.23 13.80
C ARG B 38 -66.17 -12.69 14.56
N LYS B 39 -65.07 -11.98 14.37
CA LYS B 39 -63.83 -12.33 15.05
C LYS B 39 -64.00 -12.25 16.55
N LEU B 40 -64.69 -11.22 17.02
CA LEU B 40 -64.93 -11.05 18.45
C LEU B 40 -65.78 -12.17 19.01
N VAL B 41 -66.81 -12.55 18.26
CA VAL B 41 -67.62 -13.66 18.73
C VAL B 41 -66.77 -14.91 18.82
N GLU B 42 -65.90 -15.11 17.85
CA GLU B 42 -65.09 -16.33 17.81
C GLU B 42 -64.06 -16.50 18.92
N GLN B 43 -63.37 -15.46 19.31
CA GLN B 43 -62.27 -15.59 20.27
C GLN B 43 -62.65 -15.26 21.71
N LEU B 44 -63.08 -14.04 21.96
CA LEU B 44 -63.42 -13.58 23.30
C LEU B 44 -64.28 -14.61 24.04
N LYS B 45 -65.25 -15.23 23.36
CA LYS B 45 -65.99 -16.32 23.99
C LYS B 45 -65.09 -17.50 24.30
N MET B 46 -64.02 -17.71 23.53
CA MET B 46 -63.07 -18.76 23.88
C MET B 46 -62.24 -18.36 25.11
N GLU B 47 -61.94 -17.06 25.25
CA GLU B 47 -61.29 -16.58 26.45
C GLU B 47 -62.17 -16.77 27.68
N ALA B 48 -63.49 -16.59 27.53
CA ALA B 48 -64.37 -16.45 28.68
C ALA B 48 -64.31 -17.67 29.60
N ASN B 49 -64.39 -18.87 29.02
CA ASN B 49 -64.47 -20.10 29.82
C ASN B 49 -63.06 -20.56 30.18
N ILE B 50 -62.50 -19.93 31.21
CA ILE B 50 -61.18 -20.28 31.75
C ILE B 50 -61.26 -20.30 33.26
N ASP B 51 -60.60 -21.29 33.87
CA ASP B 51 -60.58 -21.43 35.31
C ASP B 51 -59.60 -20.44 35.94
N ARG B 52 -60.01 -19.84 37.05
CA ARG B 52 -59.15 -18.97 37.86
C ARG B 52 -59.18 -19.45 39.30
N ILE B 53 -58.01 -19.49 39.94
CA ILE B 53 -57.89 -19.99 41.30
C ILE B 53 -57.39 -18.88 42.23
N LYS B 54 -57.22 -19.21 43.50
CA LYS B 54 -56.87 -18.23 44.51
C LYS B 54 -55.38 -17.89 44.45
N VAL B 55 -55.09 -16.59 44.57
CA VAL B 55 -53.71 -16.12 44.43
C VAL B 55 -52.82 -16.57 45.58
N SER B 56 -53.39 -16.67 46.79
CA SER B 56 -52.58 -16.89 47.98
C SER B 56 -51.74 -18.16 47.88
N LYS B 57 -52.32 -19.22 47.30
CA LYS B 57 -51.56 -20.46 47.11
C LYS B 57 -50.38 -20.24 46.19
N ALA B 58 -50.57 -19.49 45.10
CA ALA B 58 -49.49 -19.19 44.18
C ALA B 58 -48.40 -18.38 44.86
N ALA B 59 -48.80 -17.39 45.68
CA ALA B 59 -47.82 -16.58 46.40
C ALA B 59 -47.01 -17.44 47.38
N ALA B 60 -47.69 -18.35 48.08
CA ALA B 60 -46.98 -19.25 48.99
C ALA B 60 -46.02 -20.15 48.23
N ASP B 61 -46.44 -20.64 47.05
CA ASP B 61 -45.54 -21.45 46.24
C ASP B 61 -44.32 -20.66 45.80
N LEU B 62 -44.53 -19.40 45.39
CA LEU B 62 -43.41 -18.55 44.99
C LEU B 62 -42.44 -18.31 46.14
N MET B 63 -42.96 -18.00 47.34
CA MET B 63 -42.07 -17.76 48.48
C MET B 63 -41.29 -19.03 48.82
N ALA B 64 -41.96 -20.18 48.83
CA ALA B 64 -41.28 -21.43 49.14
C ALA B 64 -40.20 -21.75 48.10
N TYR B 65 -40.51 -21.50 46.82
CA TYR B 65 -39.51 -21.72 45.77
C TYR B 65 -38.31 -20.81 45.95
N CYS B 66 -38.56 -19.53 46.28
CA CYS B 66 -37.46 -18.60 46.48
C CYS B 66 -36.60 -18.99 47.66
N GLU B 67 -37.22 -19.42 48.76
CA GLU B 67 -36.46 -19.81 49.95
C GLU B 67 -35.72 -21.13 49.75
N ALA B 68 -36.30 -22.06 48.98
CA ALA B 68 -35.73 -23.41 48.89
C ALA B 68 -34.36 -23.40 48.23
N HIS B 69 -34.21 -22.64 47.15
CA HIS B 69 -32.99 -22.68 46.33
C HIS B 69 -32.10 -21.47 46.56
N ALA B 70 -31.98 -21.00 47.80
CA ALA B 70 -31.02 -19.95 48.11
C ALA B 70 -29.57 -20.38 47.93
N LYS B 71 -29.32 -21.69 47.80
CA LYS B 71 -27.97 -22.19 47.59
C LYS B 71 -27.47 -22.00 46.16
N GLU B 72 -28.35 -21.68 45.22
CA GLU B 72 -28.01 -21.61 43.80
C GLU B 72 -27.73 -20.20 43.32
N ASP B 73 -27.63 -19.22 44.22
CA ASP B 73 -27.44 -17.82 43.85
C ASP B 73 -26.10 -17.32 44.37
N PRO B 74 -25.03 -17.43 43.59
CA PRO B 74 -23.73 -16.91 44.03
C PRO B 74 -23.70 -15.40 44.22
N LEU B 75 -24.61 -14.66 43.59
CA LEU B 75 -24.64 -13.21 43.77
C LEU B 75 -25.02 -12.83 45.19
N LEU B 76 -26.09 -13.42 45.72
CA LEU B 76 -26.50 -13.13 47.09
C LEU B 76 -25.62 -13.85 48.11
N THR B 77 -25.17 -15.07 47.79
CA THR B 77 -24.31 -15.81 48.69
C THR B 77 -22.89 -15.78 48.17
N PRO B 78 -21.97 -15.03 48.80
CA PRO B 78 -20.62 -14.89 48.24
C PRO B 78 -19.84 -16.19 48.29
N VAL B 79 -18.89 -16.31 47.36
CA VAL B 79 -18.03 -17.48 47.25
C VAL B 79 -16.58 -17.01 47.25
N PRO B 80 -15.63 -17.86 47.65
CA PRO B 80 -14.22 -17.44 47.68
C PRO B 80 -13.69 -17.14 46.28
N ALA B 81 -12.54 -16.49 46.24
CA ALA B 81 -11.93 -16.11 44.97
C ALA B 81 -11.58 -17.32 44.12
N SER B 82 -11.34 -18.47 44.76
CA SER B 82 -11.02 -19.68 44.02
C SER B 82 -12.21 -20.23 43.23
N GLU B 83 -13.42 -19.72 43.48
CA GLU B 83 -14.61 -20.21 42.79
C GLU B 83 -14.82 -19.50 41.46
N ASN B 84 -14.92 -18.18 41.49
CA ASN B 84 -15.22 -17.41 40.28
C ASN B 84 -14.01 -17.37 39.36
N PRO B 85 -14.11 -17.84 38.12
CA PRO B 85 -12.97 -17.76 37.19
C PRO B 85 -12.83 -16.43 36.49
N PHE B 86 -13.85 -15.55 36.57
CA PHE B 86 -13.80 -14.27 35.87
C PHE B 86 -12.84 -13.28 36.51
N ARG B 87 -12.31 -13.58 37.70
CA ARG B 87 -11.36 -12.71 38.36
C ARG B 87 -10.09 -12.54 37.54
N GLU C 35 -38.16 56.70 -36.72
CA GLU C 35 -39.51 56.86 -36.19
C GLU C 35 -39.54 56.40 -34.73
N LEU C 36 -38.57 55.55 -34.36
CA LEU C 36 -38.48 55.06 -32.99
C LEU C 36 -38.11 56.18 -32.01
N ASP C 37 -37.58 57.30 -32.50
CA ASP C 37 -37.21 58.40 -31.62
C ASP C 37 -38.42 58.98 -30.90
N GLN C 38 -39.58 58.98 -31.55
CA GLN C 38 -40.80 59.45 -30.89
C GLN C 38 -41.17 58.53 -29.72
N LEU C 39 -41.10 57.21 -29.94
CA LEU C 39 -41.37 56.28 -28.85
C LEU C 39 -40.35 56.44 -27.73
N ARG C 40 -39.09 56.68 -28.08
CA ARG C 40 -38.10 57.00 -27.06
C ARG C 40 -38.53 58.21 -26.24
N GLN C 41 -38.87 59.32 -26.91
CA GLN C 41 -39.29 60.52 -26.21
C GLN C 41 -40.48 60.26 -25.29
N GLU C 42 -41.41 59.41 -25.73
CA GLU C 42 -42.47 58.97 -24.83
C GLU C 42 -41.92 58.26 -23.60
N ALA C 43 -40.90 57.42 -23.80
CA ALA C 43 -40.31 56.72 -22.67
C ALA C 43 -39.68 57.69 -21.67
N GLU C 44 -38.89 58.66 -22.16
CA GLU C 44 -38.31 59.63 -21.24
C GLU C 44 -39.36 60.50 -20.56
N GLN C 45 -40.41 60.89 -21.28
CA GLN C 45 -41.44 61.72 -20.65
C GLN C 45 -42.18 60.93 -19.57
N LEU C 46 -42.45 59.65 -19.81
CA LEU C 46 -43.07 58.82 -18.79
C LEU C 46 -42.15 58.64 -17.59
N LYS C 47 -40.86 58.45 -17.83
CA LYS C 47 -39.91 58.33 -16.72
C LYS C 47 -39.86 59.61 -15.91
N ASN C 48 -39.91 60.77 -16.59
CA ASN C 48 -39.93 62.05 -15.89
C ASN C 48 -41.18 62.18 -15.04
N GLN C 49 -42.34 61.78 -15.57
CA GLN C 49 -43.56 61.82 -14.78
C GLN C 49 -43.46 60.92 -13.56
N ILE C 50 -42.89 59.72 -13.75
CA ILE C 50 -42.77 58.77 -12.64
C ILE C 50 -41.85 59.32 -11.56
N ARG C 51 -40.72 59.91 -11.96
CA ARG C 51 -39.79 60.42 -10.96
C ARG C 51 -40.37 61.63 -10.24
N ASP C 52 -41.07 62.50 -10.96
CA ASP C 52 -41.74 63.63 -10.32
C ASP C 52 -42.78 63.15 -9.33
N ALA C 53 -43.50 62.07 -9.67
CA ALA C 53 -44.45 61.50 -8.73
C ALA C 53 -43.75 60.91 -7.50
N ARG C 54 -42.60 60.26 -7.70
CA ARG C 54 -41.93 59.62 -6.57
C ARG C 54 -41.31 60.64 -5.63
N LYS C 55 -40.83 61.76 -6.16
CA LYS C 55 -40.14 62.75 -5.32
C LYS C 55 -41.04 63.29 -4.21
N ALA C 56 -42.36 63.35 -4.47
CA ALA C 56 -43.28 63.98 -3.52
C ALA C 56 -43.59 63.10 -2.32
N CYS C 57 -43.63 61.78 -2.49
CA CYS C 57 -44.19 60.91 -1.45
C CYS C 57 -43.33 60.90 -0.18
N ALA C 58 -42.03 61.19 -0.29
CA ALA C 58 -41.17 61.18 0.88
C ALA C 58 -41.49 62.38 1.76
N ASP C 59 -41.93 62.11 2.99
CA ASP C 59 -42.36 63.16 3.91
C ASP C 59 -41.37 63.40 5.04
N ALA C 60 -41.01 62.36 5.80
CA ALA C 60 -40.18 62.51 6.99
C ALA C 60 -38.91 61.68 6.87
N THR C 61 -37.80 62.27 7.31
CA THR C 61 -36.51 61.59 7.33
C THR C 61 -36.33 60.85 8.64
N LEU C 62 -35.82 59.62 8.57
CA LEU C 62 -35.68 58.80 9.76
C LEU C 62 -34.60 59.30 10.70
N SER C 63 -33.62 60.05 10.19
CA SER C 63 -32.53 60.54 11.03
C SER C 63 -33.05 61.48 12.10
N GLN C 64 -33.83 62.49 11.70
CA GLN C 64 -34.36 63.45 12.67
C GLN C 64 -35.46 62.82 13.53
N ILE C 65 -36.10 61.76 13.05
CA ILE C 65 -37.08 61.05 13.87
C ILE C 65 -36.38 60.30 14.99
N THR C 66 -35.29 59.59 14.68
CA THR C 66 -34.63 58.71 15.62
C THR C 66 -33.44 59.36 16.33
N ASN C 67 -33.19 60.64 16.09
CA ASN C 67 -32.12 61.33 16.81
C ASN C 67 -32.34 61.32 18.33
N ASN C 68 -33.58 61.16 18.79
CA ASN C 68 -33.85 61.21 20.22
C ASN C 68 -33.42 59.94 20.94
N ILE C 69 -33.54 58.78 20.30
CA ILE C 69 -33.28 57.52 20.98
C ILE C 69 -31.79 57.33 21.23
N ASP C 70 -31.46 56.54 22.25
CA ASP C 70 -30.09 56.28 22.64
C ASP C 70 -29.46 55.20 21.75
N PRO C 71 -28.14 55.25 21.56
CA PRO C 71 -27.47 54.22 20.77
C PRO C 71 -27.38 52.90 21.53
N VAL C 72 -26.91 51.88 20.82
CA VAL C 72 -26.67 50.58 21.44
C VAL C 72 -25.32 50.59 22.16
N GLY C 73 -25.19 49.70 23.14
CA GLY C 73 -23.96 49.60 23.89
C GLY C 73 -22.88 48.83 23.15
N ARG C 74 -21.65 49.01 23.61
CA ARG C 74 -20.51 48.31 23.03
C ARG C 74 -20.57 46.83 23.38
N ILE C 75 -20.01 46.01 22.48
CA ILE C 75 -20.05 44.56 22.62
C ILE C 75 -18.71 43.99 22.17
N GLN C 76 -18.32 42.87 22.79
CA GLN C 76 -17.15 42.12 22.39
C GLN C 76 -17.43 40.64 22.63
N MET C 77 -17.36 39.84 21.57
CA MET C 77 -17.65 38.42 21.64
C MET C 77 -16.38 37.60 21.52
N ARG C 78 -16.49 36.32 21.85
CA ARG C 78 -15.35 35.41 21.89
C ARG C 78 -15.60 34.23 20.97
N THR C 79 -14.58 33.87 20.19
CA THR C 79 -14.66 32.66 19.39
C THR C 79 -14.69 31.43 20.28
N ARG C 80 -15.56 30.47 19.94
CA ARG C 80 -15.76 29.30 20.77
C ARG C 80 -15.46 27.98 20.07
N ARG C 81 -15.60 27.92 18.75
CA ARG C 81 -15.34 26.68 18.01
C ARG C 81 -14.54 26.99 16.77
N THR C 82 -13.90 25.94 16.23
CA THR C 82 -13.11 26.08 15.01
C THR C 82 -13.19 24.75 14.26
N LEU C 83 -14.03 24.71 13.24
CA LEU C 83 -14.27 23.50 12.46
C LEU C 83 -13.22 23.38 11.36
N ARG C 84 -12.55 22.23 11.31
CA ARG C 84 -11.58 21.95 10.26
C ARG C 84 -11.92 20.63 9.58
N GLY C 85 -11.40 20.46 8.37
CA GLY C 85 -11.67 19.27 7.59
C GLY C 85 -11.75 19.54 6.10
N HIS C 86 -12.01 20.78 5.71
CA HIS C 86 -11.85 21.18 4.32
C HIS C 86 -10.38 21.48 4.06
N LEU C 87 -9.92 21.15 2.87
CA LEU C 87 -8.55 21.39 2.48
C LEU C 87 -8.48 22.26 1.22
N ALA C 88 -9.38 23.24 1.14
CA ALA C 88 -9.45 24.15 0.00
C ALA C 88 -10.15 25.42 0.47
N LYS C 89 -10.56 26.25 -0.50
CA LYS C 89 -11.18 27.53 -0.20
C LYS C 89 -12.69 27.36 -0.10
N ILE C 90 -13.25 27.71 1.05
CA ILE C 90 -14.70 27.59 1.29
C ILE C 90 -15.41 28.76 0.62
N TYR C 91 -16.46 28.45 -0.15
CA TYR C 91 -17.20 29.48 -0.87
C TYR C 91 -18.62 29.71 -0.38
N ALA C 92 -19.21 28.78 0.36
CA ALA C 92 -20.62 28.92 0.71
C ALA C 92 -20.93 28.14 1.98
N MET C 93 -22.09 28.42 2.54
CA MET C 93 -22.63 27.71 3.70
C MET C 93 -24.10 28.06 3.83
N HIS C 94 -24.81 27.28 4.64
CA HIS C 94 -26.24 27.53 4.87
C HIS C 94 -26.69 26.75 6.09
N TRP C 95 -27.38 27.44 7.00
CA TRP C 95 -27.92 26.83 8.21
C TRP C 95 -29.14 25.96 7.88
N GLY C 96 -29.64 25.28 8.90
CA GLY C 96 -30.87 24.53 8.79
C GLY C 96 -31.83 24.94 9.89
N THR C 97 -33.12 24.70 9.63
CA THR C 97 -34.14 25.06 10.61
C THR C 97 -34.02 24.26 11.89
N ASP C 98 -33.34 23.11 11.86
CA ASP C 98 -33.13 22.32 13.07
C ASP C 98 -32.17 22.99 14.04
N SER C 99 -31.44 24.02 13.59
CA SER C 99 -30.64 24.93 14.40
C SER C 99 -29.40 24.29 14.99
N ARG C 100 -29.01 23.10 14.52
CA ARG C 100 -27.72 22.54 14.89
C ARG C 100 -27.02 21.85 13.73
N LEU C 101 -27.40 22.12 12.49
CA LEU C 101 -26.72 21.53 11.34
C LEU C 101 -26.52 22.59 10.28
N LEU C 102 -25.31 22.65 9.73
CA LEU C 102 -24.98 23.56 8.64
C LEU C 102 -24.14 22.82 7.61
N VAL C 103 -24.28 23.21 6.34
CA VAL C 103 -23.61 22.55 5.23
C VAL C 103 -22.53 23.48 4.68
N SER C 104 -21.50 22.89 4.07
CA SER C 104 -20.42 23.66 3.50
C SER C 104 -20.04 23.08 2.13
N ALA C 105 -19.45 23.91 1.29
CA ALA C 105 -19.04 23.51 -0.05
C ALA C 105 -17.66 24.08 -0.35
N SER C 106 -16.71 23.22 -0.71
CA SER C 106 -15.34 23.63 -0.98
C SER C 106 -15.15 23.85 -2.48
N GLN C 107 -13.89 24.04 -2.88
CA GLN C 107 -13.55 24.30 -4.27
C GLN C 107 -13.31 23.05 -5.09
N ASP C 108 -12.79 21.98 -4.48
CA ASP C 108 -12.42 20.78 -5.22
C ASP C 108 -13.52 19.74 -5.28
N GLY C 109 -14.73 20.07 -4.82
CA GLY C 109 -15.84 19.15 -4.94
C GLY C 109 -16.09 18.27 -3.74
N LYS C 110 -16.24 18.86 -2.56
CA LYS C 110 -16.70 18.17 -1.38
C LYS C 110 -17.91 18.88 -0.81
N LEU C 111 -18.71 18.14 -0.06
CA LEU C 111 -19.91 18.67 0.58
C LEU C 111 -20.02 17.98 1.93
N ILE C 112 -19.86 18.74 3.01
CA ILE C 112 -19.80 18.18 4.36
C ILE C 112 -20.92 18.79 5.19
N ILE C 113 -21.56 17.95 5.99
CA ILE C 113 -22.62 18.39 6.90
C ILE C 113 -22.10 18.27 8.32
N TRP C 114 -22.07 19.39 9.04
CA TRP C 114 -21.45 19.47 10.35
C TRP C 114 -22.49 19.45 11.47
N ASP C 115 -22.03 19.06 12.65
CA ASP C 115 -22.79 19.19 13.89
C ASP C 115 -22.06 20.22 14.75
N SER C 116 -22.79 21.27 15.16
CA SER C 116 -22.17 22.43 15.77
C SER C 116 -22.02 22.33 17.28
N TYR C 117 -22.43 21.22 17.89
CA TYR C 117 -22.28 21.03 19.33
C TYR C 117 -21.06 20.20 19.71
N THR C 118 -20.80 19.11 18.97
CA THR C 118 -19.69 18.22 19.25
C THR C 118 -18.60 18.26 18.20
N THR C 119 -18.72 19.13 17.19
CA THR C 119 -17.72 19.26 16.12
C THR C 119 -17.46 17.92 15.43
N ASN C 120 -18.51 17.18 15.17
CA ASN C 120 -18.43 15.91 14.47
C ASN C 120 -19.18 16.03 13.15
N LYS C 121 -18.60 15.47 12.09
CA LYS C 121 -19.23 15.52 10.78
C LYS C 121 -20.12 14.30 10.58
N VAL C 122 -21.32 14.53 10.07
CA VAL C 122 -22.29 13.47 9.88
C VAL C 122 -22.15 12.80 8.52
N HIS C 123 -21.87 13.57 7.46
CA HIS C 123 -21.72 13.01 6.12
C HIS C 123 -20.58 13.70 5.41
N ALA C 124 -20.15 13.10 4.30
CA ALA C 124 -19.09 13.65 3.46
C ALA C 124 -19.32 13.11 2.05
N ILE C 125 -19.89 13.93 1.19
CA ILE C 125 -20.29 13.52 -0.16
C ILE C 125 -19.24 14.01 -1.15
N PRO C 126 -18.69 13.14 -2.00
CA PRO C 126 -17.86 13.62 -3.11
C PRO C 126 -18.71 14.06 -4.28
N LEU C 127 -18.08 14.82 -5.18
CA LEU C 127 -18.74 15.37 -6.35
C LEU C 127 -17.87 15.17 -7.57
N ARG C 128 -18.50 15.17 -8.74
CA ARG C 128 -17.78 14.99 -10.01
C ARG C 128 -17.56 16.32 -10.73
N SER C 129 -17.37 17.41 -9.99
CA SER C 129 -17.14 18.71 -10.58
C SER C 129 -16.20 19.50 -9.68
N SER C 130 -15.35 20.31 -10.30
CA SER C 130 -14.30 21.04 -9.59
C SER C 130 -14.63 22.50 -9.34
N TRP C 131 -15.88 22.91 -9.50
CA TRP C 131 -16.28 24.28 -9.21
C TRP C 131 -17.73 24.24 -8.72
N VAL C 132 -17.92 24.29 -7.41
CA VAL C 132 -19.24 24.43 -6.80
C VAL C 132 -19.25 25.69 -5.95
N MET C 133 -20.21 26.58 -6.23
CA MET C 133 -20.30 27.86 -5.55
C MET C 133 -21.63 28.07 -4.85
N THR C 134 -22.56 27.11 -4.91
CA THR C 134 -23.89 27.28 -4.35
C THR C 134 -24.25 26.08 -3.48
N CYS C 135 -24.90 26.36 -2.36
CA CYS C 135 -25.30 25.34 -1.40
C CYS C 135 -26.65 25.69 -0.82
N ALA C 136 -27.53 24.70 -0.71
CA ALA C 136 -28.87 24.91 -0.19
C ALA C 136 -29.26 23.76 0.73
N TYR C 137 -30.19 24.04 1.64
CA TYR C 137 -30.75 23.03 2.53
C TYR C 137 -32.26 23.05 2.44
N ALA C 138 -32.87 21.91 2.75
CA ALA C 138 -34.32 21.76 2.77
C ALA C 138 -34.88 22.13 4.13
N PRO C 139 -35.97 22.90 4.17
CA PRO C 139 -36.62 23.19 5.45
C PRO C 139 -37.11 21.94 6.17
N SER C 140 -37.54 20.91 5.43
CA SER C 140 -37.91 19.65 6.06
C SER C 140 -36.68 18.93 6.60
N GLY C 141 -35.63 18.82 5.80
CA GLY C 141 -34.38 18.25 6.25
C GLY C 141 -33.93 17.00 5.51
N ASN C 142 -34.44 16.78 4.30
CA ASN C 142 -34.16 15.56 3.56
C ASN C 142 -33.51 15.81 2.21
N TYR C 143 -33.08 17.03 1.91
CA TYR C 143 -32.52 17.33 0.62
C TYR C 143 -31.42 18.38 0.74
N VAL C 144 -30.47 18.34 -0.19
CA VAL C 144 -29.48 19.38 -0.39
C VAL C 144 -29.35 19.60 -1.90
N ALA C 145 -28.52 20.56 -2.29
CA ALA C 145 -28.34 20.86 -3.70
C ALA C 145 -26.96 21.47 -3.91
N CYS C 146 -26.52 21.47 -5.17
CA CYS C 146 -25.22 22.01 -5.53
C CYS C 146 -25.32 22.66 -6.90
N GLY C 147 -24.21 23.22 -7.36
CA GLY C 147 -24.16 23.87 -8.66
C GLY C 147 -22.95 24.76 -8.83
N GLY C 148 -22.48 24.89 -10.07
CA GLY C 148 -21.32 25.70 -10.36
C GLY C 148 -21.16 25.96 -11.85
N LEU C 149 -19.92 25.89 -12.35
CA LEU C 149 -19.67 26.05 -13.78
C LEU C 149 -19.99 24.79 -14.58
N ASP C 150 -20.56 23.77 -13.94
CA ASP C 150 -20.98 22.56 -14.62
C ASP C 150 -22.35 22.69 -15.28
N ASN C 151 -23.05 23.80 -15.05
CA ASN C 151 -24.33 24.12 -15.70
C ASN C 151 -25.42 23.09 -15.38
N ILE C 152 -25.29 22.39 -14.27
CA ILE C 152 -26.26 21.38 -13.85
C ILE C 152 -26.49 21.51 -12.36
N CYS C 153 -27.76 21.46 -11.95
CA CYS C 153 -28.14 21.44 -10.54
C CYS C 153 -28.55 20.03 -10.16
N SER C 154 -27.96 19.50 -9.09
CA SER C 154 -28.18 18.13 -8.67
C SER C 154 -28.78 18.10 -7.26
N ILE C 155 -29.68 17.15 -7.04
CA ILE C 155 -30.38 16.99 -5.78
C ILE C 155 -29.96 15.67 -5.15
N TYR C 156 -29.72 15.68 -3.84
CA TYR C 156 -29.22 14.53 -3.11
C TYR C 156 -30.23 14.13 -2.05
N ASN C 157 -30.53 12.83 -1.98
CA ASN C 157 -31.51 12.30 -1.04
C ASN C 157 -30.76 11.76 0.17
N LEU C 158 -30.69 12.57 1.23
CA LEU C 158 -29.96 12.17 2.43
C LEU C 158 -30.62 10.98 3.12
N LYS C 159 -31.94 10.97 3.19
CA LYS C 159 -32.68 9.97 3.97
C LYS C 159 -33.22 8.91 3.01
N THR C 160 -32.71 7.69 3.14
CA THR C 160 -33.16 6.58 2.32
C THR C 160 -33.05 5.29 3.13
N ARG C 161 -33.59 4.21 2.55
CA ARG C 161 -33.72 2.95 3.28
C ARG C 161 -32.35 2.41 3.69
N GLU C 162 -31.39 2.41 2.76
CA GLU C 162 -30.05 1.93 3.05
C GLU C 162 -29.14 3.08 3.48
N GLY C 163 -28.10 2.75 4.23
CA GLY C 163 -27.19 3.75 4.71
C GLY C 163 -26.20 4.23 3.67
N ASN C 164 -26.69 4.89 2.62
CA ASN C 164 -25.83 5.42 1.58
C ASN C 164 -26.59 6.51 0.82
N VAL C 165 -25.88 7.59 0.50
CA VAL C 165 -26.45 8.72 -0.22
C VAL C 165 -26.38 8.44 -1.71
N ARG C 166 -27.42 8.83 -2.44
CA ARG C 166 -27.45 8.64 -3.88
C ARG C 166 -28.21 9.78 -4.53
N VAL C 167 -27.81 10.14 -5.74
CA VAL C 167 -28.35 11.30 -6.43
C VAL C 167 -29.75 10.98 -6.96
N SER C 168 -30.69 11.87 -6.68
CA SER C 168 -32.07 11.67 -7.11
C SER C 168 -32.30 12.14 -8.55
N ARG C 169 -32.10 13.44 -8.79
CA ARG C 169 -32.40 14.04 -10.08
C ARG C 169 -31.32 15.02 -10.46
N GLU C 170 -31.30 15.39 -11.75
CA GLU C 170 -30.46 16.46 -12.25
C GLU C 170 -31.33 17.41 -13.07
N LEU C 171 -31.03 18.70 -13.00
CA LEU C 171 -31.86 19.73 -13.60
C LEU C 171 -31.03 20.56 -14.59
N ALA C 172 -30.99 20.11 -15.84
CA ALA C 172 -30.32 20.84 -16.89
C ALA C 172 -31.33 21.65 -17.70
N GLY C 173 -30.81 22.51 -18.57
CA GLY C 173 -31.66 23.29 -19.44
C GLY C 173 -31.23 24.72 -19.72
N HIS C 174 -30.46 25.33 -18.82
CA HIS C 174 -29.95 26.67 -19.02
C HIS C 174 -28.44 26.63 -19.26
N THR C 175 -27.97 27.48 -20.17
CA THR C 175 -26.61 27.41 -20.68
C THR C 175 -25.62 28.30 -19.94
N GLY C 176 -26.06 29.00 -18.89
CA GLY C 176 -25.16 29.78 -18.07
C GLY C 176 -24.62 28.97 -16.90
N TYR C 177 -23.82 29.63 -16.08
CA TYR C 177 -23.32 29.00 -14.86
C TYR C 177 -24.27 29.30 -13.71
N LEU C 178 -24.56 28.27 -12.92
CA LEU C 178 -25.46 28.41 -11.78
C LEU C 178 -24.85 29.33 -10.73
N SER C 179 -25.70 30.15 -10.11
CA SER C 179 -25.22 31.13 -9.15
C SER C 179 -25.89 31.03 -7.79
N CYS C 180 -27.18 30.67 -7.75
CA CYS C 180 -27.88 30.59 -6.47
C CYS C 180 -29.06 29.63 -6.60
N CYS C 181 -29.37 28.97 -5.48
CA CYS C 181 -30.47 28.02 -5.41
C CYS C 181 -31.14 28.13 -4.05
N ARG C 182 -32.48 28.10 -4.04
CA ARG C 182 -33.26 28.15 -2.81
C ARG C 182 -34.51 27.29 -2.95
N PHE C 183 -34.82 26.54 -1.90
CA PHE C 183 -36.05 25.75 -1.85
C PHE C 183 -37.23 26.63 -1.43
N LEU C 184 -38.20 26.80 -2.34
CA LEU C 184 -39.50 27.29 -1.92
C LEU C 184 -40.21 26.26 -1.03
N ASP C 185 -40.10 24.99 -1.40
CA ASP C 185 -40.62 23.87 -0.61
C ASP C 185 -39.92 22.62 -1.11
N ASP C 186 -40.26 21.48 -0.51
CA ASP C 186 -39.59 20.22 -0.85
C ASP C 186 -39.76 19.85 -2.32
N ASN C 187 -40.80 20.35 -2.99
CA ASN C 187 -41.04 20.03 -4.39
C ASN C 187 -40.88 21.24 -5.30
N GLN C 188 -40.32 22.35 -4.81
CA GLN C 188 -40.17 23.56 -5.60
C GLN C 188 -38.74 24.08 -5.46
N ILE C 189 -38.10 24.35 -6.60
CA ILE C 189 -36.76 24.91 -6.66
C ILE C 189 -36.79 26.14 -7.57
N VAL C 190 -36.07 27.18 -7.15
CA VAL C 190 -35.87 28.39 -7.95
C VAL C 190 -34.37 28.59 -8.13
N THR C 191 -33.96 28.87 -9.36
CA THR C 191 -32.55 28.98 -9.71
C THR C 191 -32.25 30.36 -10.28
N SER C 192 -30.98 30.73 -10.25
CA SER C 192 -30.51 32.00 -10.80
C SER C 192 -29.31 31.72 -11.71
N SER C 193 -29.53 31.82 -13.02
CA SER C 193 -28.47 31.60 -13.98
C SER C 193 -27.70 32.89 -14.24
N GLY C 194 -26.71 32.81 -15.12
CA GLY C 194 -25.92 33.98 -15.47
C GLY C 194 -26.35 34.61 -16.78
N ASP C 195 -27.12 33.90 -17.58
CA ASP C 195 -27.57 34.40 -18.88
C ASP C 195 -28.93 35.08 -18.80
N THR C 196 -29.07 36.01 -17.85
CA THR C 196 -30.30 36.79 -17.65
C THR C 196 -31.53 35.90 -17.57
N THR C 197 -31.52 35.00 -16.60
CA THR C 197 -32.59 34.02 -16.48
C THR C 197 -32.82 33.65 -15.02
N CYS C 198 -34.08 33.62 -14.61
CA CYS C 198 -34.52 33.02 -13.36
C CYS C 198 -35.74 32.16 -13.67
N ALA C 199 -35.82 30.99 -13.06
CA ALA C 199 -36.88 30.06 -13.42
C ALA C 199 -37.16 29.11 -12.27
N LEU C 200 -38.30 28.44 -12.37
CA LEU C 200 -38.71 27.40 -11.44
C LEU C 200 -38.70 26.05 -12.15
N TRP C 201 -38.77 24.99 -11.35
CA TRP C 201 -38.75 23.63 -11.88
C TRP C 201 -39.71 22.78 -11.09
N ASP C 202 -40.07 21.63 -11.66
CA ASP C 202 -40.84 20.60 -10.97
C ASP C 202 -39.93 19.39 -10.81
N ILE C 203 -39.75 18.95 -9.56
CA ILE C 203 -38.73 17.94 -9.27
C ILE C 203 -39.11 16.61 -9.91
N GLU C 204 -40.35 16.17 -9.72
CA GLU C 204 -40.77 14.87 -10.24
C GLU C 204 -40.78 14.87 -11.76
N THR C 205 -41.31 15.92 -12.37
CA THR C 205 -41.37 15.98 -13.83
C THR C 205 -39.97 16.12 -14.43
N GLY C 206 -39.19 17.07 -13.93
CA GLY C 206 -37.85 17.31 -14.41
C GLY C 206 -37.69 18.48 -15.35
N GLN C 207 -38.79 19.09 -15.77
CA GLN C 207 -38.75 20.24 -16.68
C GLN C 207 -39.31 21.48 -16.00
N GLN C 208 -39.11 22.62 -16.65
CA GLN C 208 -39.48 23.90 -16.07
C GLN C 208 -40.99 24.08 -16.01
N THR C 209 -41.45 24.82 -15.01
CA THR C 209 -42.84 25.20 -14.87
C THR C 209 -43.09 26.65 -15.29
N THR C 210 -42.35 27.59 -14.73
CA THR C 210 -42.49 29.01 -15.03
C THR C 210 -41.12 29.61 -15.30
N THR C 211 -41.05 30.52 -16.25
CA THR C 211 -39.79 31.16 -16.64
C THR C 211 -39.92 32.67 -16.50
N PHE C 212 -38.86 33.32 -16.01
CA PHE C 212 -38.83 34.75 -15.82
C PHE C 212 -37.77 35.37 -16.74
N THR C 213 -37.93 36.67 -16.99
CA THR C 213 -36.99 37.42 -17.81
C THR C 213 -37.18 38.90 -17.55
N GLY C 214 -36.18 39.69 -17.96
CA GLY C 214 -36.28 41.13 -17.83
C GLY C 214 -35.00 41.81 -17.40
N HIS C 215 -33.99 41.02 -17.04
CA HIS C 215 -32.71 41.59 -16.63
C HIS C 215 -31.86 41.93 -17.84
N THR C 216 -30.83 42.75 -17.60
CA THR C 216 -29.92 43.18 -18.66
C THR C 216 -28.46 42.94 -18.33
N GLY C 217 -28.14 42.34 -17.19
CA GLY C 217 -26.76 42.08 -16.84
C GLY C 217 -26.52 40.65 -16.40
N ASP C 218 -25.96 40.47 -15.21
CA ASP C 218 -25.75 39.16 -14.62
C ASP C 218 -26.40 39.12 -13.25
N VAL C 219 -27.10 38.03 -12.96
CA VAL C 219 -27.72 37.85 -11.65
C VAL C 219 -26.78 37.05 -10.77
N MET C 220 -26.58 37.53 -9.54
CA MET C 220 -25.63 36.89 -8.63
C MET C 220 -26.18 36.64 -7.23
N SER C 221 -27.42 37.02 -6.94
CA SER C 221 -28.00 36.77 -5.62
C SER C 221 -29.50 36.97 -5.67
N LEU C 222 -30.19 36.34 -4.73
CA LEU C 222 -31.61 36.55 -4.50
C LEU C 222 -31.98 35.96 -3.15
N SER C 223 -33.11 36.40 -2.62
CA SER C 223 -33.59 35.91 -1.33
C SER C 223 -35.11 35.89 -1.33
N LEU C 224 -35.67 35.11 -0.41
CA LEU C 224 -37.10 34.88 -0.33
C LEU C 224 -37.72 35.66 0.83
N ALA C 225 -38.93 36.14 0.61
CA ALA C 225 -39.68 36.79 1.67
C ALA C 225 -40.13 35.76 2.71
N PRO C 226 -40.40 36.20 3.94
CA PRO C 226 -40.84 35.25 4.97
C PRO C 226 -42.09 34.47 4.60
N ASP C 227 -43.01 35.08 3.86
CA ASP C 227 -44.28 34.45 3.52
C ASP C 227 -44.19 33.55 2.30
N THR C 228 -43.00 33.40 1.70
CA THR C 228 -42.78 32.50 0.58
C THR C 228 -43.69 32.81 -0.60
N ARG C 229 -43.84 34.10 -0.90
CA ARG C 229 -44.57 34.54 -2.09
C ARG C 229 -43.84 35.60 -2.91
N LEU C 230 -42.80 36.24 -2.37
CA LEU C 230 -42.08 37.30 -3.07
C LEU C 230 -40.58 37.07 -2.93
N PHE C 231 -39.84 37.38 -3.99
CA PHE C 231 -38.39 37.32 -3.95
C PHE C 231 -37.83 38.44 -4.82
N VAL C 232 -36.73 39.03 -4.38
CA VAL C 232 -36.06 40.11 -5.10
C VAL C 232 -34.70 39.61 -5.57
N SER C 233 -34.38 39.87 -6.84
CA SER C 233 -33.12 39.45 -7.43
C SER C 233 -32.17 40.62 -7.55
N GLY C 234 -30.89 40.30 -7.78
CA GLY C 234 -29.87 41.29 -8.03
C GLY C 234 -29.54 41.37 -9.50
N ALA C 235 -28.57 42.23 -9.81
CA ALA C 235 -28.15 42.41 -11.20
C ALA C 235 -26.76 43.02 -11.23
N CYS C 236 -26.09 42.84 -12.37
CA CYS C 236 -24.76 43.41 -12.54
C CYS C 236 -24.82 44.91 -12.80
N ASP C 237 -25.94 45.40 -13.35
CA ASP C 237 -26.09 46.82 -13.64
C ASP C 237 -26.64 47.63 -12.48
N ALA C 238 -26.50 47.12 -11.24
CA ALA C 238 -26.95 47.82 -10.05
C ALA C 238 -28.44 48.12 -10.09
N SER C 239 -29.24 47.09 -10.33
CA SER C 239 -30.68 47.22 -10.37
C SER C 239 -31.33 46.11 -9.56
N ALA C 240 -32.33 46.47 -8.77
CA ALA C 240 -33.06 45.54 -7.93
C ALA C 240 -34.50 45.45 -8.41
N LYS C 241 -35.01 44.23 -8.56
CA LYS C 241 -36.36 44.01 -9.05
C LYS C 241 -37.09 43.06 -8.11
N LEU C 242 -38.41 43.24 -8.02
CA LEU C 242 -39.26 42.43 -7.16
C LEU C 242 -40.25 41.66 -8.01
N TRP C 243 -40.34 40.35 -7.79
CA TRP C 243 -41.18 39.46 -8.58
C TRP C 243 -42.30 38.87 -7.74
N ASP C 244 -43.20 38.15 -8.41
CA ASP C 244 -44.21 37.33 -7.76
C ASP C 244 -44.08 35.92 -8.29
N VAL C 245 -44.12 34.94 -7.38
CA VAL C 245 -43.84 33.56 -7.78
C VAL C 245 -44.97 33.01 -8.67
N ARG C 246 -46.22 33.35 -8.36
CA ARG C 246 -47.35 32.71 -9.01
C ARG C 246 -47.38 32.99 -10.52
N GLU C 247 -47.34 34.25 -10.90
CA GLU C 247 -47.42 34.66 -12.30
C GLU C 247 -46.16 35.34 -12.83
N GLY C 248 -45.48 36.15 -12.01
CA GLY C 248 -44.23 36.71 -12.47
C GLY C 248 -44.24 38.08 -13.15
N MET C 249 -44.78 39.12 -12.51
CA MET C 249 -44.66 40.47 -13.07
C MET C 249 -43.71 41.26 -12.19
N CYS C 250 -42.75 41.94 -12.82
CA CYS C 250 -41.81 42.78 -12.08
C CYS C 250 -42.56 44.04 -11.71
N ARG C 251 -42.98 44.14 -10.45
CA ARG C 251 -43.86 45.21 -10.01
C ARG C 251 -43.14 46.53 -9.83
N GLN C 252 -41.96 46.52 -9.21
CA GLN C 252 -41.20 47.74 -8.95
C GLN C 252 -39.75 47.54 -9.37
N THR C 253 -38.96 48.60 -9.25
CA THR C 253 -37.56 48.60 -9.65
C THR C 253 -36.84 49.70 -8.89
N PHE C 254 -35.66 49.38 -8.38
CA PHE C 254 -34.86 50.31 -7.59
C PHE C 254 -33.51 50.54 -8.27
N THR C 255 -32.82 51.58 -7.81
CA THR C 255 -31.56 52.00 -8.41
C THR C 255 -30.78 52.77 -7.35
N GLY C 256 -29.49 53.01 -7.61
CA GLY C 256 -28.69 53.84 -6.73
C GLY C 256 -27.23 53.45 -6.57
N HIS C 257 -26.89 52.20 -6.80
CA HIS C 257 -25.50 51.77 -6.71
C HIS C 257 -24.77 52.00 -8.03
N GLU C 258 -23.44 52.02 -7.94
CA GLU C 258 -22.58 52.23 -9.10
C GLU C 258 -21.74 51.01 -9.43
N SER C 259 -21.99 49.88 -8.78
CA SER C 259 -21.25 48.65 -9.04
C SER C 259 -22.20 47.46 -8.91
N ASP C 260 -21.65 46.26 -9.01
CA ASP C 260 -22.45 45.06 -8.92
C ASP C 260 -22.94 44.85 -7.49
N ILE C 261 -24.21 44.42 -7.37
CA ILE C 261 -24.80 44.11 -6.08
C ILE C 261 -24.53 42.64 -5.78
N ASN C 262 -23.91 42.36 -4.64
CA ASN C 262 -23.46 41.01 -4.31
C ASN C 262 -24.22 40.37 -3.16
N ALA C 263 -25.03 41.12 -2.43
CA ALA C 263 -25.75 40.55 -1.29
C ALA C 263 -27.09 41.25 -1.14
N ILE C 264 -28.16 40.47 -1.01
CA ILE C 264 -29.49 41.00 -0.77
C ILE C 264 -30.11 40.24 0.40
N CYS C 265 -30.67 40.98 1.36
CA CYS C 265 -31.28 40.36 2.52
C CYS C 265 -32.65 40.96 2.79
N PHE C 266 -33.28 40.58 3.91
CA PHE C 266 -34.57 41.10 4.35
C PHE C 266 -34.56 41.32 5.86
N PHE C 267 -35.54 42.08 6.33
CA PHE C 267 -35.70 42.31 7.77
C PHE C 267 -37.00 41.65 8.25
N PRO C 268 -37.05 41.18 9.51
CA PRO C 268 -38.26 40.48 9.94
C PRO C 268 -39.55 41.11 9.40
N ASN C 269 -39.57 42.43 9.26
CA ASN C 269 -40.76 43.11 8.76
C ASN C 269 -41.10 42.68 7.34
N GLY C 270 -40.08 42.54 6.50
CA GLY C 270 -40.30 42.09 5.13
C GLY C 270 -40.76 43.22 4.22
N ASN C 271 -40.80 44.44 4.74
CA ASN C 271 -41.19 45.58 3.94
C ASN C 271 -39.95 46.37 3.53
N ALA C 272 -38.78 45.82 3.85
CA ALA C 272 -37.54 46.53 3.54
C ALA C 272 -36.44 45.49 3.30
N PHE C 273 -35.60 45.77 2.31
CA PHE C 273 -34.44 44.93 2.01
C PHE C 273 -33.20 45.79 1.92
N ALA C 274 -32.10 45.30 2.50
CA ALA C 274 -30.83 46.01 2.52
C ALA C 274 -29.83 45.28 1.64
N THR C 275 -29.15 46.03 0.78
CA THR C 275 -28.22 45.46 -0.17
C THR C 275 -26.83 46.06 0.00
N GLY C 276 -25.83 45.37 -0.55
CA GLY C 276 -24.48 45.86 -0.57
C GLY C 276 -23.92 45.83 -1.98
N SER C 277 -22.72 46.40 -2.13
CA SER C 277 -22.08 46.48 -3.43
C SER C 277 -20.57 46.50 -3.22
N ASP C 278 -19.83 46.78 -4.30
CA ASP C 278 -18.38 46.82 -4.28
C ASP C 278 -17.85 48.25 -4.12
N ASP C 279 -18.59 49.10 -3.40
CA ASP C 279 -18.18 50.46 -3.13
C ASP C 279 -18.17 50.76 -1.63
N ALA C 280 -18.28 49.75 -0.79
CA ALA C 280 -18.35 49.91 0.66
C ALA C 280 -19.52 50.80 1.06
N THR C 281 -20.65 50.62 0.38
CA THR C 281 -21.88 51.36 0.66
C THR C 281 -22.99 50.39 0.99
N CYS C 282 -23.70 50.66 2.08
CA CYS C 282 -24.87 49.88 2.49
C CYS C 282 -26.10 50.77 2.37
N ARG C 283 -27.10 50.30 1.61
CA ARG C 283 -28.29 51.07 1.31
C ARG C 283 -29.50 50.27 1.74
N LEU C 284 -30.39 50.91 2.50
CA LEU C 284 -31.65 50.32 2.93
C LEU C 284 -32.80 50.95 2.15
N PHE C 285 -33.65 50.10 1.58
CA PHE C 285 -34.75 50.54 0.74
C PHE C 285 -36.07 50.22 1.39
N ASP C 286 -37.09 51.04 1.09
CA ASP C 286 -38.44 50.84 1.60
C ASP C 286 -39.37 50.54 0.44
N LEU C 287 -40.16 49.47 0.57
CA LEU C 287 -41.02 49.07 -0.53
C LEU C 287 -42.20 50.03 -0.70
N ARG C 288 -42.76 50.51 0.40
CA ARG C 288 -43.99 51.30 0.32
C ARG C 288 -43.75 52.63 -0.40
N ALA C 289 -42.73 53.38 0.02
CA ALA C 289 -42.47 54.69 -0.55
C ALA C 289 -41.49 54.66 -1.71
N ASP C 290 -40.83 53.53 -1.96
CA ASP C 290 -39.86 53.41 -3.05
C ASP C 290 -38.74 54.46 -2.92
N GLN C 291 -38.33 54.73 -1.69
CA GLN C 291 -37.34 55.75 -1.40
C GLN C 291 -36.18 55.16 -0.60
N GLU C 292 -34.99 55.69 -0.84
CA GLU C 292 -33.80 55.29 -0.09
C GLU C 292 -33.83 55.94 1.28
N LEU C 293 -33.81 55.11 2.33
CA LEU C 293 -34.02 55.62 3.69
C LEU C 293 -32.74 56.19 4.28
N MET C 294 -31.74 55.34 4.49
CA MET C 294 -30.44 55.77 4.99
C MET C 294 -29.33 55.18 4.12
N THR C 295 -28.09 55.43 4.54
CA THR C 295 -26.91 54.95 3.83
C THR C 295 -25.75 54.92 4.82
N TYR C 296 -24.97 53.85 4.78
CA TYR C 296 -23.84 53.67 5.67
C TYR C 296 -22.55 53.76 4.88
N SER C 297 -21.62 54.59 5.34
CA SER C 297 -20.33 54.73 4.70
C SER C 297 -19.31 55.20 5.73
N HIS C 298 -18.04 54.89 5.47
CA HIS C 298 -16.95 55.30 6.35
C HIS C 298 -15.78 55.74 5.47
N ASP C 299 -14.99 56.68 5.98
CA ASP C 299 -13.97 57.31 5.14
C ASP C 299 -12.80 56.37 4.84
N ASN C 300 -12.46 55.48 5.77
CA ASN C 300 -11.25 54.68 5.63
C ASN C 300 -11.46 53.38 4.86
N ILE C 301 -12.68 52.84 4.87
CA ILE C 301 -12.94 51.56 4.21
C ILE C 301 -12.89 51.74 2.69
N ILE C 302 -12.14 50.88 2.02
CA ILE C 302 -11.93 50.99 0.58
C ILE C 302 -12.17 49.64 -0.10
N CYS C 303 -12.71 48.69 0.65
CA CYS C 303 -12.91 47.32 0.17
C CYS C 303 -14.38 47.05 -0.08
N GLY C 304 -14.65 46.03 -0.91
CA GLY C 304 -16.01 45.69 -1.27
C GLY C 304 -16.71 44.85 -0.22
N ILE C 305 -18.00 44.63 -0.45
CA ILE C 305 -18.87 43.88 0.46
C ILE C 305 -19.21 42.55 -0.20
N THR C 306 -19.17 41.47 0.58
CA THR C 306 -19.45 40.14 0.07
C THR C 306 -20.69 39.48 0.67
N SER C 307 -21.18 39.93 1.82
CA SER C 307 -22.35 39.32 2.44
C SER C 307 -22.88 40.24 3.53
N VAL C 308 -24.20 40.25 3.69
CA VAL C 308 -24.87 40.98 4.75
C VAL C 308 -25.96 40.11 5.36
N SER C 309 -26.36 40.45 6.58
CA SER C 309 -27.38 39.68 7.29
C SER C 309 -27.88 40.49 8.47
N PHE C 310 -29.18 40.37 8.76
CA PHE C 310 -29.82 40.99 9.91
C PHE C 310 -29.94 39.99 11.05
N SER C 311 -30.05 40.52 12.26
CA SER C 311 -30.20 39.69 13.45
C SER C 311 -31.67 39.31 13.63
N LYS C 312 -31.99 38.73 14.79
CA LYS C 312 -33.37 38.31 15.07
C LYS C 312 -34.32 39.50 15.09
N SER C 313 -34.12 40.41 16.03
CA SER C 313 -34.97 41.60 16.11
C SER C 313 -34.73 42.52 14.92
N GLY C 314 -33.48 42.70 14.53
CA GLY C 314 -33.11 43.57 13.45
C GLY C 314 -32.49 44.88 13.88
N ARG C 315 -31.85 44.92 15.05
CA ARG C 315 -31.27 46.15 15.58
C ARG C 315 -29.83 46.35 15.11
N LEU C 316 -29.19 45.30 14.59
CA LEU C 316 -27.82 45.36 14.13
C LEU C 316 -27.74 44.84 12.70
N LEU C 317 -26.71 45.30 11.99
CA LEU C 317 -26.45 44.87 10.61
C LEU C 317 -25.00 44.43 10.51
N LEU C 318 -24.78 43.21 10.02
CA LEU C 318 -23.45 42.64 9.88
C LEU C 318 -23.07 42.56 8.41
N ALA C 319 -21.82 42.90 8.12
CA ALA C 319 -21.31 42.89 6.76
C ALA C 319 -19.91 42.28 6.76
N GLY C 320 -19.52 41.74 5.61
CA GLY C 320 -18.21 41.15 5.43
C GLY C 320 -17.37 41.97 4.46
N TYR C 321 -16.07 42.01 4.63
CA TYR C 321 -15.25 42.82 3.74
C TYR C 321 -14.06 42.08 3.23
N ASP C 322 -13.61 42.40 2.04
CA ASP C 322 -12.44 41.75 1.48
C ASP C 322 -11.11 42.15 2.12
N ASP C 323 -11.11 43.01 3.13
CA ASP C 323 -9.88 43.40 3.84
C ASP C 323 -9.52 42.29 4.77
N PHE C 324 -10.25 41.20 4.67
CA PHE C 324 -10.00 39.99 5.46
C PHE C 324 -10.50 40.15 6.90
N ASN C 325 -11.46 41.04 7.11
CA ASN C 325 -12.05 41.24 8.48
C ASN C 325 -13.53 41.55 8.52
N CYS C 326 -14.07 42.02 9.66
CA CYS C 326 -15.51 42.20 9.68
C CYS C 326 -15.89 43.11 10.84
N ASN C 327 -16.80 44.03 10.59
CA ASN C 327 -17.31 44.93 11.63
C ASN C 327 -18.82 45.04 11.51
N VAL C 328 -19.45 45.41 12.62
CA VAL C 328 -20.91 45.47 12.72
C VAL C 328 -21.34 46.92 12.91
N TRP C 329 -22.30 47.35 12.09
CA TRP C 329 -22.89 48.68 12.21
C TRP C 329 -24.17 48.61 13.04
N ASP C 330 -24.87 49.73 13.11
CA ASP C 330 -26.15 49.83 13.81
C ASP C 330 -27.25 50.12 12.80
N ALA C 331 -28.43 49.56 13.06
CA ALA C 331 -29.53 49.67 12.09
C ALA C 331 -30.00 51.10 11.91
N LEU C 332 -30.10 51.86 13.01
CA LEU C 332 -30.76 53.16 12.96
C LEU C 332 -29.77 54.33 12.91
N LYS C 333 -28.87 54.42 13.89
CA LYS C 333 -28.08 55.63 14.07
C LYS C 333 -26.69 55.55 13.45
N ALA C 334 -26.41 54.51 12.67
CA ALA C 334 -25.21 54.41 11.85
C ALA C 334 -23.93 54.59 12.67
N ASP C 335 -23.80 53.76 13.71
CA ASP C 335 -22.59 53.74 14.53
C ASP C 335 -22.15 52.30 14.73
N ARG C 336 -20.87 52.04 14.46
CA ARG C 336 -20.34 50.70 14.59
C ARG C 336 -20.12 50.34 16.06
N ALA C 337 -20.68 49.21 16.48
CA ALA C 337 -20.54 48.79 17.87
C ALA C 337 -19.14 48.24 18.14
N GLY C 338 -18.59 47.47 17.22
CA GLY C 338 -17.28 46.89 17.41
C GLY C 338 -16.77 46.25 16.14
N VAL C 339 -15.67 45.52 16.28
CA VAL C 339 -15.03 44.85 15.14
C VAL C 339 -14.78 43.39 15.51
N LEU C 340 -14.80 42.54 14.49
CA LEU C 340 -14.61 41.08 14.64
C LEU C 340 -13.48 40.68 13.70
N ALA C 341 -12.29 40.44 14.27
CA ALA C 341 -11.11 40.10 13.49
C ALA C 341 -10.54 38.80 14.02
N GLY C 342 -10.66 37.73 13.23
CA GLY C 342 -10.12 36.45 13.62
C GLY C 342 -9.54 35.63 12.48
N HIS C 343 -9.55 36.18 11.28
CA HIS C 343 -9.14 35.47 10.08
C HIS C 343 -7.93 36.16 9.44
N ASP C 344 -7.26 35.43 8.56
CA ASP C 344 -6.09 35.94 7.85
C ASP C 344 -6.25 35.89 6.33
N ASN C 345 -7.49 35.84 5.84
CA ASN C 345 -7.76 35.90 4.41
C ASN C 345 -9.20 36.35 4.22
N ARG C 346 -9.62 36.44 2.96
CA ARG C 346 -10.86 37.12 2.62
C ARG C 346 -12.07 36.38 3.20
N VAL C 347 -12.99 37.14 3.78
CA VAL C 347 -14.26 36.60 4.26
C VAL C 347 -15.23 36.50 3.09
N SER C 348 -15.86 35.34 2.93
CA SER C 348 -16.71 35.07 1.79
C SER C 348 -18.10 34.56 2.11
N CYS C 349 -18.44 34.40 3.39
CA CYS C 349 -19.78 33.93 3.74
C CYS C 349 -20.08 34.35 5.18
N LEU C 350 -21.36 34.37 5.52
CA LEU C 350 -21.81 34.76 6.84
C LEU C 350 -23.25 34.30 7.03
N GLY C 351 -23.59 33.86 8.23
CA GLY C 351 -24.92 33.37 8.50
C GLY C 351 -25.31 33.56 9.95
N VAL C 352 -26.61 33.67 10.19
CA VAL C 352 -27.17 33.86 11.52
C VAL C 352 -28.27 32.83 11.73
N THR C 353 -28.27 32.20 12.91
CA THR C 353 -29.26 31.19 13.23
C THR C 353 -30.66 31.81 13.23
N ASP C 354 -31.67 30.98 12.95
CA ASP C 354 -33.05 31.45 12.93
C ASP C 354 -33.44 32.06 14.28
N ASP C 355 -33.18 31.35 15.37
CA ASP C 355 -33.44 31.90 16.70
C ASP C 355 -32.55 33.09 16.99
N GLY C 356 -31.26 33.00 16.62
CA GLY C 356 -30.36 34.11 16.77
C GLY C 356 -29.35 33.97 17.89
N MET C 357 -28.84 32.75 18.10
CA MET C 357 -27.87 32.49 19.15
C MET C 357 -26.51 32.09 18.61
N ALA C 358 -26.26 32.28 17.32
CA ALA C 358 -25.00 31.86 16.73
C ALA C 358 -24.68 32.68 15.50
N VAL C 359 -23.39 32.87 15.25
CA VAL C 359 -22.87 33.52 14.05
C VAL C 359 -21.74 32.66 13.53
N ALA C 360 -21.73 32.39 12.22
CA ALA C 360 -20.72 31.54 11.62
C ALA C 360 -20.15 32.23 10.39
N THR C 361 -18.82 32.16 10.25
CA THR C 361 -18.09 32.84 9.20
C THR C 361 -17.08 31.88 8.58
N GLY C 362 -16.93 31.93 7.26
CA GLY C 362 -15.97 31.08 6.60
C GLY C 362 -15.09 31.81 5.60
N SER C 363 -13.78 31.82 5.84
CA SER C 363 -12.84 32.53 4.99
C SER C 363 -12.26 31.60 3.94
N TRP C 364 -11.20 32.06 3.26
CA TRP C 364 -10.56 31.33 2.18
C TRP C 364 -9.40 30.48 2.65
N ASP C 365 -9.13 30.39 3.95
CA ASP C 365 -7.98 29.68 4.47
C ASP C 365 -8.35 28.32 5.06
N SER C 366 -9.55 27.82 4.75
CA SER C 366 -10.00 26.47 5.09
C SER C 366 -10.26 26.30 6.59
N PHE C 367 -10.77 27.34 7.24
CA PHE C 367 -11.28 27.23 8.60
C PHE C 367 -12.66 27.86 8.67
N LEU C 368 -13.49 27.32 9.55
CA LEU C 368 -14.84 27.80 9.79
C LEU C 368 -14.95 28.15 11.27
N LYS C 369 -15.46 29.35 11.56
CA LYS C 369 -15.52 29.88 12.90
C LYS C 369 -16.98 30.03 13.33
N ILE C 370 -17.29 29.57 14.54
CA ILE C 370 -18.62 29.72 15.11
C ILE C 370 -18.48 30.77 16.20
N TRP C 371 -18.95 31.97 15.91
CA TRP C 371 -18.82 33.08 16.83
C TRP C 371 -19.98 33.07 17.83
N ASN C 372 -19.88 33.94 18.83
CA ASN C 372 -20.96 34.11 19.79
C ASN C 372 -20.83 35.42 20.56
N ALA D 32 -37.58 43.80 -33.62
CA ALA D 32 -36.26 44.31 -33.28
C ALA D 32 -36.36 45.38 -32.22
N SER D 33 -36.01 46.59 -32.60
CA SER D 33 -36.14 47.70 -31.67
C SER D 33 -37.62 48.00 -31.51
N ILE D 34 -38.41 47.57 -32.49
CA ILE D 34 -39.85 47.73 -32.35
C ILE D 34 -40.28 46.79 -31.25
N ALA D 35 -39.68 45.61 -31.20
CA ALA D 35 -40.01 44.66 -30.15
C ALA D 35 -39.64 45.27 -28.83
N GLN D 36 -38.48 45.91 -28.80
CA GLN D 36 -38.01 46.53 -27.56
C GLN D 36 -38.91 47.69 -27.18
N ALA D 37 -39.33 48.46 -28.18
CA ALA D 37 -40.21 49.59 -27.91
C ALA D 37 -41.50 49.06 -27.32
N ARG D 38 -41.98 47.95 -27.85
CA ARG D 38 -43.17 47.33 -27.29
C ARG D 38 -42.92 47.00 -25.83
N LYS D 39 -41.80 46.34 -25.56
CA LYS D 39 -41.49 45.95 -24.18
C LYS D 39 -41.59 47.18 -23.33
N LEU D 40 -41.00 48.26 -23.81
CA LEU D 40 -41.01 49.51 -23.09
C LEU D 40 -42.42 49.90 -22.68
N VAL D 41 -43.29 50.05 -23.66
CA VAL D 41 -44.62 50.50 -23.30
C VAL D 41 -45.22 49.53 -22.31
N GLU D 42 -45.20 48.26 -22.63
CA GLU D 42 -45.83 47.26 -21.77
C GLU D 42 -45.44 47.28 -20.30
N GLN D 43 -44.16 47.19 -20.01
CA GLN D 43 -43.75 47.07 -18.62
C GLN D 43 -43.88 48.38 -17.84
N LEU D 44 -43.37 49.48 -18.37
CA LEU D 44 -43.38 50.71 -17.56
C LEU D 44 -44.78 51.13 -17.14
N LYS D 45 -45.68 51.25 -18.08
CA LYS D 45 -47.06 51.67 -17.79
C LYS D 45 -47.68 50.81 -16.69
N MET D 46 -47.24 49.57 -16.54
CA MET D 46 -47.68 48.79 -15.39
C MET D 46 -47.07 49.32 -14.10
N GLU D 47 -45.80 49.77 -14.17
CA GLU D 47 -45.17 50.41 -13.02
C GLU D 47 -45.89 51.68 -12.60
N ALA D 48 -46.43 52.42 -13.57
CA ALA D 48 -46.88 53.79 -13.30
C ALA D 48 -47.98 53.83 -12.25
N ASN D 49 -48.98 52.95 -12.38
CA ASN D 49 -50.16 53.01 -11.52
C ASN D 49 -49.96 52.11 -10.29
N ILE D 50 -49.22 52.66 -9.31
CA ILE D 50 -49.01 52.00 -8.03
C ILE D 50 -49.22 53.01 -6.91
N ASP D 51 -49.41 52.49 -5.71
CA ASP D 51 -49.63 53.34 -4.55
C ASP D 51 -48.36 54.09 -4.17
N ARG D 52 -48.54 55.32 -3.67
CA ARG D 52 -47.43 56.17 -3.26
C ARG D 52 -47.82 56.81 -1.93
N ILE D 53 -47.38 56.21 -0.83
CA ILE D 53 -47.88 56.58 0.49
C ILE D 53 -46.77 57.27 1.28
N LYS D 54 -47.15 57.86 2.41
CA LYS D 54 -46.22 58.56 3.29
C LYS D 54 -45.27 57.58 3.99
N VAL D 55 -44.04 58.03 4.21
CA VAL D 55 -43.00 57.16 4.77
C VAL D 55 -42.88 57.28 6.28
N SER D 56 -43.49 58.32 6.88
CA SER D 56 -43.38 58.49 8.33
C SER D 56 -44.01 57.32 9.06
N LYS D 57 -45.19 56.87 8.62
CA LYS D 57 -45.79 55.70 9.25
C LYS D 57 -45.00 54.43 8.94
N ALA D 58 -44.34 54.38 7.78
CA ALA D 58 -43.47 53.24 7.49
C ALA D 58 -42.34 53.14 8.50
N ALA D 59 -41.77 54.28 8.87
CA ALA D 59 -40.75 54.26 9.90
C ALA D 59 -41.35 54.02 11.28
N ALA D 60 -42.59 54.48 11.50
CA ALA D 60 -43.20 54.27 12.80
C ALA D 60 -43.42 52.78 13.04
N ASP D 61 -43.92 52.06 12.03
CA ASP D 61 -44.09 50.61 12.18
C ASP D 61 -42.74 49.92 12.30
N LEU D 62 -41.72 50.39 11.58
CA LEU D 62 -40.38 49.83 11.74
C LEU D 62 -39.92 49.94 13.18
N MET D 63 -40.02 51.14 13.75
CA MET D 63 -39.57 51.36 15.13
C MET D 63 -40.40 50.55 16.12
N ALA D 64 -41.71 50.48 15.92
CA ALA D 64 -42.56 49.73 16.83
C ALA D 64 -42.23 48.24 16.80
N TYR D 65 -41.96 47.70 15.61
CA TYR D 65 -41.61 46.29 15.50
C TYR D 65 -40.23 46.03 16.09
N CYS D 66 -39.31 46.99 15.96
CA CYS D 66 -37.96 46.79 16.51
C CYS D 66 -37.98 46.85 18.03
N GLU D 67 -38.73 47.80 18.61
CA GLU D 67 -38.70 47.99 20.04
C GLU D 67 -39.43 46.89 20.80
N ALA D 68 -40.39 46.24 20.16
CA ALA D 68 -41.23 45.26 20.86
C ALA D 68 -40.49 43.95 21.11
N HIS D 69 -39.61 43.54 20.20
CA HIS D 69 -38.98 42.22 20.25
C HIS D 69 -37.59 42.28 20.84
N ALA D 70 -37.37 43.12 21.84
CA ALA D 70 -36.09 43.14 22.55
C ALA D 70 -35.85 41.87 23.35
N LYS D 71 -36.90 41.09 23.63
CA LYS D 71 -36.76 39.85 24.39
C LYS D 71 -36.22 38.69 23.56
N GLU D 72 -36.23 38.80 22.24
CA GLU D 72 -35.88 37.71 21.35
C GLU D 72 -34.44 37.80 20.84
N ASP D 73 -33.63 38.70 21.37
CA ASP D 73 -32.26 38.92 20.90
C ASP D 73 -31.26 38.53 21.99
N PRO D 74 -30.78 37.29 21.98
CA PRO D 74 -29.76 36.90 22.98
C PRO D 74 -28.43 37.61 22.81
N LEU D 75 -28.17 38.21 21.64
CA LEU D 75 -26.90 38.91 21.44
C LEU D 75 -26.88 40.21 22.23
N LEU D 76 -27.84 41.11 21.97
CA LEU D 76 -27.89 42.38 22.69
C LEU D 76 -28.17 42.17 24.17
N THR D 77 -29.05 41.23 24.51
CA THR D 77 -29.39 40.95 25.90
C THR D 77 -28.65 39.71 26.35
N PRO D 78 -27.64 39.82 27.20
CA PRO D 78 -26.84 38.65 27.57
C PRO D 78 -27.65 37.64 28.37
N VAL D 79 -27.25 36.38 28.26
CA VAL D 79 -27.89 35.28 28.96
C VAL D 79 -26.83 34.51 29.74
N PRO D 80 -27.22 33.82 30.81
CA PRO D 80 -26.24 33.07 31.60
C PRO D 80 -25.59 31.96 30.80
N ALA D 81 -24.49 31.42 31.35
CA ALA D 81 -23.74 30.38 30.67
C ALA D 81 -24.57 29.11 30.48
N SER D 82 -25.56 28.89 31.33
CA SER D 82 -26.40 27.71 31.19
C SER D 82 -27.32 27.78 29.98
N GLU D 83 -27.52 28.98 29.42
CA GLU D 83 -28.44 29.12 28.29
C GLU D 83 -27.78 28.70 26.98
N ASN D 84 -26.59 29.23 26.69
CA ASN D 84 -25.93 28.96 25.43
C ASN D 84 -25.28 27.58 25.45
N PRO D 85 -25.65 26.66 24.55
CA PRO D 85 -25.01 25.35 24.53
C PRO D 85 -23.69 25.32 23.79
N PHE D 86 -23.34 26.37 23.04
CA PHE D 86 -22.12 26.37 22.25
C PHE D 86 -20.86 26.52 23.09
N ARG D 87 -21.00 26.81 24.38
CA ARG D 87 -19.85 26.96 25.26
C ARG D 87 -19.08 25.64 25.38
N PRO E 193 -9.70 4.73 -23.38
CA PRO E 193 -10.93 5.44 -23.67
C PRO E 193 -11.81 5.64 -22.43
N VAL E 194 -11.23 5.43 -21.25
CA VAL E 194 -11.92 5.64 -19.99
C VAL E 194 -11.31 6.84 -19.29
N LYS E 195 -12.09 7.44 -18.39
CA LYS E 195 -11.68 8.56 -17.58
C LYS E 195 -11.79 8.21 -16.11
N HIS E 196 -11.11 8.99 -15.27
CA HIS E 196 -11.15 8.78 -13.84
C HIS E 196 -11.11 10.11 -13.11
N VAL E 197 -11.69 10.12 -11.92
CA VAL E 197 -11.75 11.30 -11.07
C VAL E 197 -11.29 10.88 -9.68
N TYR E 198 -10.45 11.69 -9.04
CA TYR E 198 -9.87 11.36 -7.75
C TYR E 198 -10.17 12.48 -6.76
N ARG E 199 -10.47 12.11 -5.52
CA ARG E 199 -10.73 13.08 -4.46
C ARG E 199 -10.08 12.62 -3.17
N VAL E 200 -9.73 13.57 -2.31
CA VAL E 200 -9.05 13.31 -1.05
C VAL E 200 -9.97 13.68 0.10
N LEU E 201 -10.17 12.76 1.03
CA LEU E 201 -11.03 12.95 2.19
C LEU E 201 -10.22 12.75 3.47
N GLN E 202 -10.42 13.64 4.44
CA GLN E 202 -9.78 13.52 5.74
C GLN E 202 -10.81 13.09 6.78
N CYS E 203 -10.41 12.16 7.65
CA CYS E 203 -11.29 11.65 8.70
C CYS E 203 -10.46 11.24 9.90
N GLN E 204 -10.89 11.65 11.09
CA GLN E 204 -10.21 11.26 12.31
C GLN E 204 -10.45 9.78 12.60
N GLU E 205 -9.80 9.29 13.66
CA GLU E 205 -9.84 7.87 13.96
C GLU E 205 -11.25 7.42 14.35
N GLU E 206 -11.95 8.21 15.16
CA GLU E 206 -13.28 7.83 15.61
C GLU E 206 -14.30 7.80 14.49
N GLU E 207 -14.06 8.55 13.41
CA GLU E 207 -15.01 8.71 12.32
C GLU E 207 -14.62 7.92 11.08
N LEU E 208 -13.95 6.78 11.27
CA LEU E 208 -13.45 5.99 10.16
C LEU E 208 -14.44 4.94 9.67
N THR E 209 -14.98 4.14 10.60
CA THR E 209 -15.90 3.08 10.21
C THR E 209 -17.17 3.64 9.58
N GLN E 210 -17.71 4.71 10.17
CA GLN E 210 -18.94 5.29 9.67
C GLN E 210 -18.77 5.84 8.26
N MET E 211 -17.58 6.36 7.93
CA MET E 211 -17.35 6.87 6.58
C MET E 211 -17.04 5.76 5.59
N VAL E 212 -16.30 4.74 6.01
CA VAL E 212 -15.96 3.66 5.07
C VAL E 212 -17.18 2.81 4.75
N SER E 213 -17.96 2.44 5.76
CA SER E 213 -19.06 1.52 5.52
C SER E 213 -20.22 2.14 4.76
N THR E 214 -20.31 3.47 4.72
CA THR E 214 -21.44 4.17 4.13
C THR E 214 -21.02 5.01 2.93
N MET E 215 -20.16 4.49 2.07
CA MET E 215 -19.77 5.23 0.88
C MET E 215 -20.95 5.36 -0.08
N SER E 216 -20.76 6.20 -1.10
CA SER E 216 -21.80 6.50 -2.06
C SER E 216 -21.89 5.38 -3.09
N ASP E 217 -22.65 5.61 -4.15
CA ASP E 217 -22.89 4.60 -5.18
C ASP E 217 -22.07 4.94 -6.42
N GLY E 218 -20.99 4.20 -6.64
CA GLY E 218 -20.17 4.39 -7.81
C GLY E 218 -18.71 4.62 -7.48
N TRP E 219 -18.43 5.15 -6.31
CA TRP E 219 -17.06 5.48 -5.93
C TRP E 219 -16.36 4.25 -5.38
N LYS E 220 -15.04 4.24 -5.49
CA LYS E 220 -14.21 3.10 -5.15
C LYS E 220 -13.27 3.45 -4.01
N PHE E 221 -12.37 2.53 -3.69
CA PHE E 221 -11.41 2.68 -2.62
C PHE E 221 -10.01 2.42 -3.16
N GLU E 222 -9.09 3.35 -2.91
CA GLU E 222 -7.75 3.26 -3.50
C GLU E 222 -6.65 3.13 -2.47
N GLN E 223 -6.58 4.03 -1.48
CA GLN E 223 -5.43 4.12 -0.61
C GLN E 223 -5.89 4.69 0.72
N LEU E 224 -5.13 4.40 1.78
CA LEU E 224 -5.46 4.93 3.11
C LEU E 224 -4.14 5.16 3.83
N VAL E 225 -3.80 6.41 4.08
CA VAL E 225 -2.53 6.79 4.66
C VAL E 225 -2.74 7.25 6.09
N SER E 226 -1.71 7.13 6.91
CA SER E 226 -1.74 7.53 8.31
C SER E 226 -0.94 8.83 8.44
N ILE E 227 -1.63 9.95 8.25
CA ILE E 227 -1.00 11.26 8.35
C ILE E 227 -0.80 11.62 9.82
N GLY E 228 0.20 12.45 10.08
CA GLY E 228 0.49 12.90 11.43
C GLY E 228 0.89 11.78 12.37
N GLN E 238 -6.61 12.01 18.33
CA GLN E 238 -5.15 11.93 18.34
C GLN E 238 -4.61 11.56 16.97
N ALA E 239 -5.16 10.51 16.39
CA ALA E 239 -4.71 10.02 15.08
C ALA E 239 -5.57 10.61 13.98
N GLU E 240 -4.93 10.97 12.87
CA GLU E 240 -5.61 11.50 11.70
C GLU E 240 -5.25 10.66 10.49
N PHE E 241 -6.18 10.59 9.53
CA PHE E 241 -6.04 9.72 8.38
C PHE E 241 -6.33 10.49 7.10
N LEU E 242 -6.11 9.84 5.97
CA LEU E 242 -6.46 10.33 4.65
C LEU E 242 -7.16 9.21 3.90
N CYS E 243 -7.63 9.51 2.70
CA CYS E 243 -8.32 8.52 1.88
C CYS E 243 -8.43 9.06 0.46
N VAL E 244 -8.38 8.15 -0.50
CA VAL E 244 -8.50 8.48 -1.91
C VAL E 244 -9.57 7.60 -2.51
N VAL E 245 -10.49 8.19 -3.28
CA VAL E 245 -11.57 7.47 -3.93
C VAL E 245 -11.52 7.76 -5.42
N SER E 246 -12.26 6.96 -6.19
CA SER E 246 -12.18 7.03 -7.63
C SER E 246 -13.54 6.73 -8.25
N LYS E 247 -13.76 7.28 -9.44
CA LYS E 247 -14.95 7.02 -10.23
C LYS E 247 -14.56 6.95 -11.70
N GLU E 248 -15.36 6.22 -12.48
CA GLU E 248 -15.07 6.01 -13.90
C GLU E 248 -16.18 6.66 -14.72
N LEU E 249 -15.89 7.84 -15.29
CA LEU E 249 -16.86 8.59 -16.07
C LEU E 249 -16.66 8.26 -17.56
N HIS E 250 -17.17 7.10 -17.95
CA HIS E 250 -17.21 6.77 -19.37
C HIS E 250 -18.38 7.48 -20.04
N ASN E 251 -18.30 7.59 -21.36
CA ASN E 251 -19.29 8.32 -22.16
C ASN E 251 -19.45 9.76 -21.69
N PRO F 193 -24.04 -1.39 -13.16
CA PRO F 193 -23.59 -2.76 -13.34
C PRO F 193 -23.16 -3.45 -12.05
N VAL F 194 -21.94 -3.18 -11.61
CA VAL F 194 -21.39 -3.81 -10.42
C VAL F 194 -21.51 -2.87 -9.24
N LYS F 195 -21.47 -3.44 -8.04
CA LYS F 195 -21.50 -2.70 -6.78
C LYS F 195 -20.39 -3.21 -5.88
N HIS F 196 -20.22 -2.54 -4.75
CA HIS F 196 -19.20 -2.96 -3.79
C HIS F 196 -19.65 -2.58 -2.39
N VAL F 197 -19.23 -3.39 -1.42
CA VAL F 197 -19.51 -3.19 0.00
C VAL F 197 -18.20 -3.30 0.75
N TYR F 198 -17.94 -2.38 1.66
CA TYR F 198 -16.68 -2.33 2.40
C TYR F 198 -16.93 -2.40 3.89
N ARG F 199 -16.02 -3.04 4.61
CA ARG F 199 -16.11 -3.19 6.06
C ARG F 199 -14.72 -3.02 6.67
N VAL F 200 -14.68 -2.57 7.92
CA VAL F 200 -13.44 -2.33 8.64
C VAL F 200 -13.38 -3.28 9.82
N LEU F 201 -12.34 -4.11 9.87
CA LEU F 201 -12.11 -5.07 10.95
C LEU F 201 -10.86 -4.68 11.74
N GLN F 202 -10.93 -4.85 13.06
CA GLN F 202 -9.80 -4.58 13.93
C GLN F 202 -9.30 -5.88 14.55
N CYS F 203 -7.98 -5.99 14.71
CA CYS F 203 -7.40 -7.22 15.25
C CYS F 203 -6.04 -6.95 15.86
N GLN F 204 -5.80 -7.57 17.02
CA GLN F 204 -4.50 -7.47 17.67
C GLN F 204 -3.49 -8.34 16.92
N GLU F 205 -2.23 -8.31 17.37
CA GLU F 205 -1.17 -9.01 16.65
C GLU F 205 -1.35 -10.52 16.71
N GLU F 206 -1.76 -11.06 17.86
CA GLU F 206 -1.86 -12.50 18.00
C GLU F 206 -2.99 -13.12 17.19
N GLU F 207 -3.99 -12.32 16.80
CA GLU F 207 -5.18 -12.85 16.16
C GLU F 207 -5.22 -12.53 14.67
N LEU F 208 -4.06 -12.32 14.06
CA LEU F 208 -4.02 -11.93 12.65
C LEU F 208 -4.13 -13.14 11.74
N THR F 209 -3.32 -14.17 12.02
CA THR F 209 -3.27 -15.34 11.15
C THR F 209 -4.60 -16.09 11.13
N GLN F 210 -5.27 -16.21 12.28
CA GLN F 210 -6.52 -16.96 12.31
C GLN F 210 -7.61 -16.29 11.49
N MET F 211 -7.70 -14.97 11.54
CA MET F 211 -8.72 -14.29 10.73
C MET F 211 -8.33 -14.25 9.25
N VAL F 212 -7.06 -14.00 8.94
CA VAL F 212 -6.71 -13.87 7.53
C VAL F 212 -6.80 -15.22 6.83
N SER F 213 -6.31 -16.28 7.46
CA SER F 213 -6.29 -17.58 6.81
C SER F 213 -7.67 -18.23 6.74
N THR F 214 -8.65 -17.73 7.49
CA THR F 214 -9.98 -18.35 7.55
C THR F 214 -11.07 -17.36 7.15
N MET F 215 -10.87 -16.62 6.07
CA MET F 215 -11.87 -15.67 5.63
C MET F 215 -13.11 -16.39 5.10
N SER F 216 -14.17 -15.62 4.87
CA SER F 216 -15.44 -16.17 4.41
C SER F 216 -15.37 -16.42 2.90
N ASP F 217 -16.52 -16.72 2.30
CA ASP F 217 -16.61 -17.05 0.88
C ASP F 217 -17.20 -15.86 0.13
N GLY F 218 -16.32 -15.11 -0.55
CA GLY F 218 -16.77 -13.99 -1.36
C GLY F 218 -16.06 -12.70 -1.03
N TRP F 219 -15.51 -12.61 0.17
CA TRP F 219 -14.88 -11.39 0.63
C TRP F 219 -13.39 -11.41 0.29
N LYS F 220 -12.90 -10.28 -0.21
CA LYS F 220 -11.53 -10.16 -0.65
C LYS F 220 -10.69 -9.42 0.39
N PHE F 221 -9.45 -9.12 0.03
CA PHE F 221 -8.51 -8.44 0.91
C PHE F 221 -7.96 -7.23 0.17
N GLU F 222 -7.94 -6.07 0.83
CA GLU F 222 -7.49 -4.88 0.12
C GLU F 222 -6.37 -4.11 0.81
N GLN F 223 -6.39 -3.98 2.13
CA GLN F 223 -5.46 -3.08 2.78
C GLN F 223 -5.27 -3.51 4.22
N LEU F 224 -4.04 -3.39 4.71
CA LEU F 224 -3.69 -3.75 6.08
C LEU F 224 -2.86 -2.60 6.66
N VAL F 225 -3.39 -1.94 7.69
CA VAL F 225 -2.78 -0.74 8.24
C VAL F 225 -2.37 -1.03 9.67
N SER F 226 -1.33 -0.34 10.14
CA SER F 226 -0.82 -0.49 11.50
C SER F 226 -1.04 0.81 12.24
N ILE F 227 -1.94 0.79 13.23
CA ILE F 227 -2.23 1.97 14.03
C ILE F 227 -1.07 2.28 14.97
N GLN F 238 0.41 -3.61 22.97
CA GLN F 238 1.44 -4.11 22.06
C GLN F 238 1.30 -3.51 20.67
N ALA F 239 0.37 -4.03 19.87
CA ALA F 239 0.18 -3.51 18.52
C ALA F 239 -1.23 -3.83 18.06
N GLU F 240 -1.82 -2.89 17.33
CA GLU F 240 -3.15 -3.00 16.76
C GLU F 240 -3.08 -2.86 15.24
N PHE F 241 -4.06 -3.45 14.56
CA PHE F 241 -4.10 -3.45 13.11
C PHE F 241 -5.50 -3.08 12.65
N LEU F 242 -5.63 -2.83 11.35
CA LEU F 242 -6.91 -2.62 10.69
C LEU F 242 -6.94 -3.49 9.45
N CYS F 243 -8.11 -3.55 8.81
CA CYS F 243 -8.25 -4.37 7.63
C CYS F 243 -9.54 -3.97 6.91
N VAL F 244 -9.49 -3.96 5.58
CA VAL F 244 -10.62 -3.60 4.75
C VAL F 244 -10.89 -4.77 3.81
N VAL F 245 -12.15 -5.17 3.72
CA VAL F 245 -12.57 -6.28 2.86
C VAL F 245 -13.70 -5.79 1.97
N SER F 246 -13.94 -6.53 0.89
CA SER F 246 -14.91 -6.11 -0.12
C SER F 246 -15.67 -7.30 -0.68
N LYS F 247 -16.89 -7.04 -1.13
CA LYS F 247 -17.71 -8.02 -1.84
C LYS F 247 -18.38 -7.33 -3.02
N GLU F 248 -18.60 -8.09 -4.08
CA GLU F 248 -19.22 -7.58 -5.30
C GLU F 248 -20.64 -8.11 -5.38
N LEU F 249 -21.61 -7.20 -5.43
CA LEU F 249 -23.02 -7.56 -5.46
C LEU F 249 -23.59 -7.15 -6.82
N HIS F 250 -23.75 -8.13 -7.70
CA HIS F 250 -24.38 -7.91 -9.00
C HIS F 250 -25.82 -8.39 -8.93
N ASN F 251 -26.77 -7.47 -9.12
CA ASN F 251 -28.18 -7.79 -9.01
C ASN F 251 -28.87 -7.59 -10.36
N PRO G 193 -12.32 -17.62 -10.82
CA PRO G 193 -12.46 -16.47 -9.92
C PRO G 193 -13.54 -16.68 -8.87
N VAL G 194 -13.71 -17.92 -8.42
CA VAL G 194 -14.78 -18.26 -7.51
C VAL G 194 -14.28 -18.44 -6.08
N LYS G 195 -12.98 -18.63 -5.88
CA LYS G 195 -12.43 -18.87 -4.56
C LYS G 195 -11.11 -18.12 -4.41
N HIS G 196 -10.69 -17.97 -3.16
CA HIS G 196 -9.41 -17.35 -2.85
C HIS G 196 -8.89 -17.95 -1.56
N VAL G 197 -7.57 -18.09 -1.47
CA VAL G 197 -6.90 -18.59 -0.28
C VAL G 197 -5.79 -17.61 0.07
N TYR G 198 -5.74 -17.20 1.33
CA TYR G 198 -4.77 -16.22 1.79
C TYR G 198 -3.92 -16.81 2.89
N ARG G 199 -2.63 -16.50 2.89
CA ARG G 199 -1.69 -17.00 3.90
C ARG G 199 -0.78 -15.86 4.33
N VAL G 200 -0.29 -15.95 5.57
CA VAL G 200 0.58 -14.94 6.15
C VAL G 200 1.93 -15.58 6.44
N LEU G 201 2.99 -15.02 5.87
CA LEU G 201 4.35 -15.48 6.07
C LEU G 201 5.17 -14.41 6.77
N GLN G 202 6.02 -14.83 7.70
CA GLN G 202 6.91 -13.91 8.40
C GLN G 202 8.35 -14.20 7.99
N CYS G 203 9.13 -13.15 7.78
CA CYS G 203 10.51 -13.27 7.36
C CYS G 203 11.31 -12.10 7.89
N GLN G 204 12.51 -12.39 8.39
CA GLN G 204 13.39 -11.33 8.88
C GLN G 204 13.95 -10.53 7.71
N GLU G 205 14.71 -9.47 8.05
CA GLU G 205 15.19 -8.55 7.03
C GLU G 205 16.17 -9.23 6.07
N GLU G 206 17.05 -10.08 6.61
CA GLU G 206 18.07 -10.71 5.77
C GLU G 206 17.51 -11.78 4.85
N GLU G 207 16.25 -12.19 5.02
CA GLU G 207 15.68 -13.29 4.25
C GLU G 207 14.57 -12.82 3.32
N LEU G 208 14.64 -11.58 2.85
CA LEU G 208 13.63 -11.06 1.93
C LEU G 208 13.85 -11.57 0.51
N THR G 209 15.06 -11.39 -0.02
CA THR G 209 15.31 -11.69 -1.43
C THR G 209 15.15 -13.17 -1.72
N GLN G 210 15.67 -14.03 -0.83
CA GLN G 210 15.60 -15.47 -1.07
C GLN G 210 14.16 -15.96 -1.08
N MET G 211 13.31 -15.40 -0.22
CA MET G 211 11.92 -15.85 -0.18
C MET G 211 11.09 -15.25 -1.31
N VAL G 212 11.30 -13.98 -1.65
CA VAL G 212 10.50 -13.36 -2.71
C VAL G 212 10.88 -13.92 -4.08
N SER G 213 12.18 -14.06 -4.34
CA SER G 213 12.62 -14.47 -5.66
C SER G 213 12.35 -15.94 -5.95
N THR G 214 12.05 -16.74 -4.93
CA THR G 214 11.87 -18.18 -5.10
C THR G 214 10.47 -18.62 -4.69
N MET G 215 9.46 -17.83 -5.01
CA MET G 215 8.10 -18.20 -4.67
C MET G 215 7.68 -19.44 -5.44
N SER G 216 6.58 -20.05 -4.99
CA SER G 216 6.11 -21.29 -5.58
C SER G 216 5.36 -20.97 -6.88
N ASP G 217 4.69 -21.98 -7.44
CA ASP G 217 3.98 -21.84 -8.70
C ASP G 217 2.50 -21.60 -8.44
N GLY G 218 1.99 -20.48 -8.92
CA GLY G 218 0.58 -20.15 -8.79
C GLY G 218 0.24 -19.20 -7.65
N TRP G 219 1.21 -18.79 -6.85
CA TRP G 219 0.96 -17.89 -5.72
C TRP G 219 1.38 -16.48 -6.08
N LYS G 220 0.60 -15.51 -5.65
CA LYS G 220 0.78 -14.11 -6.00
C LYS G 220 1.33 -13.34 -4.81
N PHE G 221 1.46 -12.03 -5.00
CA PHE G 221 2.01 -11.13 -3.98
C PHE G 221 1.06 -9.95 -3.81
N GLU G 222 0.74 -9.61 -2.56
CA GLU G 222 -0.23 -8.54 -2.37
C GLU G 222 0.21 -7.42 -1.43
N GLN G 223 0.90 -7.73 -0.34
CA GLN G 223 1.21 -6.71 0.64
C GLN G 223 2.52 -7.06 1.34
N LEU G 224 3.12 -6.07 1.96
CA LEU G 224 4.36 -6.27 2.71
C LEU G 224 4.42 -5.19 3.78
N VAL G 225 4.16 -5.58 5.03
CA VAL G 225 4.06 -4.64 6.14
C VAL G 225 5.35 -4.71 6.95
N SER G 226 5.71 -3.59 7.57
CA SER G 226 6.90 -3.50 8.41
C SER G 226 6.46 -3.57 9.86
N ILE G 227 6.50 -4.76 10.44
CA ILE G 227 6.10 -4.97 11.82
C ILE G 227 7.25 -4.67 12.77
N GLN G 238 16.45 -6.27 15.14
CA GLN G 238 16.61 -5.97 13.72
C GLN G 238 15.32 -5.41 13.13
N ALA G 239 14.80 -6.08 12.11
CA ALA G 239 13.56 -5.66 11.46
C ALA G 239 12.82 -6.88 10.94
N GLU G 240 11.56 -7.01 11.32
CA GLU G 240 10.71 -8.11 10.88
C GLU G 240 9.72 -7.61 9.83
N PHE G 241 9.03 -8.56 9.21
CA PHE G 241 8.15 -8.25 8.09
C PHE G 241 6.97 -9.21 8.09
N LEU G 242 6.04 -8.96 7.17
CA LEU G 242 4.90 -9.83 6.94
C LEU G 242 4.64 -9.86 5.44
N CYS G 243 3.90 -10.87 5.00
CA CYS G 243 3.61 -11.01 3.58
C CYS G 243 2.33 -11.81 3.42
N VAL G 244 1.51 -11.41 2.44
CA VAL G 244 0.26 -12.08 2.13
C VAL G 244 0.32 -12.58 0.70
N VAL G 245 -0.11 -13.81 0.48
CA VAL G 245 -0.09 -14.43 -0.84
C VAL G 245 -1.47 -15.03 -1.13
N SER G 246 -1.75 -15.28 -2.40
CA SER G 246 -3.06 -15.74 -2.82
C SER G 246 -2.95 -16.77 -3.94
N LYS G 247 -4.01 -17.59 -4.06
CA LYS G 247 -4.13 -18.57 -5.12
C LYS G 247 -5.57 -18.58 -5.61
N GLU G 248 -5.77 -19.02 -6.84
CA GLU G 248 -7.08 -19.06 -7.48
C GLU G 248 -7.51 -20.52 -7.64
N LEU G 249 -8.50 -20.94 -6.86
CA LEU G 249 -9.08 -22.27 -6.99
C LEU G 249 -10.41 -22.13 -7.70
N HIS G 250 -10.40 -22.28 -9.02
CA HIS G 250 -11.60 -22.29 -9.84
C HIS G 250 -11.97 -23.74 -10.10
N ASN G 251 -13.08 -24.19 -9.52
CA ASN G 251 -13.51 -25.58 -9.63
C ASN G 251 -14.96 -25.67 -10.06
N PRO H 193 -2.09 -21.50 -17.66
CA PRO H 193 -2.47 -20.08 -17.64
C PRO H 193 -1.24 -19.20 -17.52
N VAL H 194 -1.23 -18.23 -16.60
CA VAL H 194 -0.11 -17.29 -16.53
C VAL H 194 0.93 -17.57 -15.47
N LYS H 195 2.05 -16.90 -15.55
CA LYS H 195 3.11 -17.06 -14.57
C LYS H 195 3.64 -15.68 -14.19
N HIS H 196 4.47 -15.63 -13.17
CA HIS H 196 5.02 -14.36 -12.71
C HIS H 196 6.38 -14.57 -12.09
N VAL H 197 7.24 -13.57 -12.24
CA VAL H 197 8.57 -13.54 -11.66
C VAL H 197 8.71 -12.25 -10.87
N TYR H 198 9.26 -12.34 -9.67
CA TYR H 198 9.36 -11.21 -8.76
C TYR H 198 10.81 -10.95 -8.40
N ARG H 199 11.19 -9.68 -8.28
CA ARG H 199 12.54 -9.27 -7.95
C ARG H 199 12.49 -8.11 -6.97
N VAL H 200 13.50 -8.02 -6.12
CA VAL H 200 13.61 -6.96 -5.13
C VAL H 200 14.79 -6.08 -5.49
N LEU H 201 14.61 -4.76 -5.35
CA LEU H 201 15.65 -3.78 -5.68
C LEU H 201 15.80 -2.81 -4.53
N GLN H 202 17.04 -2.38 -4.26
CA GLN H 202 17.31 -1.42 -3.22
C GLN H 202 17.89 -0.16 -3.83
N CYS H 203 17.55 1.00 -3.26
CA CYS H 203 18.00 2.28 -3.78
C CYS H 203 17.86 3.33 -2.70
N GLN H 204 18.80 4.28 -2.69
CA GLN H 204 18.72 5.41 -1.78
C GLN H 204 17.81 6.49 -2.37
N GLU H 205 17.69 7.60 -1.66
CA GLU H 205 16.75 8.65 -2.08
C GLU H 205 17.27 9.41 -3.29
N GLU H 206 18.58 9.68 -3.34
CA GLU H 206 19.13 10.48 -4.43
C GLU H 206 18.97 9.80 -5.79
N GLU H 207 18.91 8.47 -5.82
CA GLU H 207 18.86 7.72 -7.06
C GLU H 207 17.54 6.96 -7.21
N LEU H 208 16.44 7.56 -6.77
CA LEU H 208 15.12 6.96 -6.91
C LEU H 208 14.47 7.30 -8.25
N THR H 209 14.41 8.59 -8.58
CA THR H 209 13.76 9.02 -9.80
C THR H 209 14.40 8.43 -11.05
N GLN H 210 15.74 8.34 -11.07
CA GLN H 210 16.41 7.85 -12.27
C GLN H 210 16.04 6.39 -12.58
N MET H 211 15.97 5.55 -11.55
CA MET H 211 15.58 4.16 -11.79
C MET H 211 14.10 4.05 -12.06
N VAL H 212 13.25 4.80 -11.36
CA VAL H 212 11.82 4.62 -11.57
C VAL H 212 11.45 5.08 -12.97
N SER H 213 11.96 6.25 -13.38
CA SER H 213 11.63 6.79 -14.69
C SER H 213 12.33 6.06 -15.82
N THR H 214 13.40 5.30 -15.54
CA THR H 214 14.15 4.62 -16.60
C THR H 214 14.08 3.12 -16.45
N MET H 215 12.90 2.60 -16.10
CA MET H 215 12.71 1.18 -15.92
C MET H 215 12.83 0.46 -17.26
N SER H 216 12.97 -0.87 -17.20
CA SER H 216 13.19 -1.67 -18.39
C SER H 216 11.89 -1.85 -19.15
N ASP H 217 11.91 -2.70 -20.18
CA ASP H 217 10.76 -2.94 -21.03
C ASP H 217 10.12 -4.28 -20.68
N GLY H 218 8.87 -4.24 -20.23
CA GLY H 218 8.12 -5.44 -19.88
C GLY H 218 7.94 -5.64 -18.40
N TRP H 219 8.71 -4.95 -17.56
CA TRP H 219 8.59 -5.11 -16.12
C TRP H 219 7.61 -4.08 -15.56
N LYS H 220 6.87 -4.49 -14.53
CA LYS H 220 5.82 -3.70 -13.93
C LYS H 220 6.28 -3.16 -12.58
N PHE H 221 5.36 -2.51 -11.87
CA PHE H 221 5.66 -1.87 -10.61
C PHE H 221 4.75 -2.41 -9.51
N GLU H 222 5.35 -2.68 -8.35
CA GLU H 222 4.63 -3.15 -7.17
C GLU H 222 4.94 -2.24 -5.98
N GLN H 223 4.58 -2.67 -4.79
CA GLN H 223 4.68 -1.81 -3.61
C GLN H 223 6.09 -1.24 -3.43
N LEU H 224 6.15 -0.01 -2.96
CA LEU H 224 7.37 0.69 -2.58
C LEU H 224 7.38 0.86 -1.07
N VAL H 225 8.47 0.44 -0.43
CA VAL H 225 8.53 0.38 1.02
C VAL H 225 9.71 1.21 1.50
N SER H 226 9.56 1.84 2.67
CA SER H 226 10.62 2.61 3.30
C SER H 226 11.21 1.80 4.44
N ILE H 227 12.51 1.51 4.36
CA ILE H 227 13.17 0.62 5.30
C ILE H 227 14.39 1.33 5.88
N GLY H 228 14.48 1.36 7.20
CA GLY H 228 15.64 1.91 7.87
C GLY H 228 15.90 3.36 7.55
N SER H 229 14.87 4.11 7.18
CA SER H 229 15.01 5.52 6.84
C SER H 229 15.09 6.37 8.10
N GLN H 238 19.05 6.96 6.45
CA GLN H 238 17.97 7.57 5.68
C GLN H 238 17.71 6.79 4.40
N ALA H 239 16.50 6.95 3.86
CA ALA H 239 16.10 6.37 2.57
C ALA H 239 16.22 4.86 2.65
N GLU H 240 16.98 4.20 1.78
CA GLU H 240 17.06 2.74 1.71
C GLU H 240 15.67 2.12 1.49
N PHE H 241 15.10 2.43 0.34
CA PHE H 241 13.79 1.92 -0.03
C PHE H 241 13.91 0.48 -0.51
N LEU H 242 12.78 -0.12 -0.89
CA LEU H 242 12.77 -1.48 -1.44
C LEU H 242 11.67 -1.56 -2.48
N CYS H 243 12.05 -1.66 -3.74
CA CYS H 243 11.09 -1.83 -4.82
C CYS H 243 10.84 -3.30 -5.08
N VAL H 244 9.68 -3.60 -5.66
CA VAL H 244 9.31 -4.93 -6.11
C VAL H 244 8.76 -4.77 -7.52
N VAL H 245 9.22 -5.62 -8.44
CA VAL H 245 8.80 -5.56 -9.84
C VAL H 245 8.34 -6.94 -10.26
N SER H 246 7.56 -6.98 -11.34
CA SER H 246 6.96 -8.23 -11.80
C SER H 246 6.98 -8.29 -13.32
N LYS H 247 7.05 -9.51 -13.84
CA LYS H 247 6.94 -9.77 -15.27
C LYS H 247 6.04 -10.98 -15.47
N GLU H 248 5.37 -11.03 -16.60
CA GLU H 248 4.43 -12.09 -16.92
C GLU H 248 5.02 -12.94 -18.04
N LEU H 249 5.20 -14.23 -17.77
CA LEU H 249 5.75 -15.17 -18.74
C LEU H 249 4.66 -16.16 -19.15
N HIS H 250 4.20 -16.05 -20.38
CA HIS H 250 3.21 -16.97 -20.94
C HIS H 250 3.89 -17.86 -21.96
N ASN H 251 3.81 -19.17 -21.76
CA ASN H 251 4.45 -20.16 -22.62
C ASN H 251 5.93 -19.88 -22.80
N PRO I 193 2.84 -5.93 -26.64
CA PRO I 193 1.51 -5.36 -26.76
C PRO I 193 1.36 -4.03 -26.02
N VAL I 194 1.32 -4.08 -24.69
CA VAL I 194 1.12 -2.91 -23.85
C VAL I 194 2.47 -2.40 -23.36
N LYS I 195 2.53 -1.11 -23.07
CA LYS I 195 3.71 -0.47 -22.50
C LYS I 195 3.28 0.38 -21.31
N HIS I 196 4.26 0.95 -20.62
CA HIS I 196 3.96 1.77 -19.45
C HIS I 196 5.10 2.73 -19.19
N VAL I 197 4.75 3.91 -18.68
CA VAL I 197 5.73 4.91 -18.27
C VAL I 197 5.38 5.34 -16.86
N TYR I 198 6.40 5.61 -16.04
CA TYR I 198 6.22 5.96 -14.64
C TYR I 198 6.95 7.26 -14.34
N ARG I 199 6.37 8.06 -13.45
CA ARG I 199 6.94 9.35 -13.07
C ARG I 199 6.80 9.53 -11.56
N VAL I 200 7.75 10.24 -10.96
CA VAL I 200 7.73 10.52 -9.53
C VAL I 200 7.52 12.01 -9.32
N LEU I 201 6.52 12.36 -8.51
CA LEU I 201 6.15 13.74 -8.22
C LEU I 201 6.26 13.99 -6.72
N GLN I 202 6.89 15.09 -6.34
CA GLN I 202 6.97 15.49 -4.94
C GLN I 202 6.00 16.62 -4.67
N CYS I 203 5.34 16.56 -3.52
CA CYS I 203 4.35 17.57 -3.13
C CYS I 203 4.30 17.68 -1.62
N GLN I 204 4.31 18.90 -1.11
CA GLN I 204 4.18 19.11 0.33
C GLN I 204 2.75 18.84 0.78
N GLU I 205 2.54 18.91 2.10
CA GLU I 205 1.26 18.50 2.66
C GLU I 205 0.13 19.45 2.26
N GLU I 206 0.35 20.76 2.41
CA GLU I 206 -0.73 21.72 2.21
C GLU I 206 -1.20 21.81 0.77
N GLU I 207 -0.39 21.36 -0.18
CA GLU I 207 -0.70 21.45 -1.61
C GLU I 207 -0.93 20.06 -2.21
N LEU I 208 -1.53 19.17 -1.43
CA LEU I 208 -1.81 17.80 -1.85
C LEU I 208 -3.14 17.68 -2.60
N THR I 209 -4.20 18.28 -2.05
CA THR I 209 -5.52 18.17 -2.66
C THR I 209 -5.53 18.82 -4.04
N GLN I 210 -4.88 19.97 -4.18
CA GLN I 210 -4.89 20.68 -5.46
C GLN I 210 -4.21 19.88 -6.54
N MET I 211 -3.18 19.10 -6.19
CA MET I 211 -2.49 18.30 -7.20
C MET I 211 -3.22 17.00 -7.49
N VAL I 212 -3.79 16.35 -6.47
CA VAL I 212 -4.47 15.08 -6.70
C VAL I 212 -5.77 15.29 -7.47
N SER I 213 -6.55 16.31 -7.09
CA SER I 213 -7.87 16.51 -7.69
C SER I 213 -7.81 17.03 -9.12
N THR I 214 -6.65 17.47 -9.61
CA THR I 214 -6.54 18.10 -10.92
C THR I 214 -5.47 17.43 -11.77
N MET I 215 -5.50 16.11 -11.83
CA MET I 215 -4.54 15.39 -12.66
C MET I 215 -4.85 15.62 -14.14
N SER I 216 -3.97 15.08 -14.99
CA SER I 216 -4.06 15.32 -16.43
C SER I 216 -5.00 14.31 -17.07
N ASP I 217 -4.99 14.25 -18.40
CA ASP I 217 -5.91 13.41 -19.16
C ASP I 217 -5.21 12.11 -19.56
N GLY I 218 -5.33 11.10 -18.72
CA GLY I 218 -4.82 9.78 -19.05
C GLY I 218 -3.95 9.16 -17.99
N TRP I 219 -3.34 9.99 -17.15
CA TRP I 219 -2.43 9.49 -16.13
C TRP I 219 -3.21 8.95 -14.93
N LYS I 220 -2.71 7.87 -14.35
CA LYS I 220 -3.38 7.16 -13.28
C LYS I 220 -2.69 7.41 -11.94
N PHE I 221 -3.16 6.74 -10.91
CA PHE I 221 -2.63 6.88 -9.56
C PHE I 221 -2.26 5.50 -9.04
N GLU I 222 -1.09 5.39 -8.41
CA GLU I 222 -0.66 4.06 -7.98
C GLU I 222 -0.29 3.96 -6.51
N GLN I 223 0.39 4.96 -5.94
CA GLN I 223 0.79 4.85 -4.55
C GLN I 223 1.26 6.20 -4.04
N LEU I 224 0.95 6.48 -2.78
CA LEU I 224 1.37 7.70 -2.10
C LEU I 224 2.17 7.30 -0.86
N VAL I 225 3.37 7.88 -0.72
CA VAL I 225 4.29 7.52 0.35
C VAL I 225 4.58 8.75 1.18
N SER I 226 4.88 8.54 2.46
CA SER I 226 5.27 9.61 3.36
C SER I 226 6.78 9.57 3.58
N ILE I 227 7.46 10.65 3.23
CA ILE I 227 8.92 10.69 3.22
C ILE I 227 9.39 11.88 4.04
N GLY I 228 10.23 11.63 5.03
CA GLY I 228 10.84 12.70 5.79
C GLY I 228 9.84 13.58 6.52
N SER I 229 8.67 13.06 6.84
CA SER I 229 7.65 13.83 7.53
C SER I 229 7.96 13.95 9.01
N GLN I 238 7.28 20.51 7.34
CA GLN I 238 6.07 19.96 7.92
C GLN I 238 5.88 18.48 7.54
N ALA I 239 5.63 18.22 6.26
CA ALA I 239 5.43 16.86 5.79
C ALA I 239 5.64 16.82 4.28
N GLU I 240 6.41 15.86 3.81
CA GLU I 240 6.66 15.65 2.39
C GLU I 240 6.07 14.33 1.95
N PHE I 241 5.76 14.24 0.65
CA PHE I 241 5.11 13.07 0.08
C PHE I 241 5.75 12.73 -1.25
N LEU I 242 5.43 11.55 -1.75
CA LEU I 242 5.79 11.13 -3.09
C LEU I 242 4.56 10.49 -3.73
N CYS I 243 4.50 10.53 -5.06
CA CYS I 243 3.30 10.03 -5.75
C CYS I 243 3.73 9.49 -7.12
N VAL I 244 3.76 8.17 -7.24
CA VAL I 244 4.04 7.54 -8.52
C VAL I 244 2.80 7.63 -9.40
N VAL I 245 3.00 7.88 -10.69
CA VAL I 245 1.93 8.10 -11.65
C VAL I 245 2.24 7.30 -12.90
N SER I 246 1.22 6.68 -13.49
CA SER I 246 1.40 5.76 -14.59
C SER I 246 0.53 6.14 -15.78
N LYS I 247 1.04 5.89 -16.98
CA LYS I 247 0.30 6.03 -18.22
C LYS I 247 0.51 4.80 -19.08
N GLU I 248 -0.53 4.43 -19.82
CA GLU I 248 -0.49 3.24 -20.67
C GLU I 248 -0.64 3.71 -22.11
N LEU I 249 0.32 3.33 -22.95
CA LEU I 249 0.31 3.69 -24.36
C LEU I 249 0.55 2.45 -25.19
N HIS I 250 -0.22 2.31 -26.28
CA HIS I 250 -0.10 1.19 -27.20
C HIS I 250 0.21 1.71 -28.59
N ASN I 251 1.27 1.16 -29.19
CA ASN I 251 1.72 1.55 -30.52
C ASN I 251 1.93 3.05 -30.64
N GLU J 35 35.75 23.75 -64.38
CA GLU J 35 35.29 25.06 -64.80
C GLU J 35 34.77 25.83 -63.58
N LEU J 36 34.42 25.09 -62.53
CA LEU J 36 33.95 25.69 -61.30
C LEU J 36 35.03 26.48 -60.57
N ASP J 37 36.30 26.26 -60.93
CA ASP J 37 37.39 27.02 -60.31
C ASP J 37 37.25 28.51 -60.58
N GLN J 38 36.80 28.87 -61.79
CA GLN J 38 36.57 30.27 -62.10
C GLN J 38 35.47 30.86 -61.22
N LEU J 39 34.40 30.10 -61.00
CA LEU J 39 33.33 30.57 -60.11
C LEU J 39 33.84 30.74 -58.68
N ARG J 40 34.65 29.80 -58.21
CA ARG J 40 35.23 29.94 -56.88
C ARG J 40 36.12 31.17 -56.79
N GLN J 41 36.93 31.42 -57.83
CA GLN J 41 37.82 32.57 -57.83
C GLN J 41 37.04 33.88 -57.84
N GLU J 42 35.96 33.96 -58.63
CA GLU J 42 35.18 35.19 -58.65
C GLU J 42 34.43 35.39 -57.33
N ALA J 43 33.99 34.30 -56.70
CA ALA J 43 33.42 34.42 -55.35
C ALA J 43 34.46 34.96 -54.38
N GLU J 44 35.70 34.46 -54.46
CA GLU J 44 36.76 34.94 -53.58
C GLU J 44 37.05 36.42 -53.79
N GLN J 45 37.12 36.85 -55.06
CA GLN J 45 37.41 38.26 -55.32
C GLN J 45 36.24 39.15 -54.90
N LEU J 46 34.99 38.68 -55.05
CA LEU J 46 33.87 39.44 -54.54
C LEU J 46 33.92 39.56 -53.02
N LYS J 47 34.29 38.49 -52.33
CA LYS J 47 34.47 38.55 -50.88
C LYS J 47 35.55 39.54 -50.51
N ASN J 48 36.66 39.55 -51.25
CA ASN J 48 37.74 40.49 -50.99
C ASN J 48 37.27 41.93 -51.17
N GLN J 49 36.50 42.19 -52.24
CA GLN J 49 35.98 43.54 -52.46
C GLN J 49 35.03 43.94 -51.34
N ILE J 50 34.18 43.01 -50.88
CA ILE J 50 33.26 43.30 -49.80
C ILE J 50 34.03 43.64 -48.53
N ARG J 51 35.08 42.88 -48.22
CA ARG J 51 35.88 43.17 -47.04
C ARG J 51 36.59 44.51 -47.15
N ASP J 52 37.09 44.84 -48.34
CA ASP J 52 37.74 46.13 -48.55
C ASP J 52 36.76 47.27 -48.33
N ALA J 53 35.53 47.12 -48.83
CA ALA J 53 34.50 48.13 -48.58
C ALA J 53 34.12 48.20 -47.10
N ARG J 54 34.14 47.07 -46.41
CA ARG J 54 33.74 47.05 -45.00
C ARG J 54 34.78 47.71 -44.11
N LYS J 55 36.06 47.51 -44.42
CA LYS J 55 37.12 47.92 -43.51
C LYS J 55 37.11 49.42 -43.28
N ALA J 56 36.90 50.20 -44.34
CA ALA J 56 37.08 51.65 -44.25
C ALA J 56 36.08 52.29 -43.29
N CYS J 57 34.83 51.81 -43.30
CA CYS J 57 33.76 52.49 -42.59
C CYS J 57 33.86 52.40 -41.07
N ALA J 58 34.74 51.56 -40.53
CA ALA J 58 34.93 51.49 -39.09
C ALA J 58 35.64 52.75 -38.62
N ASP J 59 34.91 53.65 -37.95
CA ASP J 59 35.43 54.96 -37.60
C ASP J 59 35.25 55.27 -36.12
N ALA J 60 35.34 54.26 -35.25
CA ALA J 60 35.23 54.51 -33.82
C ALA J 60 35.86 53.36 -33.05
N THR J 61 36.91 53.65 -32.30
CA THR J 61 37.45 52.75 -31.29
C THR J 61 36.87 53.18 -29.96
N LEU J 62 35.94 52.39 -29.42
CA LEU J 62 35.14 52.82 -28.27
C LEU J 62 35.98 53.03 -27.01
N SER J 63 37.16 52.41 -26.92
CA SER J 63 37.99 52.58 -25.73
C SER J 63 38.43 54.03 -25.56
N GLN J 64 38.98 54.62 -26.62
CA GLN J 64 39.52 55.98 -26.52
C GLN J 64 38.43 57.04 -26.40
N ILE J 65 37.19 56.72 -26.74
CA ILE J 65 36.11 57.69 -26.61
C ILE J 65 35.36 57.52 -25.29
N THR J 66 35.32 56.31 -24.74
CA THR J 66 34.64 56.05 -23.47
C THR J 66 35.59 56.02 -22.28
N ASN J 67 36.89 56.27 -22.49
CA ASN J 67 37.82 56.35 -21.37
C ASN J 67 37.45 57.49 -20.42
N ASN J 68 36.87 58.57 -20.92
CA ASN J 68 36.58 59.73 -20.09
C ASN J 68 35.54 59.41 -19.02
N ILE J 69 34.49 58.66 -19.36
CA ILE J 69 33.42 58.38 -18.43
C ILE J 69 33.93 57.50 -17.29
N ASP J 70 33.40 57.72 -16.09
CA ASP J 70 33.80 56.98 -14.91
C ASP J 70 33.22 55.57 -14.90
N PRO J 71 33.89 54.63 -14.25
CA PRO J 71 33.35 53.26 -14.15
C PRO J 71 32.30 53.15 -13.05
N VAL J 72 31.69 51.97 -13.00
CA VAL J 72 30.69 51.66 -11.99
C VAL J 72 31.38 51.18 -10.72
N GLY J 73 30.67 51.30 -9.60
CA GLY J 73 31.20 50.86 -8.33
C GLY J 73 31.02 49.37 -8.11
N ARG J 74 31.63 48.88 -7.02
CA ARG J 74 31.53 47.47 -6.68
C ARG J 74 30.13 47.15 -6.18
N ILE J 75 29.74 45.89 -6.33
CA ILE J 75 28.39 45.44 -5.98
C ILE J 75 28.48 44.06 -5.33
N GLN J 76 27.59 43.81 -4.38
CA GLN J 76 27.45 42.51 -3.74
C GLN J 76 25.98 42.30 -3.41
N MET J 77 25.41 41.21 -3.90
CA MET J 77 24.01 40.89 -3.70
C MET J 77 23.86 39.63 -2.88
N ARG J 78 22.68 39.45 -2.30
CA ARG J 78 22.40 38.37 -1.38
C ARG J 78 21.32 37.46 -1.95
N THR J 79 21.53 36.16 -1.84
CA THR J 79 20.49 35.20 -2.22
C THR J 79 19.30 35.34 -1.28
N ARG J 80 18.09 35.34 -1.85
CA ARG J 80 16.87 35.53 -1.08
C ARG J 80 16.02 34.29 -0.96
N ARG J 81 15.83 33.52 -2.03
CA ARG J 81 14.98 32.34 -1.99
C ARG J 81 15.67 31.17 -2.67
N THR J 82 15.53 29.98 -2.08
CA THR J 82 16.07 28.75 -2.64
C THR J 82 14.91 27.75 -2.70
N LEU J 83 14.25 27.71 -3.85
CA LEU J 83 13.04 26.91 -4.03
C LEU J 83 13.37 25.59 -4.73
N ARG J 84 12.91 24.50 -4.12
CA ARG J 84 13.22 23.14 -4.56
C ARG J 84 11.96 22.44 -5.06
N GLY J 85 12.13 21.21 -5.53
CA GLY J 85 11.02 20.43 -6.03
C GLY J 85 11.37 19.53 -7.21
N HIS J 86 12.37 19.92 -7.99
CA HIS J 86 12.91 19.04 -9.02
C HIS J 86 13.85 18.03 -8.39
N LEU J 87 13.86 16.82 -8.94
CA LEU J 87 14.74 15.77 -8.45
C LEU J 87 15.66 15.26 -9.56
N ALA J 88 16.07 16.14 -10.46
CA ALA J 88 16.94 15.78 -11.56
C ALA J 88 17.77 17.01 -11.92
N LYS J 89 18.37 17.00 -13.11
CA LYS J 89 19.22 18.09 -13.56
C LYS J 89 18.41 19.06 -14.40
N ILE J 90 18.30 20.30 -13.93
CA ILE J 90 17.52 21.32 -14.64
C ILE J 90 18.29 21.76 -15.88
N TYR J 91 17.57 21.96 -16.98
CA TYR J 91 18.18 22.39 -18.23
C TYR J 91 17.66 23.70 -18.78
N ALA J 92 16.52 24.22 -18.32
CA ALA J 92 15.97 25.41 -18.93
C ALA J 92 15.06 26.14 -17.95
N MET J 93 14.75 27.38 -18.29
CA MET J 93 13.82 28.20 -17.55
C MET J 93 13.43 29.39 -18.42
N HIS J 94 12.33 30.04 -18.04
CA HIS J 94 11.84 31.19 -18.80
C HIS J 94 10.82 31.96 -17.95
N TRP J 95 11.00 33.28 -17.88
CA TRP J 95 10.10 34.15 -17.15
C TRP J 95 8.81 34.38 -17.94
N GLY J 96 7.91 35.16 -17.35
CA GLY J 96 6.72 35.59 -18.03
C GLY J 96 6.53 37.09 -17.87
N THR J 97 5.66 37.65 -18.71
CA THR J 97 5.39 39.08 -18.66
C THR J 97 4.72 39.50 -17.36
N ASP J 98 4.05 38.57 -16.68
CA ASP J 98 3.46 38.86 -15.39
C ASP J 98 4.53 39.21 -14.35
N SER J 99 5.78 38.80 -14.59
CA SER J 99 6.92 39.06 -13.70
C SER J 99 6.73 38.39 -12.35
N ARG J 100 5.87 37.38 -12.26
CA ARG J 100 5.69 36.64 -11.03
C ARG J 100 5.56 35.14 -11.30
N LEU J 101 5.84 34.70 -12.52
CA LEU J 101 5.71 33.29 -12.89
C LEU J 101 6.90 32.90 -13.77
N LEU J 102 7.42 31.70 -13.55
CA LEU J 102 8.52 31.18 -14.35
C LEU J 102 8.38 29.67 -14.47
N VAL J 103 8.82 29.13 -15.61
CA VAL J 103 8.66 27.72 -15.91
C VAL J 103 10.02 27.04 -15.84
N SER J 104 10.01 25.72 -15.66
CA SER J 104 11.24 24.95 -15.55
C SER J 104 11.02 23.56 -16.11
N ALA J 105 12.05 23.01 -16.75
CA ALA J 105 12.00 21.68 -17.34
C ALA J 105 13.17 20.85 -16.83
N SER J 106 12.90 19.64 -16.36
CA SER J 106 13.92 18.75 -15.84
C SER J 106 14.34 17.73 -16.90
N GLN J 107 15.14 16.74 -16.49
CA GLN J 107 15.70 15.75 -17.40
C GLN J 107 14.76 14.57 -17.65
N ASP J 108 14.07 14.07 -16.62
CA ASP J 108 13.23 12.90 -16.79
C ASP J 108 11.85 13.23 -17.33
N GLY J 109 11.54 14.50 -17.55
CA GLY J 109 10.26 14.89 -18.10
C GLY J 109 9.31 15.41 -17.04
N LYS J 110 9.25 16.73 -16.91
CA LYS J 110 8.42 17.38 -15.91
C LYS J 110 8.46 18.88 -16.16
N LEU J 111 7.32 19.55 -15.97
CA LEU J 111 7.26 21.00 -15.93
C LEU J 111 6.64 21.42 -14.61
N ILE J 112 7.14 22.51 -14.04
CA ILE J 112 6.55 23.09 -12.85
C ILE J 112 6.49 24.60 -13.06
N ILE J 113 5.35 25.20 -12.77
CA ILE J 113 5.15 26.64 -12.88
C ILE J 113 5.15 27.21 -11.47
N TRP J 114 6.11 28.09 -11.17
CA TRP J 114 6.37 28.51 -9.82
C TRP J 114 5.81 29.90 -9.56
N ASP J 115 5.49 30.17 -8.29
CA ASP J 115 5.11 31.49 -7.82
C ASP J 115 6.29 32.04 -7.02
N SER J 116 6.95 33.08 -7.56
CA SER J 116 8.21 33.54 -6.99
C SER J 116 8.03 34.26 -5.66
N TYR J 117 6.87 34.86 -5.42
CA TYR J 117 6.67 35.60 -4.17
C TYR J 117 6.49 34.67 -2.98
N THR J 118 5.71 33.60 -3.14
CA THR J 118 5.34 32.73 -2.05
C THR J 118 6.06 31.39 -2.08
N THR J 119 6.75 31.06 -3.18
CA THR J 119 7.44 29.78 -3.36
C THR J 119 6.46 28.61 -3.23
N ASN J 120 5.38 28.67 -4.01
CA ASN J 120 4.43 27.59 -4.13
C ASN J 120 4.25 27.26 -5.60
N LYS J 121 4.17 25.98 -5.92
CA LYS J 121 3.98 25.53 -7.28
C LYS J 121 2.49 25.47 -7.60
N VAL J 122 2.11 26.00 -8.75
CA VAL J 122 0.71 26.06 -9.14
C VAL J 122 0.30 24.96 -10.11
N HIS J 123 1.25 24.33 -10.79
CA HIS J 123 0.96 23.23 -11.70
C HIS J 123 2.15 22.28 -11.71
N ALA J 124 1.89 21.05 -12.15
CA ALA J 124 2.94 20.03 -12.27
C ALA J 124 2.49 19.05 -13.35
N ILE J 125 3.05 19.18 -14.54
CA ILE J 125 2.63 18.43 -15.71
C ILE J 125 3.64 17.30 -15.96
N PRO J 126 3.22 16.04 -16.00
CA PRO J 126 4.11 14.99 -16.45
C PRO J 126 4.19 14.95 -17.97
N LEU J 127 5.23 14.28 -18.47
CA LEU J 127 5.48 14.17 -19.89
C LEU J 127 5.69 12.72 -20.28
N ARG J 128 5.80 12.50 -21.59
CA ARG J 128 5.95 11.17 -22.15
C ARG J 128 7.33 10.93 -22.74
N SER J 129 8.28 11.85 -22.51
CA SER J 129 9.63 11.73 -23.06
C SER J 129 10.64 12.04 -21.97
N SER J 130 11.86 11.49 -22.13
CA SER J 130 12.88 11.56 -21.10
C SER J 130 14.05 12.47 -21.47
N TRP J 131 13.86 13.36 -22.45
CA TRP J 131 14.87 14.37 -22.76
C TRP J 131 14.15 15.62 -23.23
N VAL J 132 14.00 16.57 -22.31
CA VAL J 132 13.40 17.87 -22.60
C VAL J 132 14.47 18.92 -22.38
N MET J 133 14.90 19.59 -23.45
CA MET J 133 16.00 20.54 -23.38
C MET J 133 15.58 21.97 -23.68
N THR J 134 14.29 22.24 -23.79
CA THR J 134 13.83 23.59 -24.13
C THR J 134 12.50 23.85 -23.46
N CYS J 135 12.16 25.14 -23.37
CA CYS J 135 10.93 25.54 -22.72
C CYS J 135 10.57 26.96 -23.13
N ALA J 136 9.28 27.23 -23.30
CA ALA J 136 8.83 28.55 -23.69
C ALA J 136 7.52 28.82 -22.97
N TYR J 137 7.24 30.09 -22.72
CA TYR J 137 6.01 30.45 -22.03
C TYR J 137 5.33 31.50 -22.91
N ALA J 138 4.01 31.58 -22.86
CA ALA J 138 3.39 32.48 -23.81
C ALA J 138 3.17 33.87 -23.21
N PRO J 139 3.43 34.91 -24.02
CA PRO J 139 3.22 36.29 -23.54
C PRO J 139 1.79 36.59 -23.13
N SER J 140 0.80 35.94 -23.73
CA SER J 140 -0.58 36.14 -23.28
C SER J 140 -0.78 35.54 -21.90
N GLY J 141 -0.40 34.28 -21.72
CA GLY J 141 -0.42 33.67 -20.41
C GLY J 141 -1.16 32.34 -20.30
N ASN J 142 -1.56 31.76 -21.43
CA ASN J 142 -2.30 30.50 -21.39
C ASN J 142 -1.82 29.54 -22.46
N TYR J 143 -0.50 29.52 -22.72
CA TYR J 143 0.10 28.48 -23.54
C TYR J 143 1.51 28.20 -23.04
N VAL J 144 1.90 26.93 -23.11
CA VAL J 144 3.26 26.49 -22.79
C VAL J 144 3.67 25.48 -23.86
N ALA J 145 4.91 25.59 -24.34
CA ALA J 145 5.41 24.69 -25.35
C ALA J 145 6.63 23.94 -24.81
N CYS J 146 6.90 22.77 -25.39
CA CYS J 146 8.01 21.94 -24.96
C CYS J 146 8.66 21.33 -26.20
N GLY J 147 9.51 20.35 -25.97
CA GLY J 147 10.25 19.71 -27.04
C GLY J 147 11.62 19.29 -26.55
N GLY J 148 12.26 18.46 -27.36
CA GLY J 148 13.57 17.96 -27.00
C GLY J 148 14.17 17.01 -28.02
N LEU J 149 14.73 15.91 -27.53
CA LEU J 149 15.40 14.93 -28.36
C LEU J 149 14.44 13.91 -28.96
N ASP J 150 13.15 14.01 -28.65
CA ASP J 150 12.13 13.12 -29.18
C ASP J 150 11.53 13.60 -30.49
N ASN J 151 12.01 14.72 -31.04
CA ASN J 151 11.69 15.20 -32.38
C ASN J 151 10.24 15.65 -32.55
N ILE J 152 9.56 16.03 -31.45
CA ILE J 152 8.19 16.50 -31.52
C ILE J 152 8.03 17.69 -30.59
N CYS J 153 7.33 18.71 -31.05
CA CYS J 153 6.99 19.87 -30.25
C CYS J 153 5.51 19.81 -29.88
N SER J 154 5.21 20.01 -28.60
CA SER J 154 3.86 19.89 -28.08
C SER J 154 3.43 21.17 -27.38
N ILE J 155 2.15 21.50 -27.51
CA ILE J 155 1.58 22.71 -26.93
C ILE J 155 0.55 22.32 -25.89
N TYR J 156 0.55 23.02 -24.76
CA TYR J 156 -0.30 22.70 -23.63
C TYR J 156 -1.22 23.88 -23.35
N ASN J 157 -2.50 23.58 -23.15
CA ASN J 157 -3.52 24.60 -22.91
C ASN J 157 -3.77 24.69 -21.41
N LEU J 158 -3.14 25.67 -20.76
CA LEU J 158 -3.29 25.82 -19.32
C LEU J 158 -4.72 26.17 -18.93
N LYS J 159 -5.36 27.05 -19.70
CA LYS J 159 -6.67 27.58 -19.36
C LYS J 159 -7.74 26.79 -20.12
N THR J 160 -8.50 25.97 -19.39
CA THR J 160 -9.58 25.18 -19.98
C THR J 160 -10.86 25.42 -19.20
N ARG J 161 -11.99 25.19 -19.87
CA ARG J 161 -13.29 25.31 -19.21
C ARG J 161 -13.40 24.33 -18.05
N GLU J 162 -12.95 23.10 -18.25
CA GLU J 162 -12.87 22.13 -17.17
C GLU J 162 -11.56 22.33 -16.41
N GLY J 163 -11.50 21.79 -15.19
CA GLY J 163 -10.39 22.07 -14.30
C GLY J 163 -9.09 21.36 -14.61
N ASN J 164 -9.07 20.45 -15.57
CA ASN J 164 -7.88 19.68 -15.88
C ASN J 164 -7.06 20.35 -16.98
N VAL J 165 -5.83 19.86 -17.16
CA VAL J 165 -4.91 20.32 -18.19
C VAL J 165 -4.76 19.23 -19.23
N ARG J 166 -4.80 19.61 -20.50
CA ARG J 166 -4.74 18.63 -21.58
C ARG J 166 -3.98 19.19 -22.77
N VAL J 167 -3.39 18.30 -23.55
CA VAL J 167 -2.60 18.68 -24.71
C VAL J 167 -3.54 19.24 -25.79
N SER J 168 -3.00 20.13 -26.62
CA SER J 168 -3.77 20.76 -27.69
C SER J 168 -3.35 20.29 -29.07
N ARG J 169 -2.06 20.42 -29.42
CA ARG J 169 -1.56 20.04 -30.73
C ARG J 169 -0.16 19.48 -30.60
N GLU J 170 0.27 18.78 -31.64
CA GLU J 170 1.65 18.34 -31.79
C GLU J 170 2.14 18.74 -33.17
N LEU J 171 3.41 19.12 -33.25
CA LEU J 171 3.98 19.69 -34.47
C LEU J 171 5.17 18.85 -34.93
N ALA J 172 4.89 17.83 -35.74
CA ALA J 172 5.95 17.01 -36.32
C ALA J 172 6.25 17.50 -37.74
N GLY J 173 7.31 16.93 -38.31
CA GLY J 173 7.68 17.28 -39.67
C GLY J 173 9.18 17.36 -39.95
N HIS J 174 9.98 17.64 -38.92
CA HIS J 174 11.42 17.69 -39.07
C HIS J 174 12.08 16.54 -38.33
N THR J 175 13.14 15.98 -38.93
CA THR J 175 13.74 14.73 -38.47
C THR J 175 14.92 14.92 -37.53
N GLY J 176 15.28 16.15 -37.17
CA GLY J 176 16.34 16.37 -36.20
C GLY J 176 15.79 16.50 -34.79
N TYR J 177 16.70 16.75 -33.85
CA TYR J 177 16.30 16.97 -32.47
C TYR J 177 16.03 18.46 -32.26
N LEU J 178 14.93 18.76 -31.60
CA LEU J 178 14.54 20.14 -31.39
C LEU J 178 15.48 20.82 -30.39
N SER J 179 15.73 22.11 -30.62
CA SER J 179 16.70 22.84 -29.82
C SER J 179 16.12 24.07 -29.13
N CYS J 180 15.21 24.79 -29.77
CA CYS J 180 14.69 26.02 -29.18
C CYS J 180 13.28 26.29 -29.71
N CYS J 181 12.51 27.06 -28.94
CA CYS J 181 11.16 27.44 -29.29
C CYS J 181 10.86 28.82 -28.72
N ARG J 182 10.41 29.73 -29.59
CA ARG J 182 9.96 31.06 -29.17
C ARG J 182 8.65 31.40 -29.86
N PHE J 183 7.73 32.00 -29.11
CA PHE J 183 6.44 32.43 -29.65
C PHE J 183 6.58 33.82 -30.28
N LEU J 184 6.31 33.92 -31.58
CA LEU J 184 6.09 35.23 -32.17
C LEU J 184 4.80 35.86 -31.66
N ASP J 185 3.75 35.05 -31.54
CA ASP J 185 2.48 35.48 -30.99
C ASP J 185 1.70 34.22 -30.59
N ASP J 186 0.46 34.41 -30.17
CA ASP J 186 -0.34 33.29 -29.67
C ASP J 186 -0.57 32.23 -30.73
N ASN J 187 -0.57 32.62 -32.01
CA ASN J 187 -0.85 31.67 -33.09
C ASN J 187 0.35 31.40 -33.99
N GLN J 188 1.51 31.97 -33.70
CA GLN J 188 2.69 31.76 -34.53
C GLN J 188 3.84 31.31 -33.64
N ILE J 189 4.51 30.24 -34.06
CA ILE J 189 5.66 29.69 -33.33
C ILE J 189 6.81 29.49 -34.32
N VAL J 190 8.03 29.74 -33.86
CA VAL J 190 9.24 29.52 -34.64
C VAL J 190 10.12 28.51 -33.91
N THR J 191 10.61 27.51 -34.62
CA THR J 191 11.40 26.43 -34.05
C THR J 191 12.83 26.49 -34.58
N SER J 192 13.70 25.70 -33.94
CA SER J 192 15.10 25.57 -34.33
C SER J 192 15.48 24.09 -34.36
N SER J 193 15.42 23.50 -35.55
CA SER J 193 15.72 22.08 -35.69
C SER J 193 17.23 21.84 -35.65
N GLY J 194 17.60 20.56 -35.60
CA GLY J 194 19.00 20.19 -35.63
C GLY J 194 19.49 19.74 -36.99
N ASP J 195 18.56 19.52 -37.92
CA ASP J 195 18.91 19.13 -39.29
C ASP J 195 19.02 20.35 -40.22
N THR J 196 19.77 21.36 -39.78
CA THR J 196 20.04 22.57 -40.55
C THR J 196 18.74 23.20 -41.05
N THR J 197 17.82 23.47 -40.14
CA THR J 197 16.51 23.96 -40.52
C THR J 197 15.96 24.91 -39.46
N CYS J 198 15.33 25.99 -39.92
CA CYS J 198 14.51 26.84 -39.08
C CYS J 198 13.23 27.15 -39.85
N ALA J 199 12.10 27.15 -39.16
CA ALA J 199 10.83 27.30 -39.86
C ALA J 199 9.78 27.85 -38.90
N LEU J 200 8.63 28.21 -39.48
CA LEU J 200 7.47 28.66 -38.75
C LEU J 200 6.34 27.64 -38.92
N TRP J 201 5.30 27.80 -38.11
CA TRP J 201 4.17 26.88 -38.15
C TRP J 201 2.88 27.68 -37.94
N ASP J 202 1.77 27.08 -38.38
CA ASP J 202 0.44 27.60 -38.12
C ASP J 202 -0.26 26.62 -37.20
N ILE J 203 -0.75 27.12 -36.06
CA ILE J 203 -1.22 26.23 -35.00
C ILE J 203 -2.50 25.52 -35.41
N GLU J 204 -3.45 26.26 -35.99
CA GLU J 204 -4.75 25.67 -36.33
C GLU J 204 -4.61 24.60 -37.40
N THR J 205 -3.88 24.89 -38.47
CA THR J 205 -3.70 23.90 -39.54
C THR J 205 -2.80 22.77 -39.09
N GLY J 206 -1.67 23.09 -38.47
CA GLY J 206 -0.72 22.10 -38.02
C GLY J 206 0.43 21.84 -38.97
N GLN J 207 0.47 22.50 -40.11
CA GLN J 207 1.57 22.36 -41.07
C GLN J 207 2.33 23.67 -41.20
N GLN J 208 3.51 23.58 -41.80
CA GLN J 208 4.40 24.73 -41.91
C GLN J 208 3.82 25.79 -42.83
N THR J 209 4.17 27.05 -42.55
CA THR J 209 3.84 28.18 -43.40
C THR J 209 5.03 28.61 -44.26
N THR J 210 6.19 28.83 -43.65
CA THR J 210 7.40 29.20 -44.36
C THR J 210 8.55 28.33 -43.87
N THR J 211 9.60 28.26 -44.68
CA THR J 211 10.76 27.43 -44.37
C THR J 211 12.02 28.21 -44.70
N PHE J 212 13.03 28.09 -43.84
CA PHE J 212 14.31 28.74 -44.02
C PHE J 212 15.39 27.70 -44.25
N THR J 213 16.46 28.12 -44.92
CA THR J 213 17.57 27.24 -45.23
C THR J 213 18.81 28.07 -45.48
N GLY J 214 19.92 27.40 -45.79
CA GLY J 214 21.18 28.06 -46.02
C GLY J 214 22.09 28.17 -44.82
N HIS J 215 21.80 27.46 -43.74
CA HIS J 215 22.59 27.50 -42.52
C HIS J 215 23.40 26.20 -42.46
N THR J 216 24.68 26.30 -42.85
CA THR J 216 25.49 25.10 -43.07
C THR J 216 25.68 24.29 -41.80
N GLY J 217 25.96 24.96 -40.69
CA GLY J 217 26.27 24.23 -39.47
C GLY J 217 25.07 23.73 -38.71
N ASP J 218 25.13 23.76 -37.38
CA ASP J 218 24.05 23.30 -36.52
C ASP J 218 23.55 24.49 -35.70
N VAL J 219 22.24 24.69 -35.68
CA VAL J 219 21.63 25.78 -34.94
C VAL J 219 21.35 25.30 -33.52
N MET J 220 21.72 26.12 -32.54
CA MET J 220 21.54 25.77 -31.13
C MET J 220 20.91 26.88 -30.30
N SER J 221 20.68 28.06 -30.85
CA SER J 221 20.09 29.16 -30.12
C SER J 221 19.61 30.22 -31.10
N LEU J 222 18.64 31.00 -30.66
CA LEU J 222 18.15 32.15 -31.40
C LEU J 222 17.32 33.02 -30.46
N SER J 223 17.17 34.29 -30.85
CA SER J 223 16.38 35.22 -30.04
C SER J 223 15.68 36.21 -30.97
N LEU J 224 14.63 36.82 -30.43
CA LEU J 224 13.77 37.72 -31.19
C LEU J 224 14.09 39.17 -30.87
N ALA J 225 13.99 40.03 -31.89
CA ALA J 225 14.14 41.45 -31.67
C ALA J 225 12.96 41.99 -30.88
N PRO J 226 13.14 43.11 -30.15
CA PRO J 226 12.03 43.66 -29.36
C PRO J 226 10.81 43.99 -30.20
N ASP J 227 10.99 44.45 -31.43
CA ASP J 227 9.91 44.90 -32.28
C ASP J 227 9.29 43.77 -33.11
N THR J 228 9.64 42.52 -32.83
CA THR J 228 9.01 41.34 -33.45
C THR J 228 9.07 41.40 -34.98
N ARG J 229 10.22 41.78 -35.51
CA ARG J 229 10.44 41.79 -36.96
C ARG J 229 11.67 41.04 -37.41
N LEU J 230 12.67 40.86 -36.55
CA LEU J 230 13.92 40.21 -36.96
C LEU J 230 14.35 39.23 -35.88
N PHE J 231 15.14 38.24 -36.29
CA PHE J 231 15.74 37.30 -35.35
C PHE J 231 17.05 36.79 -35.94
N VAL J 232 18.00 36.47 -35.07
CA VAL J 232 19.30 35.95 -35.47
C VAL J 232 19.47 34.55 -34.89
N SER J 233 20.27 33.74 -35.55
CA SER J 233 20.49 32.36 -35.16
C SER J 233 21.97 32.06 -35.06
N GLY J 234 22.33 31.21 -34.09
CA GLY J 234 23.71 30.78 -33.93
C GLY J 234 24.07 29.62 -34.83
N ALA J 235 25.34 29.25 -34.81
CA ALA J 235 25.85 28.19 -35.66
C ALA J 235 26.87 27.36 -34.90
N CYS J 236 27.05 26.13 -35.37
CA CYS J 236 28.11 25.29 -34.83
C CYS J 236 29.48 25.77 -35.25
N ASP J 237 29.66 26.12 -36.53
CA ASP J 237 30.95 26.59 -37.02
C ASP J 237 31.05 28.11 -36.97
N ALA J 238 30.73 28.68 -35.82
CA ALA J 238 30.99 30.09 -35.50
C ALA J 238 30.50 31.03 -36.61
N SER J 239 29.19 31.01 -36.84
CA SER J 239 28.57 31.86 -37.84
C SER J 239 27.32 32.51 -37.25
N ALA J 240 27.05 33.73 -37.68
CA ALA J 240 25.85 34.46 -37.28
C ALA J 240 25.05 34.84 -38.52
N LYS J 241 23.73 34.68 -38.44
CA LYS J 241 22.84 34.94 -39.55
C LYS J 241 21.69 35.80 -39.06
N LEU J 242 21.11 36.58 -39.97
CA LEU J 242 20.00 37.48 -39.63
C LEU J 242 18.98 37.40 -40.75
N TRP J 243 17.79 36.89 -40.43
CA TRP J 243 16.72 36.73 -41.40
C TRP J 243 15.61 37.74 -41.14
N ASP J 244 14.64 37.75 -42.04
CA ASP J 244 13.39 38.48 -41.86
C ASP J 244 12.22 37.52 -41.90
N VAL J 245 11.26 37.73 -41.01
CA VAL J 245 10.16 36.78 -40.83
C VAL J 245 9.26 36.74 -42.05
N ARG J 246 9.00 37.90 -42.67
CA ARG J 246 7.98 37.97 -43.71
C ARG J 246 8.37 37.18 -44.96
N GLU J 247 9.57 37.41 -45.48
CA GLU J 247 10.01 36.75 -46.70
C GLU J 247 11.12 35.74 -46.49
N GLY J 248 12.11 36.05 -45.67
CA GLY J 248 13.18 35.11 -45.40
C GLY J 248 14.43 35.34 -46.22
N MET J 249 14.93 36.57 -46.24
CA MET J 249 16.16 36.91 -46.93
C MET J 249 17.26 37.19 -45.91
N CYS J 250 18.42 36.57 -46.11
CA CYS J 250 19.57 36.75 -45.23
C CYS J 250 20.26 38.06 -45.60
N ARG J 251 20.17 39.06 -44.73
CA ARG J 251 20.61 40.40 -45.09
C ARG J 251 22.08 40.67 -44.75
N GLN J 252 22.56 40.22 -43.59
CA GLN J 252 23.98 40.32 -43.26
C GLN J 252 24.48 38.98 -42.70
N THR J 253 25.78 38.94 -42.43
CA THR J 253 26.44 37.76 -41.91
C THR J 253 27.63 38.19 -41.06
N PHE J 254 27.86 37.49 -39.95
CA PHE J 254 28.92 37.83 -39.02
C PHE J 254 29.80 36.61 -38.76
N THR J 255 31.04 36.85 -38.34
CA THR J 255 32.03 35.80 -38.19
C THR J 255 33.05 36.26 -37.16
N GLY J 256 33.85 35.32 -36.64
CA GLY J 256 34.96 35.67 -35.78
C GLY J 256 35.30 34.70 -34.65
N HIS J 257 34.36 33.85 -34.26
CA HIS J 257 34.64 32.88 -33.22
C HIS J 257 35.33 31.65 -33.82
N GLU J 258 35.74 30.72 -32.94
CA GLU J 258 36.39 29.48 -33.36
C GLU J 258 35.77 28.25 -32.72
N SER J 259 34.52 28.34 -32.27
CA SER J 259 33.84 27.21 -31.65
C SER J 259 32.34 27.43 -31.78
N ASP J 260 31.55 26.62 -31.07
CA ASP J 260 30.11 26.74 -31.12
C ASP J 260 29.64 27.99 -30.39
N ILE J 261 28.67 28.68 -30.97
CA ILE J 261 28.04 29.84 -30.35
C ILE J 261 26.82 29.35 -29.58
N ASN J 262 26.89 29.39 -28.24
CA ASN J 262 25.85 28.79 -27.43
C ASN J 262 24.75 29.76 -27.02
N ALA J 263 25.05 31.05 -26.88
CA ALA J 263 24.08 32.01 -26.39
C ALA J 263 24.08 33.26 -27.24
N ILE J 264 22.89 33.78 -27.57
CA ILE J 264 22.75 35.02 -28.31
C ILE J 264 21.71 35.89 -27.59
N CYS J 265 22.06 37.16 -27.38
CA CYS J 265 21.16 38.11 -26.72
C CYS J 265 21.19 39.43 -27.48
N PHE J 266 20.27 40.33 -27.12
CA PHE J 266 20.13 41.63 -27.74
C PHE J 266 20.22 42.75 -26.71
N PHE J 267 20.79 43.87 -27.14
CA PHE J 267 20.70 45.11 -26.40
C PHE J 267 19.28 45.67 -26.52
N PRO J 268 18.79 46.35 -25.49
CA PRO J 268 17.39 46.82 -25.52
C PRO J 268 17.05 47.71 -26.70
N ASN J 269 17.98 48.53 -27.18
CA ASN J 269 17.64 49.46 -28.26
C ASN J 269 17.30 48.72 -29.54
N GLY J 270 18.04 47.65 -29.84
CA GLY J 270 17.80 46.87 -31.04
C GLY J 270 18.78 47.05 -32.17
N ASN J 271 20.01 47.47 -31.88
CA ASN J 271 21.01 47.70 -32.92
C ASN J 271 22.32 46.97 -32.63
N ALA J 272 22.30 46.01 -31.71
CA ALA J 272 23.51 45.28 -31.35
C ALA J 272 23.12 43.99 -30.65
N PHE J 273 23.86 42.92 -30.94
CA PHE J 273 23.66 41.64 -30.27
C PHE J 273 25.01 41.11 -29.80
N ALA J 274 25.04 40.60 -28.57
CA ALA J 274 26.26 40.08 -27.96
C ALA J 274 26.14 38.56 -27.84
N THR J 275 27.16 37.86 -28.31
CA THR J 275 27.18 36.41 -28.31
C THR J 275 28.32 35.89 -27.44
N GLY J 276 28.22 34.60 -27.07
CA GLY J 276 29.26 33.95 -26.32
C GLY J 276 29.71 32.68 -27.04
N SER J 277 30.78 32.09 -26.53
CA SER J 277 31.36 30.91 -27.13
C SER J 277 32.05 30.09 -26.05
N ASP J 278 32.54 28.90 -26.45
CA ASP J 278 33.16 27.98 -25.52
C ASP J 278 34.56 28.42 -25.11
N ASP J 279 35.28 29.15 -25.96
CA ASP J 279 36.65 29.51 -25.64
C ASP J 279 36.77 30.85 -24.91
N ALA J 280 35.92 31.02 -23.89
CA ALA J 280 36.01 32.14 -22.95
C ALA J 280 36.10 33.50 -23.63
N THR J 281 35.31 33.71 -24.68
CA THR J 281 35.25 35.01 -25.35
C THR J 281 33.80 35.47 -25.46
N CYS J 282 33.58 36.74 -25.18
CA CYS J 282 32.30 37.39 -25.41
C CYS J 282 32.49 38.57 -26.35
N ARG J 283 31.70 38.62 -27.42
CA ARG J 283 31.86 39.61 -28.48
C ARG J 283 30.57 40.39 -28.65
N LEU J 284 30.69 41.70 -28.81
CA LEU J 284 29.57 42.57 -29.11
C LEU J 284 29.70 43.09 -30.53
N PHE J 285 28.67 42.87 -31.35
CA PHE J 285 28.67 43.28 -32.74
C PHE J 285 27.68 44.43 -32.95
N ASP J 286 27.89 45.17 -34.03
CA ASP J 286 27.01 46.26 -34.42
C ASP J 286 26.46 45.97 -35.81
N LEU J 287 25.14 46.12 -35.97
CA LEU J 287 24.51 45.83 -37.25
C LEU J 287 24.98 46.78 -38.33
N ARG J 288 25.05 48.07 -38.03
CA ARG J 288 25.46 49.04 -39.04
C ARG J 288 26.95 48.94 -39.33
N ALA J 289 27.75 48.64 -38.31
CA ALA J 289 29.20 48.61 -38.49
C ALA J 289 29.65 47.33 -39.18
N ASP J 290 28.99 46.21 -38.90
CA ASP J 290 29.39 44.89 -39.39
C ASP J 290 30.77 44.48 -38.89
N GLN J 291 31.25 45.15 -37.85
CA GLN J 291 32.58 44.91 -37.29
C GLN J 291 32.48 44.60 -35.80
N GLU J 292 33.36 43.72 -35.34
CA GLU J 292 33.45 43.43 -33.92
C GLU J 292 33.94 44.67 -33.18
N LEU J 293 33.11 45.19 -32.27
CA LEU J 293 33.44 46.44 -31.59
C LEU J 293 34.44 46.23 -30.46
N MET J 294 34.06 45.46 -29.43
CA MET J 294 34.98 45.14 -28.34
C MET J 294 35.09 43.63 -28.19
N THR J 295 35.84 43.22 -27.16
CA THR J 295 36.01 41.83 -26.82
C THR J 295 36.31 41.75 -25.33
N TYR J 296 35.56 40.93 -24.60
CA TYR J 296 35.66 40.83 -23.15
C TYR J 296 36.33 39.50 -22.82
N SER J 297 37.63 39.55 -22.53
CA SER J 297 38.40 38.36 -22.19
C SER J 297 39.23 38.61 -20.95
N HIS J 298 39.41 37.57 -20.14
CA HIS J 298 40.24 37.64 -18.96
C HIS J 298 41.20 36.45 -18.97
N ASP J 299 42.30 36.58 -18.23
CA ASP J 299 43.39 35.62 -18.36
C ASP J 299 43.08 34.28 -17.69
N ASN J 300 42.51 34.30 -16.48
CA ASN J 300 42.37 33.09 -15.68
C ASN J 300 40.99 32.45 -15.86
N ILE J 301 40.65 32.13 -17.11
CA ILE J 301 39.42 31.41 -17.42
C ILE J 301 39.70 30.45 -18.57
N ILE J 302 39.30 29.19 -18.40
CA ILE J 302 39.52 28.17 -19.41
C ILE J 302 38.24 27.38 -19.66
N CYS J 303 37.12 27.91 -19.18
CA CYS J 303 35.84 27.23 -19.26
C CYS J 303 34.98 27.83 -20.38
N GLY J 304 33.82 27.23 -20.60
CA GLY J 304 32.92 27.64 -21.65
C GLY J 304 31.72 28.43 -21.14
N ILE J 305 31.19 29.27 -22.01
CA ILE J 305 30.03 30.11 -21.70
C ILE J 305 28.76 29.35 -22.07
N THR J 306 27.75 29.41 -21.20
CA THR J 306 26.49 28.72 -21.43
C THR J 306 25.28 29.63 -21.57
N SER J 307 25.36 30.88 -21.09
CA SER J 307 24.24 31.79 -21.18
C SER J 307 24.71 33.21 -20.90
N VAL J 308 24.11 34.17 -21.59
CA VAL J 308 24.37 35.60 -21.39
C VAL J 308 23.05 36.34 -21.38
N SER J 309 23.06 37.53 -20.77
CA SER J 309 21.85 38.34 -20.66
C SER J 309 22.23 39.77 -20.29
N PHE J 310 21.52 40.73 -20.86
CA PHE J 310 21.65 42.14 -20.53
C PHE J 310 20.61 42.55 -19.49
N SER J 311 20.90 43.66 -18.82
CA SER J 311 19.99 44.23 -17.84
C SER J 311 18.99 45.15 -18.54
N LYS J 312 18.23 45.92 -17.74
CA LYS J 312 17.24 46.83 -18.31
C LYS J 312 17.90 47.92 -19.14
N SER J 313 18.75 48.73 -18.51
CA SER J 313 19.42 49.81 -19.23
C SER J 313 20.42 49.27 -20.23
N GLY J 314 21.15 48.22 -19.87
CA GLY J 314 22.19 47.68 -20.71
C GLY J 314 23.59 48.00 -20.26
N ARG J 315 23.75 48.47 -19.02
CA ARG J 315 25.06 48.88 -18.53
C ARG J 315 25.92 47.70 -18.10
N LEU J 316 25.31 46.56 -17.76
CA LEU J 316 26.02 45.40 -17.27
C LEU J 316 25.70 44.19 -18.14
N LEU J 317 26.60 43.22 -18.12
CA LEU J 317 26.45 41.99 -18.87
C LEU J 317 26.79 40.81 -17.97
N LEU J 318 25.92 39.80 -17.95
CA LEU J 318 26.12 38.62 -17.12
C LEU J 318 26.41 37.41 -17.98
N ALA J 319 27.16 36.47 -17.41
CA ALA J 319 27.53 35.25 -18.12
C ALA J 319 27.64 34.11 -17.13
N GLY J 320 27.58 32.88 -17.65
CA GLY J 320 27.68 31.69 -16.83
C GLY J 320 28.81 30.79 -17.30
N TYR J 321 29.42 30.09 -16.35
CA TYR J 321 30.57 29.26 -16.62
C TYR J 321 30.35 27.82 -16.19
N ASP J 322 31.11 26.92 -16.79
CA ASP J 322 31.03 25.53 -16.41
C ASP J 322 31.98 25.26 -15.27
N ASP J 323 32.45 26.32 -14.61
CA ASP J 323 33.39 26.19 -13.48
C ASP J 323 32.63 26.25 -12.20
N PHE J 324 31.36 25.97 -12.26
CA PHE J 324 30.51 25.98 -11.10
C PHE J 324 30.27 27.37 -10.48
N ASN J 325 30.60 28.48 -11.16
CA ASN J 325 30.43 29.83 -10.63
C ASN J 325 29.86 30.75 -11.70
N CYS J 326 29.77 32.03 -11.36
CA CYS J 326 29.21 33.06 -12.23
C CYS J 326 29.64 34.42 -11.69
N ASN J 327 29.98 35.33 -12.61
CA ASN J 327 30.43 36.68 -12.25
C ASN J 327 29.75 37.70 -13.14
N VAL J 328 29.68 38.94 -12.64
CA VAL J 328 29.01 40.04 -13.34
C VAL J 328 30.08 40.92 -13.97
N TRP J 329 29.87 41.29 -15.22
CA TRP J 329 30.82 42.09 -15.97
C TRP J 329 30.32 43.52 -16.15
N ASP J 330 31.10 44.29 -16.91
CA ASP J 330 30.72 45.63 -17.35
C ASP J 330 30.85 45.69 -18.86
N ALA J 331 30.00 46.51 -19.49
CA ALA J 331 29.93 46.53 -20.94
C ALA J 331 30.97 47.46 -21.55
N LEU J 332 31.05 48.69 -21.07
CA LEU J 332 31.86 49.71 -21.75
C LEU J 332 33.35 49.48 -21.54
N LYS J 333 33.78 49.18 -20.31
CA LYS J 333 35.20 49.17 -19.99
C LYS J 333 35.82 47.78 -19.88
N ALA J 334 35.03 46.71 -20.10
CA ALA J 334 35.56 45.35 -20.12
C ALA J 334 36.31 45.02 -18.83
N ASP J 335 35.73 45.39 -17.69
CA ASP J 335 36.29 45.09 -16.38
C ASP J 335 35.23 44.40 -15.53
N ARG J 336 35.67 43.46 -14.70
CA ARG J 336 34.73 42.66 -13.92
C ARG J 336 34.31 43.43 -12.67
N ALA J 337 33.00 43.62 -12.50
CA ALA J 337 32.53 44.34 -11.32
C ALA J 337 32.60 43.47 -10.07
N GLY J 338 32.19 42.20 -10.18
CA GLY J 338 32.17 41.34 -9.02
C GLY J 338 31.91 39.90 -9.41
N VAL J 339 31.72 39.07 -8.40
CA VAL J 339 31.49 37.65 -8.57
C VAL J 339 30.30 37.24 -7.72
N LEU J 340 29.66 36.13 -8.09
CA LEU J 340 28.50 35.61 -7.39
C LEU J 340 28.82 34.24 -6.79
N ALA J 341 28.32 34.00 -5.58
CA ALA J 341 28.46 32.70 -4.93
C ALA J 341 27.76 31.63 -5.75
N GLY J 342 28.52 30.72 -6.35
CA GLY J 342 27.98 29.75 -7.28
C GLY J 342 27.22 28.61 -6.64
N HIS J 343 27.30 27.45 -7.29
CA HIS J 343 26.58 26.26 -6.86
C HIS J 343 27.53 25.09 -6.65
N ASP J 344 26.97 23.90 -6.46
CA ASP J 344 27.76 22.68 -6.30
C ASP J 344 27.96 21.94 -7.61
N ASN J 345 27.52 22.50 -8.73
CA ASN J 345 27.66 21.86 -10.03
C ASN J 345 27.54 22.93 -11.11
N ARG J 346 27.47 22.50 -12.36
CA ARG J 346 27.53 23.43 -13.49
C ARG J 346 26.29 24.31 -13.55
N VAL J 347 26.49 25.56 -13.94
CA VAL J 347 25.39 26.49 -14.20
C VAL J 347 24.97 26.40 -15.66
N SER J 348 23.66 26.28 -15.90
CA SER J 348 23.15 26.00 -17.24
C SER J 348 22.05 26.93 -17.72
N CYS J 349 21.63 27.91 -16.92
CA CYS J 349 20.60 28.83 -17.38
C CYS J 349 20.67 30.12 -16.56
N LEU J 350 20.08 31.18 -17.11
CA LEU J 350 20.09 32.49 -16.48
C LEU J 350 19.00 33.34 -17.13
N GLY J 351 18.40 34.21 -16.33
CA GLY J 351 17.33 35.06 -16.83
C GLY J 351 17.18 36.31 -16.00
N VAL J 352 16.73 37.38 -16.65
CA VAL J 352 16.50 38.67 -16.01
C VAL J 352 15.09 39.13 -16.34
N THR J 353 14.36 39.59 -15.32
CA THR J 353 12.99 40.03 -15.51
C THR J 353 12.96 41.30 -16.38
N ASP J 354 11.82 41.54 -17.03
CA ASP J 354 11.69 42.69 -17.92
C ASP J 354 11.89 43.99 -17.15
N ASP J 355 11.28 44.12 -15.97
CA ASP J 355 11.46 45.33 -15.18
C ASP J 355 12.84 45.41 -14.53
N GLY J 356 13.49 44.27 -14.31
CA GLY J 356 14.86 44.26 -13.85
C GLY J 356 15.06 44.16 -12.35
N MET J 357 14.11 43.61 -11.61
CA MET J 357 14.24 43.48 -10.16
C MET J 357 14.51 42.05 -9.72
N ALA J 358 14.90 41.16 -10.64
CA ALA J 358 15.10 39.77 -10.26
C ALA J 358 16.14 39.13 -11.18
N VAL J 359 16.90 38.20 -10.60
CA VAL J 359 17.83 37.35 -11.34
C VAL J 359 17.63 35.92 -10.86
N ALA J 360 17.48 34.99 -11.79
CA ALA J 360 17.25 33.59 -11.46
C ALA J 360 18.27 32.72 -12.17
N THR J 361 18.83 31.77 -11.43
CA THR J 361 19.89 30.90 -11.92
C THR J 361 19.58 29.46 -11.55
N GLY J 362 19.82 28.54 -12.48
CA GLY J 362 19.56 27.13 -12.24
C GLY J 362 20.68 26.22 -12.64
N SER J 363 21.23 25.47 -11.67
CA SER J 363 22.36 24.59 -11.90
C SER J 363 21.90 23.15 -12.11
N TRP J 364 22.86 22.23 -12.11
CA TRP J 364 22.61 20.81 -12.36
C TRP J 364 22.35 20.03 -11.08
N ASP J 365 22.31 20.67 -9.92
CA ASP J 365 22.07 20.00 -8.65
C ASP J 365 20.66 20.20 -8.14
N SER J 366 19.75 20.65 -9.00
CA SER J 366 18.32 20.75 -8.70
C SER J 366 17.99 21.79 -7.63
N PHE J 367 18.59 22.97 -7.77
CA PHE J 367 18.17 24.14 -6.99
C PHE J 367 18.11 25.37 -7.88
N LEU J 368 17.15 26.24 -7.60
CA LEU J 368 17.05 27.54 -8.23
C LEU J 368 17.33 28.63 -7.20
N LYS J 369 17.97 29.70 -7.65
CA LYS J 369 18.37 30.80 -6.77
C LYS J 369 17.72 32.08 -7.27
N ILE J 370 17.29 32.92 -6.33
CA ILE J 370 16.74 34.24 -6.65
C ILE J 370 17.67 35.28 -6.05
N TRP J 371 18.18 36.18 -6.89
CA TRP J 371 19.08 37.23 -6.46
C TRP J 371 18.40 38.59 -6.64
N ASN J 372 18.83 39.56 -5.84
CA ASN J 372 18.27 40.91 -5.92
C ASN J 372 19.24 41.92 -5.34
N ALA K 32 24.30 20.31 -58.74
CA ALA K 32 25.24 19.91 -57.71
C ALA K 32 26.06 21.09 -57.26
N SER K 33 27.32 21.09 -57.66
CA SER K 33 28.16 22.22 -57.35
C SER K 33 27.68 23.37 -58.21
N ILE K 34 27.02 23.06 -59.32
CA ILE K 34 26.46 24.12 -60.15
C ILE K 34 25.38 24.81 -59.34
N ALA K 35 24.51 24.03 -58.70
CA ALA K 35 23.48 24.59 -57.85
C ALA K 35 24.11 25.40 -56.74
N GLN K 36 25.23 24.88 -56.24
CA GLN K 36 25.88 25.58 -55.15
C GLN K 36 26.37 26.95 -55.58
N ALA K 37 26.99 27.04 -56.75
CA ALA K 37 27.51 28.30 -57.24
C ALA K 37 26.38 29.22 -57.56
N ARG K 38 25.25 28.64 -57.95
CA ARG K 38 24.07 29.43 -58.19
C ARG K 38 23.71 30.13 -56.92
N LYS K 39 23.53 29.36 -55.85
CA LYS K 39 23.21 29.95 -54.55
C LYS K 39 24.21 31.04 -54.23
N LEU K 40 25.48 30.75 -54.52
CA LEU K 40 26.53 31.73 -54.26
C LEU K 40 26.23 33.06 -54.90
N VAL K 41 26.20 33.09 -56.22
CA VAL K 41 26.01 34.36 -56.89
C VAL K 41 24.74 34.98 -56.37
N GLU K 42 23.74 34.17 -56.14
CA GLU K 42 22.44 34.68 -55.70
C GLU K 42 22.49 35.48 -54.41
N GLN K 43 23.05 34.93 -53.35
CA GLN K 43 22.99 35.67 -52.09
C GLN K 43 24.11 36.69 -51.89
N LEU K 44 25.34 36.26 -52.02
CA LEU K 44 26.50 37.12 -51.78
C LEU K 44 26.38 38.45 -52.51
N LYS K 45 25.97 38.42 -53.78
CA LYS K 45 25.67 39.69 -54.45
C LYS K 45 24.49 40.43 -53.83
N MET K 46 23.59 39.73 -53.14
CA MET K 46 22.58 40.45 -52.37
C MET K 46 23.21 41.12 -51.15
N GLU K 47 24.18 40.44 -50.52
CA GLU K 47 24.93 41.05 -49.42
C GLU K 47 25.70 42.28 -49.87
N ALA K 48 26.19 42.28 -51.11
CA ALA K 48 27.14 43.30 -51.54
C ALA K 48 26.54 44.70 -51.46
N ASN K 49 25.29 44.88 -51.90
CA ASN K 49 24.68 46.21 -51.99
C ASN K 49 23.89 46.51 -50.72
N ILE K 50 24.64 46.78 -49.65
CA ILE K 50 24.07 47.21 -48.38
C ILE K 50 24.77 48.48 -47.92
N ASP K 51 24.05 49.29 -47.16
CA ASP K 51 24.57 50.58 -46.71
C ASP K 51 25.60 50.37 -45.60
N ARG K 52 26.63 51.21 -45.60
CA ARG K 52 27.74 51.12 -44.66
C ARG K 52 28.01 52.51 -44.09
N ILE K 53 27.69 52.72 -42.81
CA ILE K 53 27.65 54.06 -42.25
C ILE K 53 28.69 54.22 -41.14
N LYS K 54 28.73 55.42 -40.55
CA LYS K 54 29.70 55.73 -39.50
C LYS K 54 29.43 54.91 -38.24
N VAL K 55 30.49 54.70 -37.46
CA VAL K 55 30.40 53.91 -36.24
C VAL K 55 30.38 54.82 -35.01
N SER K 56 31.03 55.98 -35.12
CA SER K 56 31.06 56.91 -34.00
C SER K 56 29.67 57.40 -33.63
N LYS K 57 28.82 57.64 -34.63
CA LYS K 57 27.44 58.03 -34.35
C LYS K 57 26.70 56.94 -33.61
N ALA K 58 26.90 55.67 -34.01
CA ALA K 58 26.27 54.55 -33.31
C ALA K 58 26.75 54.44 -31.88
N ALA K 59 28.06 54.62 -31.65
CA ALA K 59 28.59 54.56 -30.29
C ALA K 59 28.02 55.69 -29.43
N ALA K 60 27.93 56.89 -29.98
CA ALA K 60 27.35 58.00 -29.24
C ALA K 60 25.88 57.74 -28.92
N ASP K 61 25.13 57.19 -29.87
CA ASP K 61 23.74 56.86 -29.62
C ASP K 61 23.60 55.80 -28.53
N LEU K 62 24.46 54.79 -28.55
CA LEU K 62 24.44 53.77 -27.51
C LEU K 62 24.74 54.38 -26.14
N MET K 63 25.73 55.27 -26.07
CA MET K 63 26.07 55.90 -24.80
C MET K 63 24.92 56.75 -24.29
N ALA K 64 24.28 57.51 -25.19
CA ALA K 64 23.15 58.35 -24.79
C ALA K 64 21.98 57.50 -24.32
N TYR K 65 21.70 56.39 -25.01
CA TYR K 65 20.64 55.49 -24.59
C TYR K 65 20.92 54.89 -23.23
N CYS K 66 22.17 54.50 -22.98
CA CYS K 66 22.53 53.93 -21.69
C CYS K 66 22.39 54.96 -20.57
N GLU K 67 22.83 56.19 -20.83
CA GLU K 67 22.82 57.22 -19.78
C GLU K 67 21.40 57.68 -19.48
N ALA K 68 20.55 57.80 -20.51
CA ALA K 68 19.22 58.35 -20.31
C ALA K 68 18.37 57.45 -19.41
N HIS K 69 18.48 56.14 -19.59
CA HIS K 69 17.64 55.18 -18.87
C HIS K 69 18.27 54.71 -17.56
N ALA K 70 19.11 55.55 -16.93
CA ALA K 70 19.70 55.18 -15.65
C ALA K 70 18.67 55.11 -14.54
N LYS K 71 17.48 55.67 -14.73
CA LYS K 71 16.43 55.63 -13.72
C LYS K 71 15.66 54.31 -13.71
N GLU K 72 15.87 53.46 -14.71
CA GLU K 72 15.11 52.22 -14.86
C GLU K 72 15.87 50.99 -14.41
N ASP K 73 16.97 51.14 -13.66
CA ASP K 73 17.80 50.03 -13.24
C ASP K 73 17.84 49.95 -11.73
N PRO K 74 16.91 49.21 -11.10
CA PRO K 74 16.98 49.02 -9.65
C PRO K 74 18.28 48.41 -9.16
N LEU K 75 18.96 47.60 -9.98
CA LEU K 75 20.19 46.95 -9.52
C LEU K 75 21.28 47.98 -9.24
N LEU K 76 21.50 48.92 -10.18
CA LEU K 76 22.52 49.94 -9.97
C LEU K 76 22.07 50.97 -8.93
N THR K 77 20.81 51.40 -8.99
CA THR K 77 20.31 52.39 -8.04
C THR K 77 19.52 51.69 -6.96
N PRO K 78 20.04 51.59 -5.74
CA PRO K 78 19.34 50.81 -4.70
C PRO K 78 18.02 51.45 -4.30
N VAL K 79 17.11 50.60 -3.85
CA VAL K 79 15.77 51.03 -3.44
C VAL K 79 15.51 50.52 -2.02
N PRO K 80 14.63 51.17 -1.25
CA PRO K 80 14.36 50.72 0.11
C PRO K 80 13.75 49.33 0.13
N ALA K 81 13.77 48.71 1.32
CA ALA K 81 13.28 47.35 1.48
C ALA K 81 11.80 47.25 1.16
N SER K 82 11.04 48.34 1.33
CA SER K 82 9.62 48.33 1.00
C SER K 82 9.37 48.22 -0.49
N GLU K 83 10.38 48.47 -1.32
CA GLU K 83 10.19 48.45 -2.76
C GLU K 83 10.22 47.03 -3.32
N ASN K 84 11.25 46.28 -2.96
CA ASN K 84 11.43 44.93 -3.53
C ASN K 84 10.51 43.93 -2.84
N PRO K 85 9.63 43.26 -3.58
CA PRO K 85 8.75 42.27 -2.95
C PRO K 85 9.40 40.92 -2.69
N PHE K 86 10.50 40.61 -3.36
CA PHE K 86 11.11 39.28 -3.27
C PHE K 86 11.78 39.03 -1.93
N ARG K 87 11.91 40.04 -1.08
CA ARG K 87 12.50 39.86 0.24
C ARG K 87 11.64 38.93 1.09
N GLU L 35 -26.32 -70.84 14.83
CA GLU L 35 -25.41 -71.93 14.51
C GLU L 35 -23.98 -71.41 14.57
N LEU L 36 -23.84 -70.08 14.46
CA LEU L 36 -22.55 -69.42 14.60
C LEU L 36 -22.03 -69.48 16.03
N ASP L 37 -22.91 -69.77 16.99
CA ASP L 37 -22.50 -69.81 18.40
C ASP L 37 -21.42 -70.85 18.63
N GLN L 38 -21.55 -72.03 18.03
CA GLN L 38 -20.52 -73.03 18.27
C GLN L 38 -19.22 -72.70 17.54
N LEU L 39 -19.28 -72.00 16.40
CA LEU L 39 -18.04 -71.48 15.81
C LEU L 39 -17.35 -70.53 16.77
N ARG L 40 -18.13 -69.63 17.39
CA ARG L 40 -17.57 -68.77 18.43
C ARG L 40 -16.98 -69.61 19.57
N GLN L 41 -17.59 -70.77 19.84
CA GLN L 41 -17.08 -71.63 20.90
C GLN L 41 -15.71 -72.22 20.53
N GLU L 42 -15.54 -72.69 19.29
CA GLU L 42 -14.20 -73.17 18.93
C GLU L 42 -13.20 -72.01 18.90
N ALA L 43 -13.65 -70.81 18.53
CA ALA L 43 -12.76 -69.65 18.60
C ALA L 43 -12.30 -69.40 20.04
N GLU L 44 -13.24 -69.46 20.98
CA GLU L 44 -12.89 -69.26 22.39
C GLU L 44 -11.95 -70.33 22.90
N GLN L 45 -12.19 -71.59 22.54
CA GLN L 45 -11.30 -72.65 23.03
C GLN L 45 -9.93 -72.57 22.38
N LEU L 46 -9.85 -72.14 21.12
CA LEU L 46 -8.55 -71.91 20.49
C LEU L 46 -7.80 -70.78 21.18
N LYS L 47 -8.51 -69.71 21.54
CA LYS L 47 -7.89 -68.63 22.30
C LYS L 47 -7.40 -69.12 23.66
N ASN L 48 -8.18 -69.98 24.30
CA ASN L 48 -7.76 -70.55 25.58
C ASN L 48 -6.49 -71.39 25.43
N GLN L 49 -6.43 -72.22 24.37
CA GLN L 49 -5.22 -72.99 24.14
C GLN L 49 -4.03 -72.09 23.86
N ILE L 50 -4.24 -71.05 23.07
CA ILE L 50 -3.15 -70.13 22.82
C ILE L 50 -2.65 -69.54 24.13
N ARG L 51 -3.55 -68.99 24.95
CA ARG L 51 -3.09 -68.34 26.18
C ARG L 51 -2.43 -69.33 27.13
N ASP L 52 -2.90 -70.59 27.15
CA ASP L 52 -2.24 -71.60 27.96
C ASP L 52 -0.82 -71.85 27.46
N ALA L 53 -0.63 -71.89 26.14
CA ALA L 53 0.73 -71.99 25.60
C ALA L 53 1.54 -70.75 25.93
N ARG L 54 0.91 -69.58 25.94
CA ARG L 54 1.70 -68.37 26.18
C ARG L 54 2.18 -68.30 27.60
N LYS L 55 1.36 -68.77 28.52
CA LYS L 55 1.71 -68.61 29.94
C LYS L 55 3.08 -69.21 30.24
N ALA L 56 3.36 -70.41 29.71
CA ALA L 56 4.61 -71.08 30.01
C ALA L 56 5.84 -70.43 29.37
N CYS L 57 5.64 -69.49 28.44
CA CYS L 57 6.78 -68.90 27.75
C CYS L 57 7.61 -68.02 28.67
N ALA L 58 6.96 -67.28 29.57
CA ALA L 58 7.68 -66.34 30.42
C ALA L 58 8.65 -67.09 31.33
N ASP L 59 9.88 -66.59 31.41
CA ASP L 59 10.88 -67.20 32.27
C ASP L 59 11.59 -66.20 33.17
N ALA L 60 11.76 -64.97 32.71
CA ALA L 60 12.57 -63.97 33.40
C ALA L 60 11.68 -62.83 33.89
N THR L 61 11.57 -62.71 35.21
CA THR L 61 11.01 -61.52 35.84
C THR L 61 12.14 -60.51 35.98
N LEU L 62 12.16 -59.50 35.11
CA LEU L 62 13.34 -58.66 34.96
C LEU L 62 13.66 -57.85 36.22
N SER L 63 12.70 -57.70 37.13
CA SER L 63 12.99 -56.96 38.36
C SER L 63 14.09 -57.64 39.17
N GLN L 64 13.94 -58.94 39.43
CA GLN L 64 14.89 -59.64 40.28
C GLN L 64 16.23 -59.88 39.58
N ILE L 65 16.27 -59.85 38.25
CA ILE L 65 17.53 -60.05 37.55
C ILE L 65 18.26 -58.75 37.29
N THR L 66 17.55 -57.62 37.24
CA THR L 66 18.18 -56.31 37.05
C THR L 66 18.35 -55.55 38.36
N ASN L 67 17.88 -56.10 39.48
CA ASN L 67 18.09 -55.43 40.76
C ASN L 67 19.58 -55.35 41.11
N ASN L 68 20.39 -56.28 40.61
CA ASN L 68 21.79 -56.34 41.00
C ASN L 68 22.58 -55.15 40.47
N ILE L 69 22.28 -54.70 39.24
CA ILE L 69 23.07 -53.66 38.60
C ILE L 69 22.82 -52.31 39.28
N ASP L 70 23.68 -51.31 38.98
CA ASP L 70 23.58 -49.96 39.52
C ASP L 70 22.67 -49.09 38.65
N PRO L 71 22.03 -48.08 39.24
CA PRO L 71 21.18 -47.19 38.44
C PRO L 71 21.96 -46.06 37.78
N VAL L 72 21.26 -45.23 37.00
CA VAL L 72 21.88 -44.12 36.32
C VAL L 72 21.93 -42.92 37.26
N GLY L 73 22.87 -42.02 37.00
CA GLY L 73 22.99 -40.81 37.80
C GLY L 73 22.01 -39.73 37.37
N ARG L 74 21.86 -38.74 38.24
CA ARG L 74 20.97 -37.62 37.95
C ARG L 74 21.56 -36.74 36.85
N ILE L 75 20.67 -36.12 36.07
CA ILE L 75 21.06 -35.31 34.93
C ILE L 75 20.28 -34.00 34.96
N GLN L 76 20.88 -32.96 34.37
CA GLN L 76 20.21 -31.68 34.20
C GLN L 76 20.80 -31.00 32.97
N MET L 77 19.94 -30.64 32.02
CA MET L 77 20.36 -30.05 30.76
C MET L 77 19.84 -28.63 30.64
N ARG L 78 20.36 -27.91 29.65
CA ARG L 78 20.04 -26.51 29.44
C ARG L 78 19.52 -26.29 28.04
N THR L 79 18.49 -25.46 27.92
CA THR L 79 17.99 -25.07 26.60
C THR L 79 19.02 -24.22 25.89
N ARG L 80 19.20 -24.45 24.59
CA ARG L 80 20.20 -23.76 23.80
C ARG L 80 19.62 -22.78 22.78
N ARG L 81 18.71 -23.23 21.93
CA ARG L 81 18.18 -22.39 20.86
C ARG L 81 16.66 -22.48 20.83
N THR L 82 16.04 -21.39 20.37
CA THR L 82 14.58 -21.27 20.32
C THR L 82 14.17 -20.80 18.94
N LEU L 83 13.44 -21.64 18.21
CA LEU L 83 13.02 -21.35 16.85
C LEU L 83 11.62 -20.76 16.86
N ARG L 84 11.44 -19.65 16.14
CA ARG L 84 10.15 -18.97 16.06
C ARG L 84 9.79 -18.71 14.61
N GLY L 85 8.49 -18.58 14.35
CA GLY L 85 8.05 -18.19 13.02
C GLY L 85 6.82 -18.88 12.46
N HIS L 86 6.18 -19.77 13.21
CA HIS L 86 4.91 -20.34 12.76
C HIS L 86 3.71 -19.50 13.14
N LEU L 87 3.74 -18.85 14.31
CA LEU L 87 2.64 -17.99 14.77
C LEU L 87 1.32 -18.76 14.86
N ALA L 88 1.39 -20.05 15.19
CA ALA L 88 0.22 -20.90 15.30
C ALA L 88 0.60 -22.11 16.16
N LYS L 89 -0.23 -23.14 16.13
CA LYS L 89 -0.05 -24.34 16.94
C LYS L 89 0.66 -25.41 16.12
N ILE L 90 1.82 -25.85 16.59
CA ILE L 90 2.61 -26.87 15.91
C ILE L 90 2.05 -28.24 16.24
N TYR L 91 2.01 -29.13 15.25
CA TYR L 91 1.51 -30.48 15.44
C TYR L 91 2.50 -31.59 15.14
N ALA L 92 3.58 -31.34 14.41
CA ALA L 92 4.47 -32.43 14.01
C ALA L 92 5.85 -31.89 13.69
N MET L 93 6.80 -32.80 13.60
CA MET L 93 8.16 -32.51 13.17
C MET L 93 8.84 -33.83 12.83
N HIS L 94 9.98 -33.73 12.14
CA HIS L 94 10.74 -34.92 11.75
C HIS L 94 12.15 -34.51 11.35
N TRP L 95 13.14 -35.20 11.89
CA TRP L 95 14.55 -34.93 11.62
C TRP L 95 14.95 -35.43 10.23
N GLY L 96 16.18 -35.07 9.84
CA GLY L 96 16.80 -35.59 8.65
C GLY L 96 18.04 -36.40 9.03
N THR L 97 18.58 -37.12 8.05
CA THR L 97 19.69 -38.01 8.33
C THR L 97 21.01 -37.28 8.54
N ASP L 98 21.15 -36.06 8.02
CA ASP L 98 22.39 -35.32 8.12
C ASP L 98 22.38 -34.33 9.28
N SER L 99 21.37 -34.41 10.15
CA SER L 99 21.36 -33.74 11.46
C SER L 99 21.40 -32.22 11.35
N ARG L 100 20.97 -31.65 10.21
CA ARG L 100 20.77 -30.21 10.14
C ARG L 100 19.45 -29.87 9.44
N LEU L 101 18.52 -30.80 9.37
CA LEU L 101 17.23 -30.59 8.73
C LEU L 101 16.13 -31.08 9.64
N LEU L 102 15.03 -30.33 9.70
CA LEU L 102 13.82 -30.77 10.41
C LEU L 102 12.65 -29.97 9.90
N VAL L 103 11.61 -30.65 9.43
CA VAL L 103 10.45 -30.03 8.81
C VAL L 103 9.29 -30.02 9.80
N SER L 104 8.73 -28.84 10.05
CA SER L 104 7.62 -28.67 10.96
C SER L 104 6.36 -28.25 10.21
N ALA L 105 5.22 -28.78 10.64
CA ALA L 105 3.92 -28.47 10.06
C ALA L 105 3.07 -27.70 11.06
N SER L 106 2.38 -26.67 10.59
CA SER L 106 1.56 -25.80 11.42
C SER L 106 0.08 -26.11 11.23
N GLN L 107 -0.77 -25.31 11.88
CA GLN L 107 -2.20 -25.57 11.85
C GLN L 107 -2.88 -24.98 10.62
N ASP L 108 -2.57 -23.74 10.27
CA ASP L 108 -3.25 -23.09 9.15
C ASP L 108 -2.71 -23.54 7.79
N GLY L 109 -1.67 -24.35 7.77
CA GLY L 109 -1.11 -24.86 6.53
C GLY L 109 0.15 -24.13 6.15
N LYS L 110 1.30 -24.70 6.51
CA LYS L 110 2.59 -24.08 6.27
C LYS L 110 3.66 -25.09 6.64
N LEU L 111 4.69 -25.21 5.80
CA LEU L 111 5.86 -26.01 6.12
C LEU L 111 7.08 -25.12 6.09
N ILE L 112 7.94 -25.29 7.09
CA ILE L 112 9.19 -24.55 7.17
C ILE L 112 10.30 -25.56 7.43
N ILE L 113 11.40 -25.45 6.69
CA ILE L 113 12.54 -26.34 6.82
C ILE L 113 13.67 -25.54 7.46
N TRP L 114 14.11 -25.98 8.63
CA TRP L 114 15.02 -25.20 9.46
C TRP L 114 16.45 -25.72 9.37
N ASP L 115 17.38 -24.84 9.73
CA ASP L 115 18.78 -25.18 9.94
C ASP L 115 19.08 -25.03 11.42
N SER L 116 19.50 -26.11 12.06
CA SER L 116 19.60 -26.13 13.51
C SER L 116 20.87 -25.47 14.05
N TYR L 117 21.85 -25.19 13.20
CA TYR L 117 23.10 -24.59 13.63
C TYR L 117 23.02 -23.06 13.68
N THR L 118 22.46 -22.45 12.64
CA THR L 118 22.44 -21.01 12.48
C THR L 118 21.06 -20.41 12.75
N THR L 119 20.01 -21.23 12.79
CA THR L 119 18.63 -20.80 12.99
C THR L 119 18.18 -19.86 11.87
N ASN L 120 18.23 -20.39 10.66
CA ASN L 120 17.72 -19.71 9.48
C ASN L 120 16.82 -20.67 8.70
N LYS L 121 15.80 -20.10 8.06
CA LYS L 121 14.91 -20.90 7.23
C LYS L 121 15.52 -21.10 5.86
N VAL L 122 15.47 -22.33 5.36
CA VAL L 122 15.93 -22.61 4.00
C VAL L 122 14.78 -22.65 3.00
N HIS L 123 13.55 -22.90 3.45
CA HIS L 123 12.37 -22.89 2.60
C HIS L 123 11.16 -22.49 3.43
N ALA L 124 10.10 -22.09 2.73
CA ALA L 124 8.84 -21.72 3.36
C ALA L 124 7.75 -21.95 2.33
N ILE L 125 6.94 -22.98 2.55
CA ILE L 125 5.99 -23.49 1.56
C ILE L 125 4.58 -23.22 2.05
N PRO L 126 3.72 -22.61 1.24
CA PRO L 126 2.30 -22.52 1.60
C PRO L 126 1.52 -23.74 1.12
N LEU L 127 0.32 -23.90 1.67
CA LEU L 127 -0.56 -25.00 1.32
C LEU L 127 -1.95 -24.47 1.02
N ARG L 128 -2.81 -25.36 0.56
CA ARG L 128 -4.22 -25.04 0.30
C ARG L 128 -5.15 -25.82 1.21
N SER L 129 -4.75 -26.01 2.47
CA SER L 129 -5.55 -26.73 3.44
C SER L 129 -5.25 -26.21 4.83
N SER L 130 -6.28 -26.19 5.68
CA SER L 130 -6.18 -25.61 7.01
C SER L 130 -6.05 -26.65 8.12
N TRP L 131 -5.76 -27.91 7.78
CA TRP L 131 -5.53 -28.93 8.80
C TRP L 131 -4.51 -29.92 8.25
N VAL L 132 -3.29 -29.86 8.75
CA VAL L 132 -2.27 -30.88 8.50
C VAL L 132 -1.69 -31.34 9.83
N MET L 133 -1.65 -32.66 10.03
CA MET L 133 -1.18 -33.24 11.27
C MET L 133 0.03 -34.14 11.10
N THR L 134 0.56 -34.27 9.90
CA THR L 134 1.66 -35.19 9.67
C THR L 134 2.69 -34.55 8.76
N CYS L 135 3.90 -35.08 8.84
CA CYS L 135 5.05 -34.56 8.10
C CYS L 135 6.07 -35.68 7.97
N ALA L 136 6.77 -35.71 6.84
CA ALA L 136 7.75 -36.75 6.58
C ALA L 136 8.91 -36.15 5.81
N TYR L 137 10.06 -36.81 5.91
CA TYR L 137 11.25 -36.41 5.18
C TYR L 137 11.80 -37.63 4.45
N ALA L 138 12.42 -37.39 3.31
CA ALA L 138 12.97 -38.55 2.62
C ALA L 138 14.38 -38.82 3.07
N PRO L 139 14.76 -40.10 3.23
CA PRO L 139 16.14 -40.42 3.62
C PRO L 139 17.17 -39.92 2.63
N SER L 140 16.82 -39.86 1.33
CA SER L 140 17.73 -39.32 0.35
C SER L 140 17.95 -37.82 0.57
N GLY L 141 16.86 -37.06 0.68
CA GLY L 141 16.98 -35.66 1.06
C GLY L 141 16.26 -34.66 0.18
N ASN L 142 15.43 -35.13 -0.76
CA ASN L 142 14.77 -34.21 -1.68
C ASN L 142 13.30 -34.58 -1.88
N TYR L 143 12.62 -34.98 -0.81
CA TYR L 143 11.17 -35.13 -0.82
C TYR L 143 10.60 -34.88 0.56
N VAL L 144 9.38 -34.32 0.59
CA VAL L 144 8.58 -34.18 1.81
C VAL L 144 7.14 -34.54 1.47
N ALA L 145 6.30 -34.62 2.50
CA ALA L 145 4.90 -34.98 2.31
C ALA L 145 4.08 -34.40 3.46
N CYS L 146 2.77 -34.36 3.27
CA CYS L 146 1.87 -33.81 4.28
C CYS L 146 0.46 -34.39 4.05
N GLY L 147 -0.46 -34.04 4.95
CA GLY L 147 -1.83 -34.50 4.85
C GLY L 147 -2.65 -34.31 6.12
N GLY L 148 -3.96 -34.08 5.96
CA GLY L 148 -4.84 -33.83 7.10
C GLY L 148 -6.27 -34.19 6.77
N LEU L 149 -7.20 -33.32 7.16
CA LEU L 149 -8.62 -33.53 6.82
C LEU L 149 -8.90 -33.09 5.39
N ASP L 150 -8.12 -33.60 4.44
CA ASP L 150 -8.35 -33.32 3.03
C ASP L 150 -8.29 -34.56 2.16
N ASN L 151 -8.00 -35.73 2.75
CA ASN L 151 -8.08 -37.03 2.09
C ASN L 151 -7.09 -37.16 0.94
N ILE L 152 -6.04 -36.33 0.93
CA ILE L 152 -5.05 -36.33 -0.13
C ILE L 152 -3.66 -36.20 0.48
N CYS L 153 -2.72 -37.00 -0.01
CA CYS L 153 -1.32 -36.90 0.36
C CYS L 153 -0.56 -36.32 -0.82
N SER L 154 0.24 -35.29 -0.55
CA SER L 154 0.95 -34.55 -1.59
C SER L 154 2.45 -34.65 -1.38
N ILE L 155 3.18 -34.81 -2.48
CA ILE L 155 4.64 -34.93 -2.48
C ILE L 155 5.24 -33.70 -3.13
N TYR L 156 6.30 -33.18 -2.55
CA TYR L 156 6.92 -31.94 -2.99
C TYR L 156 8.35 -32.22 -3.42
N ASN L 157 8.74 -31.71 -4.58
CA ASN L 157 10.08 -31.92 -5.14
C ASN L 157 10.92 -30.69 -4.79
N LEU L 158 11.74 -30.83 -3.74
CA LEU L 158 12.57 -29.71 -3.32
C LEU L 158 13.61 -29.36 -4.36
N LYS L 159 14.22 -30.36 -5.00
CA LYS L 159 15.35 -30.15 -5.89
C LYS L 159 14.84 -30.07 -7.32
N THR L 160 14.88 -28.87 -7.90
CA THR L 160 14.51 -28.64 -9.29
C THR L 160 15.66 -27.96 -10.01
N ARG L 161 15.48 -27.75 -11.32
CA ARG L 161 16.48 -27.04 -12.11
C ARG L 161 16.67 -25.61 -11.61
N GLU L 162 15.57 -24.88 -11.47
CA GLU L 162 15.57 -23.53 -10.94
C GLU L 162 15.03 -23.53 -9.50
N GLY L 163 14.80 -22.33 -8.97
CA GLY L 163 14.52 -22.16 -7.56
C GLY L 163 13.09 -22.36 -7.12
N ASN L 164 12.17 -22.65 -8.02
CA ASN L 164 10.80 -22.87 -7.61
C ASN L 164 10.61 -24.27 -7.02
N VAL L 165 9.59 -24.42 -6.19
CA VAL L 165 9.18 -25.69 -5.62
C VAL L 165 7.78 -25.99 -6.14
N ARG L 166 7.58 -27.20 -6.67
CA ARG L 166 6.32 -27.53 -7.31
C ARG L 166 5.87 -28.93 -6.90
N VAL L 167 4.56 -29.15 -7.00
CA VAL L 167 3.94 -30.39 -6.55
C VAL L 167 4.21 -31.47 -7.58
N SER L 168 4.62 -32.64 -7.12
CA SER L 168 4.93 -33.75 -8.05
C SER L 168 3.72 -34.65 -8.29
N ARG L 169 3.18 -35.24 -7.23
CA ARG L 169 2.09 -36.19 -7.36
C ARG L 169 1.01 -35.91 -6.32
N GLU L 170 -0.20 -36.39 -6.61
CA GLU L 170 -1.32 -36.36 -5.68
C GLU L 170 -1.83 -37.78 -5.49
N LEU L 171 -1.93 -38.21 -4.23
CA LEU L 171 -2.25 -39.61 -3.90
C LEU L 171 -3.59 -39.65 -3.18
N ALA L 172 -4.66 -39.78 -3.95
CA ALA L 172 -6.00 -39.96 -3.39
C ALA L 172 -6.41 -41.42 -3.47
N GLY L 173 -7.54 -41.74 -2.86
CA GLY L 173 -8.07 -43.10 -2.92
C GLY L 173 -8.73 -43.62 -1.66
N HIS L 174 -8.36 -43.11 -0.50
CA HIS L 174 -8.95 -43.52 0.77
C HIS L 174 -9.82 -42.41 1.32
N THR L 175 -10.95 -42.80 1.92
CA THR L 175 -12.01 -41.86 2.27
C THR L 175 -11.95 -41.35 3.71
N GLY L 176 -10.95 -41.76 4.50
CA GLY L 176 -10.79 -41.25 5.84
C GLY L 176 -9.88 -40.04 5.86
N TYR L 177 -9.51 -39.64 7.08
CA TYR L 177 -8.55 -38.55 7.26
C TYR L 177 -7.17 -39.16 7.46
N LEU L 178 -6.20 -38.65 6.71
CA LEU L 178 -4.85 -39.19 6.78
C LEU L 178 -4.23 -38.87 8.14
N SER L 179 -3.46 -39.83 8.66
CA SER L 179 -2.94 -39.72 10.01
C SER L 179 -1.42 -39.85 10.12
N CYS L 180 -0.77 -40.59 9.23
CA CYS L 180 0.68 -40.76 9.33
C CYS L 180 1.24 -41.13 7.95
N CYS L 181 2.51 -40.79 7.73
CA CYS L 181 3.18 -41.07 6.47
C CYS L 181 4.65 -41.34 6.75
N ARG L 182 5.17 -42.44 6.20
CA ARG L 182 6.58 -42.78 6.31
C ARG L 182 7.09 -43.31 4.99
N PHE L 183 8.29 -42.88 4.59
CA PHE L 183 8.92 -43.35 3.37
C PHE L 183 9.69 -44.63 3.64
N LEU L 184 9.28 -45.73 3.00
CA LEU L 184 10.15 -46.90 2.93
C LEU L 184 11.39 -46.62 2.09
N ASP L 185 11.21 -45.92 0.98
CA ASP L 185 12.32 -45.48 0.13
C ASP L 185 11.79 -44.34 -0.73
N ASP L 186 12.64 -43.85 -1.63
CA ASP L 186 12.25 -42.70 -2.47
C ASP L 186 11.06 -43.00 -3.36
N ASN L 187 10.81 -44.26 -3.69
CA ASN L 187 9.73 -44.63 -4.59
C ASN L 187 8.62 -45.42 -3.91
N GLN L 188 8.71 -45.65 -2.61
CA GLN L 188 7.69 -46.41 -1.89
C GLN L 188 7.26 -45.62 -0.66
N ILE L 189 5.94 -45.48 -0.47
CA ILE L 189 5.38 -44.76 0.65
C ILE L 189 4.29 -45.62 1.29
N VAL L 190 4.17 -45.55 2.60
CA VAL L 190 3.14 -46.26 3.36
C VAL L 190 2.33 -45.23 4.15
N THR L 191 1.01 -45.34 4.09
CA THR L 191 0.10 -44.40 4.72
C THR L 191 -0.70 -45.09 5.81
N SER L 192 -1.39 -44.27 6.61
CA SER L 192 -2.25 -44.77 7.68
C SER L 192 -3.52 -43.94 7.71
N SER L 193 -4.62 -44.52 7.24
CA SER L 193 -5.89 -43.81 7.17
C SER L 193 -6.63 -43.97 8.50
N GLY L 194 -7.87 -43.49 8.53
CA GLY L 194 -8.68 -43.56 9.74
C GLY L 194 -9.79 -44.60 9.63
N ASP L 195 -10.14 -44.98 8.40
CA ASP L 195 -11.21 -45.95 8.16
C ASP L 195 -10.66 -47.36 8.05
N THR L 196 -9.88 -47.77 9.05
CA THR L 196 -9.29 -49.11 9.16
C THR L 196 -8.59 -49.49 7.85
N THR L 197 -7.59 -48.70 7.48
CA THR L 197 -6.90 -48.90 6.23
C THR L 197 -5.42 -48.59 6.38
N CYS L 198 -4.58 -49.47 5.81
CA CYS L 198 -3.16 -49.21 5.64
C CYS L 198 -2.77 -49.76 4.28
N ALA L 199 -1.97 -49.02 3.52
CA ALA L 199 -1.67 -49.42 2.16
C ALA L 199 -0.35 -48.80 1.72
N LEU L 200 0.17 -49.32 0.62
CA LEU L 200 1.36 -48.79 -0.04
C LEU L 200 0.95 -48.18 -1.38
N TRP L 201 1.87 -47.41 -1.96
CA TRP L 201 1.60 -46.74 -3.22
C TRP L 201 2.84 -46.79 -4.09
N ASP L 202 2.64 -46.56 -5.39
CA ASP L 202 3.73 -46.44 -6.35
C ASP L 202 3.73 -45.00 -6.83
N ILE L 203 4.86 -44.32 -6.63
CA ILE L 203 4.90 -42.87 -6.85
C ILE L 203 4.81 -42.54 -8.34
N GLU L 204 5.55 -43.27 -9.17
CA GLU L 204 5.61 -42.94 -10.59
C GLU L 204 4.25 -43.08 -11.26
N THR L 205 3.52 -44.16 -10.96
CA THR L 205 2.23 -44.40 -11.58
C THR L 205 1.10 -43.74 -10.79
N GLY L 206 0.95 -44.10 -9.53
CA GLY L 206 -0.01 -43.42 -8.67
C GLY L 206 -1.22 -44.22 -8.23
N GLN L 207 -1.06 -45.52 -8.04
CA GLN L 207 -2.13 -46.37 -7.53
C GLN L 207 -1.59 -47.28 -6.43
N GLN L 208 -2.52 -47.94 -5.73
CA GLN L 208 -2.15 -48.80 -4.61
C GLN L 208 -1.54 -50.10 -5.11
N THR L 209 -0.30 -50.36 -4.72
CA THR L 209 0.32 -51.63 -5.04
C THR L 209 -0.26 -52.76 -4.20
N THR L 210 -0.42 -52.53 -2.89
CA THR L 210 -0.97 -53.51 -1.98
C THR L 210 -1.89 -52.82 -0.97
N THR L 211 -2.78 -53.60 -0.38
CA THR L 211 -3.76 -53.10 0.57
C THR L 211 -3.80 -54.00 1.79
N PHE L 212 -3.80 -53.41 2.98
CA PHE L 212 -3.85 -54.14 4.23
C PHE L 212 -5.18 -53.89 4.94
N THR L 213 -5.58 -54.83 5.77
CA THR L 213 -6.83 -54.71 6.53
C THR L 213 -6.78 -55.67 7.70
N GLY L 214 -7.66 -55.43 8.67
CA GLY L 214 -7.76 -56.31 9.82
C GLY L 214 -8.03 -55.59 11.13
N HIS L 215 -7.94 -54.26 11.12
CA HIS L 215 -8.19 -53.48 12.31
C HIS L 215 -9.69 -53.32 12.56
N THR L 216 -10.03 -53.08 13.82
CA THR L 216 -11.43 -52.92 14.23
C THR L 216 -11.72 -51.55 14.83
N GLY L 217 -10.75 -50.65 14.86
CA GLY L 217 -10.96 -49.34 15.43
C GLY L 217 -10.46 -48.22 14.55
N ASP L 218 -9.57 -47.39 15.07
CA ASP L 218 -8.95 -46.31 14.31
C ASP L 218 -7.44 -46.42 14.45
N VAL L 219 -6.73 -46.29 13.33
CA VAL L 219 -5.28 -46.32 13.32
C VAL L 219 -4.77 -44.89 13.37
N MET L 220 -3.81 -44.64 14.26
CA MET L 220 -3.31 -43.28 14.45
C MET L 220 -1.80 -43.20 14.62
N SER L 221 -1.06 -44.28 14.43
CA SER L 221 0.40 -44.25 14.54
C SER L 221 0.97 -45.55 14.01
N LEU L 222 2.23 -45.49 13.60
CA LEU L 222 2.99 -46.67 13.19
C LEU L 222 4.46 -46.29 13.12
N SER L 223 5.31 -47.32 13.07
CA SER L 223 6.75 -47.12 13.00
C SER L 223 7.37 -48.24 12.18
N LEU L 224 8.57 -47.98 11.69
CA LEU L 224 9.28 -48.91 10.81
C LEU L 224 10.47 -49.53 11.54
N ALA L 225 10.67 -50.83 11.31
CA ALA L 225 11.82 -51.52 11.87
C ALA L 225 13.10 -51.08 11.15
N PRO L 226 14.25 -51.21 11.81
CA PRO L 226 15.51 -50.79 11.17
C PRO L 226 15.81 -51.51 9.86
N ASP L 227 15.35 -52.75 9.71
CA ASP L 227 15.68 -53.54 8.52
C ASP L 227 14.73 -53.30 7.36
N THR L 228 13.79 -52.35 7.50
CA THR L 228 12.87 -51.96 6.42
C THR L 228 12.07 -53.13 5.89
N ARG L 229 11.67 -54.04 6.77
CA ARG L 229 10.79 -55.14 6.39
C ARG L 229 9.65 -55.39 7.36
N LEU L 230 9.62 -54.72 8.52
CA LEU L 230 8.57 -54.93 9.50
C LEU L 230 8.07 -53.57 10.00
N PHE L 231 6.76 -53.48 10.22
CA PHE L 231 6.18 -52.29 10.82
C PHE L 231 4.98 -52.72 11.65
N VAL L 232 4.80 -52.07 12.81
CA VAL L 232 3.68 -52.35 13.70
C VAL L 232 2.77 -51.13 13.74
N SER L 233 1.47 -51.36 13.57
CA SER L 233 0.49 -50.29 13.58
C SER L 233 -0.11 -50.15 14.97
N GLY L 234 -0.99 -49.16 15.12
CA GLY L 234 -1.73 -48.97 16.34
C GLY L 234 -3.22 -49.17 16.12
N ALA L 235 -3.98 -48.98 17.18
CA ALA L 235 -5.42 -49.12 17.09
C ALA L 235 -6.08 -48.30 18.19
N CYS L 236 -7.30 -47.87 17.92
CA CYS L 236 -8.05 -47.12 18.92
C CYS L 236 -8.44 -48.01 20.09
N ASP L 237 -8.82 -49.26 19.82
CA ASP L 237 -9.27 -50.18 20.86
C ASP L 237 -8.12 -51.00 21.44
N ALA L 238 -7.04 -50.32 21.82
CA ALA L 238 -5.92 -50.91 22.54
C ALA L 238 -5.46 -52.22 21.91
N SER L 239 -5.00 -52.13 20.66
CA SER L 239 -4.56 -53.31 19.93
C SER L 239 -3.27 -52.97 19.17
N ALA L 240 -2.33 -53.92 19.15
CA ALA L 240 -1.09 -53.78 18.43
C ALA L 240 -0.91 -54.98 17.51
N LYS L 241 -0.62 -54.72 16.25
CA LYS L 241 -0.47 -55.77 15.24
C LYS L 241 0.83 -55.55 14.49
N LEU L 242 1.36 -56.63 13.92
CA LEU L 242 2.62 -56.59 13.18
C LEU L 242 2.40 -57.24 11.82
N TRP L 243 2.77 -56.51 10.77
CA TRP L 243 2.61 -56.97 9.39
C TRP L 243 3.97 -57.15 8.74
N ASP L 244 3.96 -57.81 7.58
CA ASP L 244 5.12 -57.91 6.71
C ASP L 244 4.86 -57.15 5.41
N VAL L 245 5.83 -56.36 4.99
CA VAL L 245 5.64 -55.49 3.83
C VAL L 245 5.45 -56.30 2.56
N ARG L 246 6.15 -57.43 2.44
CA ARG L 246 6.17 -58.18 1.18
C ARG L 246 4.80 -58.76 0.85
N GLU L 247 4.20 -59.48 1.79
CA GLU L 247 2.94 -60.19 1.53
C GLU L 247 1.74 -59.60 2.26
N GLY L 248 1.92 -59.18 3.50
CA GLY L 248 0.80 -58.67 4.28
C GLY L 248 0.20 -59.69 5.22
N MET L 249 1.04 -60.35 6.01
CA MET L 249 0.59 -61.34 6.99
C MET L 249 0.72 -60.78 8.39
N CYS L 250 -0.33 -60.86 9.19
CA CYS L 250 -0.30 -60.39 10.57
C CYS L 250 0.23 -61.47 11.51
N ARG L 251 1.55 -61.61 11.61
CA ARG L 251 2.16 -62.67 12.40
C ARG L 251 1.97 -62.71 13.94
N GLN L 252 1.66 -61.60 14.61
CA GLN L 252 1.37 -61.59 16.04
C GLN L 252 0.41 -60.47 16.37
N THR L 253 -0.23 -60.59 17.53
CA THR L 253 -1.13 -59.57 18.06
C THR L 253 -0.89 -59.43 19.56
N PHE L 254 -0.85 -58.18 20.03
CA PHE L 254 -0.60 -57.89 21.43
C PHE L 254 -1.79 -57.12 22.00
N THR L 255 -1.87 -57.09 23.34
CA THR L 255 -2.96 -56.44 24.04
C THR L 255 -2.45 -56.00 25.41
N GLY L 256 -3.30 -55.26 26.14
CA GLY L 256 -2.98 -54.90 27.50
C GLY L 256 -3.44 -53.53 27.97
N HIS L 257 -3.61 -52.59 27.04
CA HIS L 257 -4.05 -51.26 27.43
C HIS L 257 -5.57 -51.21 27.53
N GLU L 258 -6.07 -50.12 28.12
CA GLU L 258 -7.49 -49.89 28.27
C GLU L 258 -7.96 -48.60 27.58
N SER L 259 -7.15 -48.06 26.67
CA SER L 259 -7.50 -46.82 26.00
C SER L 259 -6.78 -46.76 24.67
N ASP L 260 -6.81 -45.59 24.02
CA ASP L 260 -6.20 -45.42 22.71
C ASP L 260 -4.69 -45.35 22.84
N ILE L 261 -3.99 -46.08 21.98
CA ILE L 261 -2.53 -46.04 21.91
C ILE L 261 -2.13 -44.91 20.97
N ASN L 262 -1.24 -44.02 21.42
CA ASN L 262 -0.90 -42.82 20.67
C ASN L 262 0.54 -42.79 20.16
N ALA L 263 1.44 -43.60 20.71
CA ALA L 263 2.85 -43.54 20.34
C ALA L 263 3.43 -44.95 20.29
N ILE L 264 4.18 -45.25 19.23
CA ILE L 264 4.87 -46.52 19.09
C ILE L 264 6.30 -46.25 18.62
N CYS L 265 7.26 -46.94 19.22
CA CYS L 265 8.67 -46.79 18.85
C CYS L 265 9.37 -48.13 19.02
N PHE L 266 10.58 -48.23 18.48
CA PHE L 266 11.39 -49.45 18.53
C PHE L 266 12.69 -49.22 19.31
N PHE L 267 13.05 -50.21 20.11
CA PHE L 267 14.41 -50.32 20.62
C PHE L 267 15.33 -50.58 19.42
N PRO L 268 16.47 -49.88 19.32
CA PRO L 268 17.29 -50.00 18.10
C PRO L 268 17.73 -51.41 17.75
N ASN L 269 17.81 -52.33 18.71
CA ASN L 269 18.21 -53.69 18.36
C ASN L 269 17.20 -54.36 17.44
N GLY L 270 15.92 -54.13 17.67
CA GLY L 270 14.87 -54.64 16.82
C GLY L 270 14.05 -55.80 17.35
N ASN L 271 14.05 -56.03 18.67
CA ASN L 271 13.32 -57.15 19.25
C ASN L 271 12.34 -56.69 20.33
N ALA L 272 11.97 -55.41 20.34
CA ALA L 272 11.09 -54.87 21.36
C ALA L 272 10.56 -53.50 20.95
N PHE L 273 9.26 -53.28 21.12
CA PHE L 273 8.66 -51.97 20.89
C PHE L 273 7.91 -51.53 22.14
N ALA L 274 8.10 -50.26 22.51
CA ALA L 274 7.49 -49.67 23.68
C ALA L 274 6.40 -48.70 23.26
N THR L 275 5.21 -48.85 23.82
CA THR L 275 4.06 -48.03 23.47
C THR L 275 3.60 -47.24 24.69
N GLY L 276 2.74 -46.26 24.43
CA GLY L 276 2.15 -45.47 25.49
C GLY L 276 0.66 -45.29 25.26
N SER L 277 0.00 -44.73 26.27
CA SER L 277 -1.44 -44.49 26.20
C SER L 277 -1.78 -43.30 27.08
N ASP L 278 -3.02 -42.84 26.97
CA ASP L 278 -3.44 -41.65 27.69
C ASP L 278 -3.66 -41.88 29.18
N ASP L 279 -3.77 -43.12 29.62
CA ASP L 279 -3.99 -43.38 31.05
C ASP L 279 -2.68 -43.61 31.81
N ALA L 280 -1.70 -42.74 31.55
CA ALA L 280 -0.44 -42.68 32.29
C ALA L 280 0.22 -44.05 32.47
N THR L 281 0.27 -44.83 31.39
CA THR L 281 0.96 -46.12 31.40
C THR L 281 1.94 -46.20 30.24
N CYS L 282 3.14 -46.72 30.51
CA CYS L 282 4.11 -47.07 29.49
C CYS L 282 4.46 -48.54 29.63
N ARG L 283 4.36 -49.29 28.53
CA ARG L 283 4.54 -50.73 28.54
C ARG L 283 5.57 -51.12 27.48
N LEU L 284 6.57 -51.89 27.90
CA LEU L 284 7.55 -52.45 26.98
C LEU L 284 7.23 -53.91 26.72
N PHE L 285 7.08 -54.27 25.44
CA PHE L 285 6.74 -55.62 25.02
C PHE L 285 7.94 -56.29 24.38
N ASP L 286 7.90 -57.62 24.35
CA ASP L 286 8.93 -58.41 23.70
C ASP L 286 8.30 -59.34 22.67
N LEU L 287 8.91 -59.42 21.49
CA LEU L 287 8.38 -60.27 20.44
C LEU L 287 8.46 -61.75 20.81
N ARG L 288 9.56 -62.15 21.45
CA ARG L 288 9.75 -63.56 21.79
C ARG L 288 8.76 -64.01 22.86
N ALA L 289 8.58 -63.20 23.90
CA ALA L 289 7.73 -63.61 25.01
C ALA L 289 6.25 -63.48 24.70
N ASP L 290 5.88 -62.52 23.84
CA ASP L 290 4.49 -62.20 23.53
C ASP L 290 3.71 -61.75 24.75
N GLN L 291 4.40 -61.29 25.79
CA GLN L 291 3.78 -60.90 27.04
C GLN L 291 4.45 -59.63 27.55
N GLU L 292 3.64 -58.76 28.17
CA GLU L 292 4.17 -57.52 28.73
C GLU L 292 5.23 -57.83 29.78
N LEU L 293 6.36 -57.14 29.69
CA LEU L 293 7.50 -57.43 30.56
C LEU L 293 7.51 -56.56 31.82
N MET L 294 7.61 -55.25 31.65
CA MET L 294 7.56 -54.30 32.75
C MET L 294 6.39 -53.34 32.55
N THR L 295 6.31 -52.34 33.43
CA THR L 295 5.30 -51.31 33.33
C THR L 295 5.83 -50.07 34.02
N TYR L 296 5.74 -48.93 33.34
CA TYR L 296 6.26 -47.67 33.83
C TYR L 296 5.09 -46.80 34.28
N SER L 297 4.78 -46.83 35.57
CA SER L 297 3.65 -46.08 36.11
C SER L 297 4.09 -45.29 37.33
N HIS L 298 3.47 -44.13 37.52
CA HIS L 298 3.70 -43.30 38.69
C HIS L 298 2.36 -42.90 39.30
N ASP L 299 2.37 -42.68 40.61
CA ASP L 299 1.12 -42.38 41.31
C ASP L 299 0.61 -40.97 41.03
N ASN L 300 1.52 -40.01 40.87
CA ASN L 300 1.11 -38.61 40.73
C ASN L 300 0.58 -38.29 39.34
N ILE L 301 1.13 -38.91 38.29
CA ILE L 301 0.77 -38.54 36.93
C ILE L 301 -0.69 -38.94 36.67
N ILE L 302 -1.44 -38.02 36.05
CA ILE L 302 -2.85 -38.25 35.77
C ILE L 302 -3.19 -37.92 34.31
N CYS L 303 -2.26 -37.28 33.61
CA CYS L 303 -2.51 -36.83 32.25
C CYS L 303 -2.17 -37.93 31.25
N GLY L 304 -2.13 -37.58 29.96
CA GLY L 304 -1.95 -38.55 28.90
C GLY L 304 -0.62 -38.42 28.19
N ILE L 305 -0.16 -39.53 27.62
CA ILE L 305 1.09 -39.61 26.87
C ILE L 305 0.80 -39.24 25.42
N THR L 306 1.70 -38.45 24.82
CA THR L 306 1.54 -38.04 23.43
C THR L 306 2.68 -38.44 22.51
N SER L 307 3.84 -38.80 23.05
CA SER L 307 4.98 -39.19 22.23
C SER L 307 6.04 -39.84 23.12
N VAL L 308 6.70 -40.87 22.60
CA VAL L 308 7.81 -41.52 23.29
C VAL L 308 8.93 -41.76 22.29
N SER L 309 10.15 -41.90 22.83
CA SER L 309 11.32 -42.11 21.99
C SER L 309 12.46 -42.66 22.85
N PHE L 310 13.27 -43.52 22.23
CA PHE L 310 14.46 -44.08 22.86
C PHE L 310 15.70 -43.30 22.43
N SER L 311 16.74 -43.40 23.25
CA SER L 311 18.02 -42.75 22.95
C SER L 311 18.83 -43.61 21.99
N LYS L 312 20.10 -43.24 21.80
CA LYS L 312 20.98 -43.99 20.90
C LYS L 312 21.23 -45.39 21.43
N SER L 313 21.86 -45.50 22.60
CA SER L 313 22.10 -46.81 23.20
C SER L 313 20.81 -47.49 23.61
N GLY L 314 19.88 -46.74 24.17
CA GLY L 314 18.62 -47.26 24.64
C GLY L 314 18.51 -47.38 26.14
N ARG L 315 19.32 -46.63 26.90
CA ARG L 315 19.32 -46.73 28.35
C ARG L 315 18.22 -45.90 28.98
N LEU L 316 17.74 -44.87 28.29
CA LEU L 316 16.74 -43.95 28.81
C LEU L 316 15.52 -43.94 27.90
N LEU L 317 14.39 -43.53 28.48
CA LEU L 317 13.12 -43.43 27.76
C LEU L 317 12.52 -42.06 28.05
N LEU L 318 12.11 -41.35 27.00
CA LEU L 318 11.53 -40.03 27.11
C LEU L 318 10.06 -40.09 26.71
N ALA L 319 9.23 -39.29 27.39
CA ALA L 319 7.81 -39.25 27.11
C ALA L 319 7.31 -37.82 27.30
N GLY L 320 6.18 -37.52 26.66
CA GLY L 320 5.56 -36.21 26.75
C GLY L 320 4.23 -36.31 27.47
N TYR L 321 3.92 -35.28 28.25
CA TYR L 321 2.73 -35.29 29.10
C TYR L 321 1.85 -34.10 28.80
N ASP L 322 0.55 -34.28 29.03
CA ASP L 322 -0.45 -33.24 28.83
C ASP L 322 -0.44 -32.21 29.95
N ASP L 323 0.29 -32.44 31.05
CA ASP L 323 0.36 -31.53 32.21
C ASP L 323 1.17 -30.30 31.96
N PHE L 324 1.59 -30.09 30.71
CA PHE L 324 2.39 -28.92 30.32
C PHE L 324 3.87 -29.08 30.69
N ASN L 325 4.33 -30.31 30.89
CA ASN L 325 5.72 -30.55 31.25
C ASN L 325 6.18 -31.87 30.62
N CYS L 326 7.41 -32.26 30.94
CA CYS L 326 8.01 -33.46 30.39
C CYS L 326 9.14 -33.91 31.32
N ASN L 327 9.25 -35.21 31.55
CA ASN L 327 10.31 -35.77 32.38
C ASN L 327 10.89 -37.00 31.71
N VAL L 328 12.12 -37.33 32.09
CA VAL L 328 12.82 -38.48 31.51
C VAL L 328 12.80 -39.63 32.52
N TRP L 329 12.40 -40.80 32.05
CA TRP L 329 12.36 -42.00 32.88
C TRP L 329 13.60 -42.86 32.63
N ASP L 330 13.60 -44.05 33.23
CA ASP L 330 14.65 -45.05 33.00
C ASP L 330 14.01 -46.36 32.59
N ALA L 331 14.66 -47.05 31.66
CA ALA L 331 14.10 -48.25 31.04
C ALA L 331 14.15 -49.47 31.95
N LEU L 332 15.25 -49.67 32.67
CA LEU L 332 15.46 -50.93 33.35
C LEU L 332 14.83 -50.95 34.75
N LYS L 333 15.13 -49.96 35.57
CA LYS L 333 14.64 -49.93 36.94
C LYS L 333 13.42 -49.04 37.12
N ALA L 334 12.91 -48.44 36.04
CA ALA L 334 11.71 -47.60 36.09
C ALA L 334 11.86 -46.48 37.12
N ASP L 335 13.04 -45.87 37.16
CA ASP L 335 13.36 -44.81 38.11
C ASP L 335 13.41 -43.48 37.37
N ARG L 336 12.49 -42.58 37.70
CA ARG L 336 12.46 -41.26 37.09
C ARG L 336 13.69 -40.47 37.52
N ALA L 337 14.47 -40.00 36.55
CA ALA L 337 15.74 -39.33 36.84
C ALA L 337 15.56 -37.82 37.01
N GLY L 338 15.03 -37.16 35.99
CA GLY L 338 14.90 -35.72 36.01
C GLY L 338 13.65 -35.26 35.30
N VAL L 339 13.48 -33.94 35.24
CA VAL L 339 12.31 -33.32 34.61
C VAL L 339 12.79 -32.22 33.68
N LEU L 340 12.02 -31.98 32.62
CA LEU L 340 12.31 -30.95 31.63
C LEU L 340 11.13 -29.99 31.56
N ALA L 341 11.36 -28.73 31.90
CA ALA L 341 10.32 -27.71 31.89
C ALA L 341 10.74 -26.53 31.01
N GLY L 342 9.79 -25.65 30.73
CA GLY L 342 10.07 -24.49 29.93
C GLY L 342 8.97 -24.10 28.96
N HIS L 343 7.93 -24.92 28.87
CA HIS L 343 6.84 -24.69 27.93
C HIS L 343 5.59 -24.22 28.67
N ASP L 344 4.83 -23.36 28.01
CA ASP L 344 3.63 -22.77 28.60
C ASP L 344 2.34 -23.37 28.06
N ASN L 345 2.42 -24.49 27.36
CA ASN L 345 1.23 -25.14 26.82
C ASN L 345 1.58 -26.60 26.53
N ARG L 346 0.68 -27.30 25.83
CA ARG L 346 0.77 -28.74 25.64
C ARG L 346 2.06 -29.12 24.92
N VAL L 347 2.39 -30.39 24.98
CA VAL L 347 3.54 -30.96 24.27
C VAL L 347 3.02 -32.03 23.32
N SER L 348 3.28 -31.84 22.02
CA SER L 348 2.70 -32.71 21.00
C SER L 348 3.70 -33.38 20.08
N CYS L 349 5.00 -33.19 20.28
CA CYS L 349 5.99 -33.85 19.44
C CYS L 349 7.31 -33.92 20.18
N LEU L 350 8.13 -34.90 19.77
CA LEU L 350 9.43 -35.12 20.38
C LEU L 350 10.28 -35.93 19.41
N GLY L 351 11.56 -35.65 19.37
CA GLY L 351 12.45 -36.31 18.42
C GLY L 351 13.88 -36.36 18.93
N VAL L 352 14.59 -37.41 18.54
CA VAL L 352 15.99 -37.61 18.91
C VAL L 352 16.79 -37.84 17.63
N THR L 353 17.93 -37.16 17.52
CA THR L 353 18.77 -37.27 16.34
C THR L 353 19.30 -38.69 16.18
N ASP L 354 19.59 -39.08 14.94
CA ASP L 354 20.15 -40.40 14.68
C ASP L 354 21.47 -40.59 15.41
N ASP L 355 22.34 -39.57 15.39
CA ASP L 355 23.58 -39.65 16.16
C ASP L 355 23.29 -39.71 17.65
N GLY L 356 22.37 -38.86 18.12
CA GLY L 356 21.92 -38.91 19.50
C GLY L 356 22.50 -37.86 20.41
N MET L 357 22.70 -36.65 19.91
CA MET L 357 23.21 -35.55 20.72
C MET L 357 22.29 -34.33 20.71
N ALA L 358 21.02 -34.52 20.36
CA ALA L 358 20.09 -33.40 20.24
C ALA L 358 18.68 -33.88 20.54
N VAL L 359 17.90 -33.00 21.18
CA VAL L 359 16.49 -33.24 21.48
C VAL L 359 15.71 -31.99 21.09
N ALA L 360 14.56 -32.18 20.47
CA ALA L 360 13.72 -31.06 20.06
C ALA L 360 12.27 -31.34 20.47
N THR L 361 11.62 -30.32 20.99
CA THR L 361 10.25 -30.42 21.50
C THR L 361 9.42 -29.25 20.97
N GLY L 362 8.19 -29.54 20.55
CA GLY L 362 7.33 -28.50 20.02
C GLY L 362 5.98 -28.41 20.69
N SER L 363 5.64 -27.24 21.23
CA SER L 363 4.44 -27.07 22.01
C SER L 363 3.28 -26.58 21.13
N TRP L 364 2.15 -26.26 21.75
CA TRP L 364 1.04 -25.64 21.04
C TRP L 364 1.18 -24.13 20.96
N ASP L 365 2.09 -23.52 21.72
CA ASP L 365 2.50 -22.16 21.46
C ASP L 365 3.62 -22.15 20.41
N SER L 366 3.72 -21.05 19.68
CA SER L 366 4.57 -21.02 18.49
C SER L 366 6.05 -20.87 18.85
N PHE L 367 6.55 -21.84 19.60
CA PHE L 367 7.98 -21.92 19.89
C PHE L 367 8.44 -23.37 19.78
N LEU L 368 9.65 -23.55 19.28
CA LEU L 368 10.29 -24.86 19.16
C LEU L 368 11.66 -24.75 19.81
N LYS L 369 11.96 -25.69 20.69
CA LYS L 369 13.12 -25.58 21.58
C LYS L 369 14.10 -26.72 21.30
N ILE L 370 15.28 -26.39 20.78
CA ILE L 370 16.36 -27.36 20.74
C ILE L 370 16.84 -27.61 22.17
N TRP L 371 17.29 -28.83 22.44
CA TRP L 371 17.62 -29.21 23.81
C TRP L 371 18.93 -29.99 23.79
N ASN L 372 19.69 -29.87 24.88
CA ASN L 372 20.95 -30.59 25.00
C ASN L 372 21.40 -30.66 26.46
N ALA M 32 -22.40 -60.12 7.64
CA ALA M 32 -21.54 -61.20 7.20
C ALA M 32 -20.74 -61.78 8.37
N SER M 33 -21.44 -62.13 9.45
CA SER M 33 -20.76 -62.70 10.61
C SER M 33 -20.12 -64.02 10.24
N ILE M 34 -20.81 -64.82 9.44
CA ILE M 34 -20.26 -66.10 9.00
C ILE M 34 -19.01 -65.88 8.18
N ALA M 35 -19.03 -64.88 7.30
CA ALA M 35 -17.85 -64.58 6.48
C ALA M 35 -16.70 -64.15 7.37
N GLN M 36 -17.00 -63.36 8.39
CA GLN M 36 -15.96 -62.94 9.32
C GLN M 36 -15.35 -64.14 10.02
N ALA M 37 -16.20 -65.07 10.43
CA ALA M 37 -15.70 -66.25 11.12
C ALA M 37 -14.80 -67.01 10.17
N ARG M 38 -15.22 -67.11 8.92
CA ARG M 38 -14.40 -67.76 7.92
C ARG M 38 -13.00 -67.18 7.95
N LYS M 39 -12.88 -65.87 8.09
CA LYS M 39 -11.57 -65.24 8.12
C LYS M 39 -10.93 -65.23 9.49
N LEU M 40 -11.68 -64.80 10.50
CA LEU M 40 -11.14 -64.67 11.85
C LEU M 40 -10.54 -65.97 12.38
N VAL M 41 -11.26 -67.07 12.22
CA VAL M 41 -10.78 -68.32 12.77
C VAL M 41 -9.47 -68.72 12.10
N GLU M 42 -9.38 -68.52 10.80
CA GLU M 42 -8.17 -68.87 10.07
C GLU M 42 -7.00 -68.03 10.56
N GLN M 43 -7.24 -66.75 10.79
CA GLN M 43 -6.18 -65.87 11.29
C GLN M 43 -5.72 -66.33 12.67
N LEU M 44 -6.68 -66.71 13.52
CA LEU M 44 -6.34 -67.17 14.86
C LEU M 44 -5.48 -68.41 14.75
N LYS M 45 -5.83 -69.28 13.83
CA LYS M 45 -5.07 -70.50 13.63
C LYS M 45 -3.64 -70.20 13.21
N MET M 46 -3.47 -69.39 12.17
CA MET M 46 -2.13 -69.15 11.68
C MET M 46 -1.23 -68.42 12.66
N GLU M 47 -1.78 -67.95 13.78
CA GLU M 47 -1.05 -67.10 14.69
C GLU M 47 -0.53 -67.96 15.81
N ALA M 48 -1.35 -68.89 16.29
CA ALA M 48 -0.96 -69.72 17.42
C ALA M 48 0.23 -70.60 17.13
N ASN M 49 0.30 -71.15 15.94
CA ASN M 49 1.36 -72.12 15.67
C ASN M 49 2.69 -71.46 15.33
N ILE M 50 3.33 -70.86 16.33
CA ILE M 50 4.62 -70.23 16.10
C ILE M 50 5.62 -70.65 17.16
N ASP M 51 6.87 -70.27 16.97
CA ASP M 51 7.92 -70.71 17.88
C ASP M 51 8.06 -69.71 19.02
N ARG M 52 7.85 -70.18 20.25
CA ARG M 52 7.98 -69.33 21.43
C ARG M 52 9.21 -69.83 22.16
N ILE M 53 10.02 -68.93 22.68
CA ILE M 53 11.30 -69.30 23.28
C ILE M 53 11.48 -68.68 24.66
N LYS M 54 12.63 -68.92 25.27
CA LYS M 54 12.86 -68.56 26.66
C LYS M 54 13.19 -67.08 26.79
N VAL M 55 12.72 -66.46 27.87
CA VAL M 55 12.81 -65.01 28.02
C VAL M 55 14.17 -64.59 28.57
N SER M 56 14.81 -65.42 29.39
CA SER M 56 16.05 -65.02 30.04
C SER M 56 17.15 -64.73 29.02
N LYS M 57 17.18 -65.50 27.94
CA LYS M 57 18.18 -65.23 26.89
C LYS M 57 17.94 -63.89 26.23
N ALA M 58 16.67 -63.53 26.01
CA ALA M 58 16.35 -62.23 25.47
C ALA M 58 16.76 -61.11 26.42
N ALA M 59 16.52 -61.30 27.72
CA ALA M 59 16.94 -60.29 28.69
C ALA M 59 18.46 -60.14 28.71
N ALA M 60 19.18 -61.26 28.63
CA ALA M 60 20.64 -61.20 28.59
C ALA M 60 21.12 -60.49 27.33
N ASP M 61 20.46 -60.74 26.19
CA ASP M 61 20.82 -60.04 24.96
C ASP M 61 20.56 -58.54 25.09
N LEU M 62 19.46 -58.17 25.72
CA LEU M 62 19.18 -56.76 25.96
C LEU M 62 20.27 -56.12 26.82
N MET M 63 20.67 -56.81 27.89
CA MET M 63 21.74 -56.30 28.74
C MET M 63 23.06 -56.16 27.96
N ALA M 64 23.39 -57.16 27.14
CA ALA M 64 24.63 -57.09 26.37
C ALA M 64 24.60 -55.93 25.38
N TYR M 65 23.46 -55.72 24.72
CA TYR M 65 23.34 -54.60 23.78
C TYR M 65 23.44 -53.27 24.50
N CYS M 66 22.82 -53.15 25.67
CA CYS M 66 22.85 -51.88 26.39
C CYS M 66 24.24 -51.56 26.93
N GLU M 67 24.94 -52.57 27.47
CA GLU M 67 26.22 -52.32 28.11
C GLU M 67 27.32 -52.05 27.10
N ALA M 68 27.32 -52.78 25.98
CA ALA M 68 28.43 -52.70 25.04
C ALA M 68 28.50 -51.33 24.37
N HIS M 69 27.35 -50.72 24.09
CA HIS M 69 27.29 -49.48 23.30
C HIS M 69 27.19 -48.25 24.19
N ALA M 70 27.85 -48.25 25.35
CA ALA M 70 27.88 -47.08 26.21
C ALA M 70 28.72 -45.95 25.63
N LYS M 71 29.56 -46.24 24.62
CA LYS M 71 30.40 -45.22 24.02
C LYS M 71 29.67 -44.36 23.01
N GLU M 72 28.45 -44.74 22.60
CA GLU M 72 27.72 -44.07 21.55
C GLU M 72 26.69 -43.09 22.07
N ASP M 73 26.67 -42.82 23.37
CA ASP M 73 25.65 -41.94 23.96
C ASP M 73 26.29 -40.66 24.48
N PRO M 74 26.26 -39.57 23.71
CA PRO M 74 26.79 -38.30 24.23
C PRO M 74 25.99 -37.73 25.38
N LEU M 75 24.75 -38.16 25.59
CA LEU M 75 23.93 -37.61 26.67
C LEU M 75 24.41 -38.13 28.02
N LEU M 76 24.45 -39.46 28.18
CA LEU M 76 24.86 -40.05 29.45
C LEU M 76 26.31 -39.73 29.77
N THR M 77 27.19 -39.82 28.78
CA THR M 77 28.60 -39.55 28.99
C THR M 77 28.90 -38.11 28.59
N PRO M 78 29.28 -37.24 29.51
CA PRO M 78 29.51 -35.82 29.15
C PRO M 78 30.65 -35.69 28.15
N VAL M 79 30.51 -34.70 27.27
CA VAL M 79 31.47 -34.44 26.20
C VAL M 79 31.94 -32.99 26.32
N PRO M 80 33.21 -32.70 26.06
CA PRO M 80 33.68 -31.31 26.15
C PRO M 80 32.93 -30.40 25.19
N ALA M 81 32.83 -29.13 25.58
CA ALA M 81 32.05 -28.15 24.81
C ALA M 81 32.60 -27.94 23.40
N SER M 82 33.87 -28.30 23.15
CA SER M 82 34.46 -28.12 21.85
C SER M 82 33.91 -29.08 20.81
N GLU M 83 33.12 -30.08 21.21
CA GLU M 83 32.60 -31.09 20.30
C GLU M 83 31.18 -30.78 19.82
N ASN M 84 30.26 -30.50 20.74
CA ASN M 84 28.87 -30.26 20.38
C ASN M 84 28.73 -28.92 19.66
N PRO M 85 28.21 -28.90 18.43
CA PRO M 85 28.08 -27.62 17.71
C PRO M 85 26.86 -26.82 18.09
N PHE M 86 25.92 -27.38 18.86
CA PHE M 86 24.70 -26.68 19.21
C PHE M 86 24.90 -25.64 20.30
N ARG M 87 26.08 -25.54 20.88
CA ARG M 87 26.36 -24.54 21.90
C ARG M 87 26.24 -23.12 21.32
N GLU N 35 43.27 -55.55 -32.80
CA GLU N 35 44.33 -54.95 -33.59
C GLU N 35 44.62 -53.54 -33.08
N LEU N 36 43.64 -52.95 -32.37
CA LEU N 36 43.79 -51.60 -31.85
C LEU N 36 44.92 -51.50 -30.83
N ASP N 37 45.38 -52.63 -30.30
CA ASP N 37 46.48 -52.60 -29.33
C ASP N 37 47.74 -52.06 -29.97
N GLN N 38 48.01 -52.40 -31.23
CA GLN N 38 49.18 -51.86 -31.91
C GLN N 38 49.04 -50.35 -32.14
N LEU N 39 47.83 -49.88 -32.44
CA LEU N 39 47.63 -48.44 -32.58
C LEU N 39 47.80 -47.72 -31.25
N ARG N 40 47.43 -48.36 -30.15
CA ARG N 40 47.73 -47.79 -28.84
C ARG N 40 49.22 -47.77 -28.59
N GLN N 41 49.93 -48.84 -28.97
CA GLN N 41 51.36 -48.89 -28.68
C GLN N 41 52.12 -47.86 -29.52
N GLU N 42 51.69 -47.65 -30.77
CA GLU N 42 52.33 -46.64 -31.60
C GLU N 42 52.07 -45.24 -31.06
N ALA N 43 50.85 -44.98 -30.56
CA ALA N 43 50.61 -43.69 -29.90
C ALA N 43 51.46 -43.55 -28.65
N GLU N 44 51.63 -44.63 -27.89
CA GLU N 44 52.45 -44.60 -26.70
C GLU N 44 53.91 -44.29 -27.03
N GLN N 45 54.45 -44.92 -28.06
CA GLN N 45 55.84 -44.66 -28.42
C GLN N 45 56.02 -43.27 -29.01
N LEU N 46 55.00 -42.76 -29.72
CA LEU N 46 55.05 -41.36 -30.16
C LEU N 46 55.09 -40.42 -28.97
N LYS N 47 54.27 -40.68 -27.95
CA LYS N 47 54.32 -39.86 -26.74
C LYS N 47 55.68 -39.97 -26.06
N ASN N 48 56.26 -41.17 -26.06
CA ASN N 48 57.59 -41.36 -25.47
C ASN N 48 58.64 -40.52 -26.19
N GLN N 49 58.62 -40.55 -27.52
CA GLN N 49 59.60 -39.77 -28.27
C GLN N 49 59.36 -38.26 -28.12
N ILE N 50 58.10 -37.85 -28.00
CA ILE N 50 57.81 -36.45 -27.72
C ILE N 50 58.39 -36.04 -26.37
N ARG N 51 58.23 -36.89 -25.36
CA ARG N 51 58.81 -36.59 -24.05
C ARG N 51 60.34 -36.55 -24.11
N ASP N 52 60.94 -37.46 -24.88
CA ASP N 52 62.40 -37.45 -25.04
C ASP N 52 62.87 -36.15 -25.68
N ALA N 53 62.16 -35.68 -26.70
CA ALA N 53 62.51 -34.40 -27.31
C ALA N 53 62.24 -33.24 -26.36
N ARG N 54 61.23 -33.36 -25.50
CA ARG N 54 60.85 -32.28 -24.60
C ARG N 54 61.83 -32.13 -23.45
N LYS N 55 62.42 -33.24 -22.99
CA LYS N 55 63.33 -33.17 -21.84
C LYS N 55 64.56 -32.32 -22.15
N ALA N 56 65.10 -32.46 -23.36
CA ALA N 56 66.39 -31.85 -23.68
C ALA N 56 66.33 -30.32 -23.71
N CYS N 57 65.21 -29.75 -24.16
CA CYS N 57 65.15 -28.31 -24.40
C CYS N 57 65.24 -27.48 -23.12
N ALA N 58 65.06 -28.09 -21.95
CA ALA N 58 65.17 -27.33 -20.71
C ALA N 58 66.61 -26.91 -20.48
N ASP N 59 66.84 -25.61 -20.30
CA ASP N 59 68.19 -25.08 -20.14
C ASP N 59 68.41 -24.37 -18.81
N ALA N 60 67.54 -23.46 -18.42
CA ALA N 60 67.78 -22.56 -17.30
C ALA N 60 66.79 -22.84 -16.17
N THR N 61 67.31 -23.15 -14.99
CA THR N 61 66.52 -23.19 -13.76
C THR N 61 66.47 -21.78 -13.20
N LEU N 62 65.28 -21.17 -13.24
CA LEU N 62 65.18 -19.74 -12.94
C LEU N 62 65.59 -19.39 -11.51
N SER N 63 65.48 -20.34 -10.58
CA SER N 63 65.85 -20.06 -9.20
C SER N 63 67.33 -19.71 -9.07
N GLN N 64 68.20 -20.56 -9.64
CA GLN N 64 69.63 -20.35 -9.48
C GLN N 64 70.14 -19.16 -10.27
N ILE N 65 69.42 -18.73 -11.30
CA ILE N 65 69.86 -17.59 -12.09
C ILE N 65 69.30 -16.27 -11.53
N THR N 66 68.14 -16.31 -10.87
CA THR N 66 67.54 -15.13 -10.30
C THR N 66 67.81 -14.99 -8.80
N ASN N 67 68.58 -15.91 -8.21
CA ASN N 67 68.96 -15.76 -6.81
C ASN N 67 69.76 -14.49 -6.55
N ASN N 68 70.51 -14.02 -7.55
CA ASN N 68 71.39 -12.87 -7.34
C ASN N 68 70.60 -11.59 -7.08
N ILE N 69 69.51 -11.38 -7.82
CA ILE N 69 68.76 -10.13 -7.71
C ILE N 69 68.11 -10.04 -6.33
N ASP N 70 67.97 -8.81 -5.83
CA ASP N 70 67.38 -8.60 -4.53
C ASP N 70 65.86 -8.82 -4.57
N PRO N 71 65.26 -9.20 -3.44
CA PRO N 71 63.80 -9.38 -3.40
C PRO N 71 63.06 -8.08 -3.13
N VAL N 72 61.73 -8.14 -3.09
CA VAL N 72 60.91 -6.97 -2.82
C VAL N 72 60.66 -6.86 -1.32
N GLY N 73 60.32 -5.64 -0.88
CA GLY N 73 60.05 -5.39 0.51
C GLY N 73 58.61 -5.68 0.91
N ARG N 74 58.34 -5.54 2.21
CA ARG N 74 57.01 -5.75 2.73
C ARG N 74 56.08 -4.61 2.33
N ILE N 75 54.78 -4.92 2.32
CA ILE N 75 53.76 -3.96 1.89
C ILE N 75 52.51 -4.17 2.73
N GLN N 76 51.82 -3.07 3.02
CA GLN N 76 50.52 -3.09 3.68
C GLN N 76 49.65 -2.00 3.07
N MET N 77 48.47 -2.37 2.60
CA MET N 77 47.58 -1.44 1.91
C MET N 77 46.34 -1.17 2.76
N ARG N 78 45.62 -0.12 2.39
CA ARG N 78 44.50 0.39 3.16
C ARG N 78 43.22 0.30 2.35
N THR N 79 42.20 -0.33 2.93
CA THR N 79 40.89 -0.39 2.30
C THR N 79 40.27 1.00 2.27
N ARG N 80 39.66 1.34 1.13
CA ARG N 80 39.14 2.68 0.90
C ARG N 80 37.61 2.75 0.82
N ARG N 81 37.01 1.97 -0.07
CA ARG N 81 35.56 2.07 -0.31
C ARG N 81 34.92 0.68 -0.25
N THR N 82 33.68 0.65 0.21
CA THR N 82 32.93 -0.59 0.39
C THR N 82 31.57 -0.44 -0.29
N LEU N 83 31.45 -1.00 -1.48
CA LEU N 83 30.20 -0.93 -2.24
C LEU N 83 29.16 -1.85 -1.63
N ARG N 84 27.92 -1.36 -1.55
CA ARG N 84 26.82 -2.14 -1.03
C ARG N 84 25.60 -1.99 -1.94
N GLY N 85 24.71 -2.98 -1.89
CA GLY N 85 23.51 -2.95 -2.72
C GLY N 85 23.06 -4.31 -3.22
N HIS N 86 23.98 -5.26 -3.36
CA HIS N 86 23.59 -6.64 -3.58
C HIS N 86 23.10 -7.26 -2.29
N LEU N 87 22.09 -8.11 -2.38
CA LEU N 87 21.51 -8.78 -1.22
C LEU N 87 21.53 -10.29 -1.40
N ALA N 88 22.62 -10.80 -1.98
CA ALA N 88 22.76 -12.22 -2.25
C ALA N 88 24.26 -12.52 -2.36
N LYS N 89 24.59 -13.69 -2.89
CA LYS N 89 25.98 -14.13 -3.00
C LYS N 89 26.54 -13.69 -4.35
N ILE N 90 27.51 -12.77 -4.33
CA ILE N 90 28.17 -12.32 -5.55
C ILE N 90 29.03 -13.44 -6.11
N TYR N 91 29.08 -13.54 -7.43
CA TYR N 91 29.86 -14.59 -8.08
C TYR N 91 30.90 -14.07 -9.05
N ALA N 92 30.63 -12.98 -9.77
CA ALA N 92 31.51 -12.55 -10.85
C ALA N 92 31.61 -11.04 -10.86
N MET N 93 32.63 -10.55 -11.56
CA MET N 93 32.80 -9.11 -11.79
C MET N 93 33.78 -8.92 -12.94
N HIS N 94 33.74 -7.73 -13.53
CA HIS N 94 34.63 -7.40 -14.63
C HIS N 94 34.79 -5.89 -14.73
N TRP N 95 36.01 -5.45 -15.07
CA TRP N 95 36.34 -4.04 -15.24
C TRP N 95 36.03 -3.57 -16.66
N GLY N 96 36.05 -2.25 -16.84
CA GLY N 96 36.00 -1.64 -18.16
C GLY N 96 37.37 -1.08 -18.52
N THR N 97 37.47 -0.60 -19.77
CA THR N 97 38.72 0.00 -20.23
C THR N 97 39.08 1.23 -19.41
N ASP N 98 38.14 2.16 -19.28
CA ASP N 98 38.34 3.29 -18.37
C ASP N 98 38.19 2.80 -16.94
N SER N 99 38.97 3.41 -16.04
CA SER N 99 39.01 2.98 -14.66
C SER N 99 37.86 3.60 -13.88
N ARG N 100 36.63 3.44 -14.38
CA ARG N 100 35.49 4.10 -13.77
C ARG N 100 34.22 3.25 -13.74
N LEU N 101 34.27 1.99 -14.17
CA LEU N 101 33.06 1.19 -14.29
C LEU N 101 33.33 -0.25 -13.90
N LEU N 102 32.39 -0.85 -13.17
CA LEU N 102 32.41 -2.25 -12.81
C LEU N 102 31.04 -2.85 -13.09
N VAL N 103 31.02 -4.13 -13.41
CA VAL N 103 29.79 -4.90 -13.50
C VAL N 103 29.88 -6.07 -12.53
N SER N 104 28.77 -6.37 -11.86
CA SER N 104 28.72 -7.47 -10.91
C SER N 104 27.38 -8.17 -11.04
N ALA N 105 27.41 -9.50 -11.01
CA ALA N 105 26.21 -10.31 -11.10
C ALA N 105 26.08 -11.15 -9.84
N SER N 106 24.87 -11.18 -9.29
CA SER N 106 24.60 -11.92 -8.06
C SER N 106 23.78 -13.16 -8.38
N GLN N 107 23.38 -13.87 -7.33
CA GLN N 107 22.70 -15.15 -7.49
C GLN N 107 21.25 -15.01 -7.91
N ASP N 108 20.68 -13.80 -7.85
CA ASP N 108 19.27 -13.57 -8.18
C ASP N 108 19.18 -12.36 -9.10
N GLY N 109 19.29 -12.59 -10.40
CA GLY N 109 19.20 -11.48 -11.35
C GLY N 109 20.22 -10.41 -11.01
N LYS N 110 19.75 -9.18 -10.92
CA LYS N 110 20.52 -8.06 -10.34
C LYS N 110 21.88 -7.89 -11.02
N LEU N 111 21.84 -7.53 -12.29
CA LEU N 111 23.03 -7.06 -12.98
C LEU N 111 23.17 -5.56 -12.72
N ILE N 112 24.25 -5.14 -12.07
CA ILE N 112 24.40 -3.77 -11.61
C ILE N 112 25.72 -3.22 -12.12
N ILE N 113 25.72 -1.97 -12.57
CA ILE N 113 26.91 -1.28 -13.04
C ILE N 113 27.24 -0.15 -12.08
N TRP N 114 28.46 -0.15 -11.55
CA TRP N 114 28.87 0.76 -10.50
C TRP N 114 29.79 1.84 -11.04
N ASP N 115 29.85 2.94 -10.28
CA ASP N 115 30.82 4.01 -10.49
C ASP N 115 31.79 3.99 -9.31
N SER N 116 33.09 3.87 -9.61
CA SER N 116 34.08 3.58 -8.58
C SER N 116 34.61 4.82 -7.86
N TYR N 117 34.28 6.03 -8.33
CA TYR N 117 34.77 7.24 -7.69
C TYR N 117 33.77 7.84 -6.70
N THR N 118 32.48 7.68 -6.94
CA THR N 118 31.45 8.29 -6.11
C THR N 118 30.57 7.26 -5.42
N THR N 119 30.70 5.98 -5.77
CA THR N 119 29.88 4.90 -5.20
C THR N 119 28.40 5.14 -5.45
N ASN N 120 28.05 5.32 -6.73
CA ASN N 120 26.67 5.46 -7.16
C ASN N 120 26.39 4.47 -8.28
N LYS N 121 25.16 3.99 -8.33
CA LYS N 121 24.74 3.10 -9.39
C LYS N 121 24.30 3.89 -10.61
N VAL N 122 24.72 3.45 -11.78
CA VAL N 122 24.27 4.08 -13.03
C VAL N 122 23.20 3.26 -13.73
N HIS N 123 23.10 1.96 -13.45
CA HIS N 123 22.05 1.11 -14.00
C HIS N 123 21.76 -0.02 -13.02
N ALA N 124 20.60 -0.63 -13.19
CA ALA N 124 20.21 -1.78 -12.37
C ALA N 124 19.21 -2.60 -13.20
N ILE N 125 19.70 -3.68 -13.80
CA ILE N 125 18.91 -4.48 -14.75
C ILE N 125 18.41 -5.72 -14.03
N PRO N 126 17.11 -6.02 -14.06
CA PRO N 126 16.62 -7.31 -13.59
C PRO N 126 16.78 -8.37 -14.66
N LEU N 127 16.77 -9.63 -14.22
CA LEU N 127 16.93 -10.76 -15.10
C LEU N 127 15.82 -11.77 -14.84
N ARG N 128 15.55 -12.59 -15.86
CA ARG N 128 14.48 -13.58 -15.78
C ARG N 128 14.94 -14.92 -15.21
N SER N 129 16.24 -15.19 -15.20
CA SER N 129 16.78 -16.44 -14.70
C SER N 129 17.37 -16.26 -13.31
N SER N 130 17.40 -17.35 -12.55
CA SER N 130 17.80 -17.31 -11.14
C SER N 130 19.19 -17.88 -10.87
N TRP N 131 20.00 -18.10 -11.90
CA TRP N 131 21.37 -18.55 -11.69
C TRP N 131 22.22 -17.96 -12.82
N VAL N 132 22.97 -16.91 -12.50
CA VAL N 132 23.96 -16.34 -13.40
C VAL N 132 25.32 -16.40 -12.73
N MET N 133 26.30 -16.97 -13.44
CA MET N 133 27.64 -17.16 -12.91
C MET N 133 28.72 -16.44 -13.72
N THR N 134 28.34 -15.69 -14.75
CA THR N 134 29.32 -15.04 -15.61
C THR N 134 28.81 -13.66 -16.01
N CYS N 135 29.75 -12.78 -16.38
CA CYS N 135 29.42 -11.42 -16.77
C CYS N 135 30.60 -10.83 -17.51
N ALA N 136 30.32 -10.09 -18.59
CA ALA N 136 31.36 -9.53 -19.42
C ALA N 136 31.02 -8.09 -19.76
N TYR N 137 32.04 -7.34 -20.13
CA TYR N 137 31.87 -5.95 -20.57
C TYR N 137 32.47 -5.79 -21.96
N ALA N 138 31.85 -4.95 -22.78
CA ALA N 138 32.38 -4.71 -24.11
C ALA N 138 33.54 -3.71 -24.05
N PRO N 139 34.61 -3.96 -24.80
CA PRO N 139 35.71 -2.98 -24.83
C PRO N 139 35.30 -1.63 -25.36
N SER N 140 34.34 -1.57 -26.28
CA SER N 140 33.83 -0.27 -26.75
C SER N 140 33.11 0.47 -25.62
N GLY N 141 32.18 -0.21 -24.95
CA GLY N 141 31.58 0.35 -23.76
C GLY N 141 30.06 0.44 -23.76
N ASN N 142 29.40 -0.26 -24.68
CA ASN N 142 27.94 -0.21 -24.75
C ASN N 142 27.36 -1.59 -25.00
N TYR N 143 27.94 -2.62 -24.39
CA TYR N 143 27.35 -3.95 -24.37
C TYR N 143 27.77 -4.68 -23.10
N VAL N 144 26.90 -5.59 -22.66
CA VAL N 144 27.18 -6.52 -21.57
C VAL N 144 26.57 -7.86 -21.94
N ALA N 145 26.83 -8.88 -21.12
CA ALA N 145 26.31 -10.21 -21.39
C ALA N 145 26.15 -10.96 -20.08
N CYS N 146 25.37 -12.04 -20.12
CA CYS N 146 25.11 -12.85 -18.94
C CYS N 146 24.97 -14.30 -19.36
N GLY N 147 24.76 -15.17 -18.37
CA GLY N 147 24.60 -16.59 -18.62
C GLY N 147 24.72 -17.43 -17.36
N GLY N 148 24.14 -18.63 -17.38
CA GLY N 148 24.17 -19.51 -16.23
C GLY N 148 23.59 -20.87 -16.54
N LEU N 149 22.76 -21.40 -15.63
CA LEU N 149 22.12 -22.69 -15.85
C LEU N 149 20.90 -22.59 -16.76
N ASP N 150 20.65 -21.43 -17.35
CA ASP N 150 19.56 -21.24 -18.29
C ASP N 150 19.94 -21.62 -19.72
N ASN N 151 21.20 -22.00 -19.96
CA ASN N 151 21.66 -22.49 -21.26
C ASN N 151 21.49 -21.45 -22.36
N ILE N 152 21.47 -20.18 -22.00
CA ILE N 152 21.24 -19.08 -22.94
C ILE N 152 22.17 -17.92 -22.57
N CYS N 153 22.77 -17.31 -23.59
CA CYS N 153 23.54 -16.09 -23.43
C CYS N 153 22.77 -14.93 -24.04
N SER N 154 22.63 -13.85 -23.28
CA SER N 154 21.82 -12.70 -23.69
C SER N 154 22.69 -11.45 -23.73
N ILE N 155 22.43 -10.59 -24.71
CA ILE N 155 23.19 -9.36 -24.93
C ILE N 155 22.29 -8.18 -24.67
N TYR N 156 22.81 -7.16 -23.98
CA TYR N 156 22.03 -6.01 -23.57
C TYR N 156 22.62 -4.75 -24.20
N ASN N 157 21.75 -3.89 -24.73
CA ASN N 157 22.16 -2.68 -25.40
C ASN N 157 21.95 -1.51 -24.45
N LEU N 158 23.03 -1.08 -23.79
CA LEU N 158 22.92 0.00 -22.81
C LEU N 158 22.56 1.32 -23.49
N LYS N 159 23.12 1.59 -24.66
CA LYS N 159 22.96 2.88 -25.34
C LYS N 159 21.84 2.78 -26.35
N THR N 160 20.77 3.53 -26.13
CA THR N 160 19.61 3.49 -27.04
C THR N 160 18.83 4.79 -26.87
N ARG N 161 17.70 4.86 -27.58
CA ARG N 161 16.83 6.02 -27.49
C ARG N 161 16.26 6.18 -26.09
N GLU N 162 16.14 7.43 -25.64
CA GLU N 162 15.62 7.78 -24.32
C GLU N 162 16.50 7.09 -23.27
N GLY N 163 15.91 6.70 -22.15
CA GLY N 163 16.64 5.95 -21.15
C GLY N 163 15.93 4.66 -20.78
N ASN N 164 16.52 3.54 -21.17
CA ASN N 164 16.00 2.20 -20.91
C ASN N 164 16.99 1.20 -21.44
N VAL N 165 16.90 -0.04 -20.96
CA VAL N 165 17.74 -1.14 -21.40
C VAL N 165 16.84 -2.23 -21.93
N ARG N 166 17.08 -2.67 -23.15
CA ARG N 166 16.28 -3.70 -23.78
C ARG N 166 17.18 -4.75 -24.41
N VAL N 167 16.69 -6.00 -24.42
CA VAL N 167 17.46 -7.11 -24.95
C VAL N 167 17.65 -6.93 -26.46
N SER N 168 18.88 -7.13 -26.92
CA SER N 168 19.19 -6.98 -28.34
C SER N 168 19.12 -8.31 -29.09
N ARG N 169 19.86 -9.32 -28.63
CA ARG N 169 19.83 -10.63 -29.24
C ARG N 169 19.94 -11.71 -28.18
N GLU N 170 19.30 -12.85 -28.43
CA GLU N 170 19.28 -13.97 -27.51
C GLU N 170 19.78 -15.21 -28.24
N LEU N 171 20.87 -15.79 -27.75
CA LEU N 171 21.55 -16.88 -28.40
C LEU N 171 21.11 -18.22 -27.81
N ALA N 172 21.38 -19.29 -28.55
CA ALA N 172 21.06 -20.64 -28.11
C ALA N 172 21.76 -21.61 -29.04
N GLY N 173 21.86 -22.87 -28.61
CA GLY N 173 22.46 -23.89 -29.44
C GLY N 173 23.26 -24.97 -28.73
N HIS N 174 23.70 -24.70 -27.50
CA HIS N 174 24.44 -25.68 -26.71
C HIS N 174 23.63 -26.06 -25.49
N THR N 175 23.64 -27.35 -25.16
CA THR N 175 22.76 -27.92 -24.14
C THR N 175 23.39 -28.00 -22.75
N GLY N 176 24.62 -27.51 -22.58
CA GLY N 176 25.24 -27.47 -21.27
C GLY N 176 24.93 -26.18 -20.54
N TYR N 177 25.55 -26.03 -19.37
CA TYR N 177 25.43 -24.79 -18.60
C TYR N 177 26.59 -23.88 -18.97
N LEU N 178 26.27 -22.65 -19.35
CA LEU N 178 27.30 -21.72 -19.79
C LEU N 178 28.21 -21.35 -18.62
N SER N 179 29.49 -21.18 -18.91
CA SER N 179 30.50 -20.99 -17.87
C SER N 179 31.27 -19.69 -17.99
N CYS N 180 31.58 -19.23 -19.20
CA CYS N 180 32.37 -18.03 -19.37
C CYS N 180 32.01 -17.36 -20.69
N CYS N 181 32.26 -16.05 -20.76
CA CYS N 181 31.95 -15.25 -21.94
C CYS N 181 32.93 -14.10 -22.05
N ARG N 182 33.57 -13.97 -23.21
CA ARG N 182 34.51 -12.89 -23.48
C ARG N 182 34.28 -12.33 -24.87
N PHE N 183 34.34 -11.02 -25.01
CA PHE N 183 34.20 -10.36 -26.31
C PHE N 183 35.55 -10.27 -27.00
N LEU N 184 35.64 -10.81 -28.22
CA LEU N 184 36.77 -10.50 -29.08
C LEU N 184 36.63 -9.09 -29.65
N ASP N 185 35.41 -8.71 -30.02
CA ASP N 185 35.11 -7.36 -30.50
C ASP N 185 33.61 -7.18 -30.37
N ASP N 186 33.12 -6.02 -30.82
CA ASP N 186 31.70 -5.70 -30.66
C ASP N 186 30.79 -6.68 -31.40
N ASN N 187 31.29 -7.31 -32.46
CA ASN N 187 30.48 -8.22 -33.26
C ASN N 187 30.91 -9.67 -33.16
N GLN N 188 31.92 -9.99 -32.34
CA GLN N 188 32.39 -11.35 -32.19
C GLN N 188 32.44 -11.71 -30.71
N ILE N 189 31.88 -12.87 -30.37
CA ILE N 189 31.85 -13.35 -28.99
C ILE N 189 32.31 -14.80 -28.97
N VAL N 190 33.07 -15.17 -27.94
CA VAL N 190 33.52 -16.54 -27.73
C VAL N 190 32.96 -17.01 -26.40
N THR N 191 32.43 -18.24 -26.38
CA THR N 191 31.79 -18.80 -25.20
C THR N 191 32.49 -20.07 -24.76
N SER N 192 32.04 -20.61 -23.63
CA SER N 192 32.59 -21.86 -23.08
C SER N 192 31.44 -22.66 -22.48
N SER N 193 30.93 -23.62 -23.24
CA SER N 193 29.85 -24.46 -22.77
C SER N 193 30.37 -25.49 -21.76
N GLY N 194 29.48 -26.35 -21.27
CA GLY N 194 29.86 -27.36 -20.33
C GLY N 194 29.91 -28.75 -20.93
N ASP N 195 29.35 -28.90 -22.12
CA ASP N 195 29.35 -30.19 -22.82
C ASP N 195 30.54 -30.32 -23.78
N THR N 196 31.73 -30.03 -23.27
CA THR N 196 32.99 -30.11 -24.01
C THR N 196 32.89 -29.35 -25.35
N THR N 197 32.62 -28.05 -25.24
CA THR N 197 32.40 -27.25 -26.42
C THR N 197 32.91 -25.84 -26.21
N CYS N 198 33.57 -25.30 -27.24
CA CYS N 198 33.88 -23.88 -27.33
C CYS N 198 33.57 -23.44 -28.75
N ALA N 199 32.99 -22.26 -28.89
CA ALA N 199 32.54 -21.83 -30.21
C ALA N 199 32.48 -20.31 -30.27
N LEU N 200 32.37 -19.80 -31.48
CA LEU N 200 32.18 -18.38 -31.74
C LEU N 200 30.79 -18.15 -32.32
N TRP N 201 30.38 -16.89 -32.34
CA TRP N 201 29.06 -16.52 -32.82
C TRP N 201 29.17 -15.22 -33.61
N ASP N 202 28.21 -15.04 -34.52
CA ASP N 202 28.06 -13.79 -35.27
C ASP N 202 26.80 -13.11 -34.75
N ILE N 203 26.95 -11.88 -34.27
CA ILE N 203 25.86 -11.23 -33.53
C ILE N 203 24.72 -10.86 -34.46
N GLU N 204 25.03 -10.29 -35.62
CA GLU N 204 23.98 -9.82 -36.52
C GLU N 204 23.12 -10.97 -37.03
N THR N 205 23.75 -12.07 -37.44
CA THR N 205 23.01 -13.23 -37.89
C THR N 205 22.42 -14.02 -36.72
N GLY N 206 23.14 -14.05 -35.59
CA GLY N 206 22.76 -14.90 -34.47
C GLY N 206 23.10 -16.36 -34.63
N GLN N 207 23.96 -16.71 -35.59
CA GLN N 207 24.30 -18.09 -35.88
C GLN N 207 25.77 -18.35 -35.57
N GLN N 208 26.08 -19.61 -35.31
CA GLN N 208 27.46 -20.00 -35.04
C GLN N 208 28.31 -19.87 -36.31
N THR N 209 29.55 -19.43 -36.14
CA THR N 209 30.50 -19.32 -37.24
C THR N 209 31.53 -20.44 -37.24
N THR N 210 32.22 -20.65 -36.11
CA THR N 210 33.24 -21.68 -35.99
C THR N 210 33.01 -22.46 -34.71
N THR N 211 33.24 -23.77 -34.76
CA THR N 211 33.03 -24.65 -33.63
C THR N 211 34.33 -25.38 -33.30
N PHE N 212 34.65 -25.46 -32.01
CA PHE N 212 35.86 -26.14 -31.54
C PHE N 212 35.47 -27.40 -30.77
N THR N 213 36.43 -28.31 -30.67
CA THR N 213 36.23 -29.56 -29.93
C THR N 213 37.59 -30.18 -29.64
N GLY N 214 37.59 -31.13 -28.71
CA GLY N 214 38.82 -31.85 -28.38
C GLY N 214 39.00 -32.11 -26.91
N HIS N 215 38.20 -31.48 -26.06
CA HIS N 215 38.31 -31.68 -24.63
C HIS N 215 37.68 -33.01 -24.22
N THR N 216 38.07 -33.48 -23.04
CA THR N 216 37.55 -34.74 -22.49
C THR N 216 36.93 -34.57 -21.11
N GLY N 217 36.91 -33.36 -20.56
CA GLY N 217 36.34 -33.13 -19.24
C GLY N 217 35.28 -32.05 -19.25
N ASP N 218 35.49 -31.02 -18.43
CA ASP N 218 34.59 -29.87 -18.37
C ASP N 218 35.43 -28.60 -18.42
N VAL N 219 34.99 -27.64 -19.23
CA VAL N 219 35.68 -26.37 -19.36
C VAL N 219 35.08 -25.40 -18.36
N MET N 220 35.93 -24.67 -17.64
CA MET N 220 35.46 -23.77 -16.60
C MET N 220 36.09 -22.38 -16.65
N SER N 221 37.06 -22.15 -17.52
CA SER N 221 37.71 -20.85 -17.62
C SER N 221 38.48 -20.75 -18.92
N LEU N 222 38.72 -19.52 -19.36
CA LEU N 222 39.58 -19.23 -20.49
C LEU N 222 39.88 -17.74 -20.49
N SER N 223 40.92 -17.37 -21.23
CA SER N 223 41.31 -15.96 -21.32
C SER N 223 41.94 -15.70 -22.69
N LEU N 224 41.96 -14.43 -23.06
CA LEU N 224 42.44 -14.01 -24.37
C LEU N 224 43.84 -13.41 -24.28
N ALA N 225 44.63 -13.62 -25.33
CA ALA N 225 45.94 -13.03 -25.40
C ALA N 225 45.82 -11.52 -25.64
N PRO N 226 46.85 -10.76 -25.30
CA PRO N 226 46.79 -9.31 -25.51
C PRO N 226 46.53 -8.91 -26.96
N ASP N 227 47.05 -9.67 -27.92
CA ASP N 227 46.91 -9.35 -29.33
C ASP N 227 45.61 -9.85 -29.93
N THR N 228 44.74 -10.48 -29.14
CA THR N 228 43.42 -10.93 -29.59
C THR N 228 43.52 -11.88 -30.78
N ARG N 229 44.45 -12.84 -30.68
CA ARG N 229 44.58 -13.88 -31.70
C ARG N 229 44.71 -15.28 -31.13
N LEU N 230 44.99 -15.45 -29.84
CA LEU N 230 45.15 -16.76 -29.23
C LEU N 230 44.42 -16.79 -27.90
N PHE N 231 43.94 -17.97 -27.51
CA PHE N 231 43.32 -18.14 -26.21
C PHE N 231 43.54 -19.58 -25.77
N VAL N 232 43.61 -19.79 -24.46
CA VAL N 232 43.81 -21.10 -23.87
C VAL N 232 42.62 -21.41 -22.96
N SER N 233 42.11 -22.63 -23.07
CA SER N 233 40.99 -23.08 -22.26
C SER N 233 41.48 -23.95 -21.12
N GLY N 234 40.58 -24.21 -20.17
CA GLY N 234 40.83 -25.12 -19.08
C GLY N 234 40.11 -26.44 -19.28
N ALA N 235 40.24 -27.31 -18.28
CA ALA N 235 39.59 -28.61 -18.36
C ALA N 235 39.48 -29.18 -16.95
N CYS N 236 38.52 -30.11 -16.79
CA CYS N 236 38.33 -30.77 -15.51
C CYS N 236 39.41 -31.81 -15.25
N ASP N 237 39.99 -32.39 -16.30
CA ASP N 237 41.04 -33.39 -16.15
C ASP N 237 42.43 -32.78 -16.06
N ALA N 238 42.52 -31.51 -15.66
CA ALA N 238 43.80 -30.82 -15.47
C ALA N 238 44.65 -30.83 -16.74
N SER N 239 44.03 -30.45 -17.86
CA SER N 239 44.71 -30.36 -19.14
C SER N 239 44.50 -28.97 -19.74
N ALA N 240 45.55 -28.45 -20.36
CA ALA N 240 45.54 -27.12 -20.95
C ALA N 240 45.82 -27.23 -22.45
N LYS N 241 45.04 -26.49 -23.25
CA LYS N 241 45.17 -26.51 -24.70
C LYS N 241 45.17 -25.09 -25.23
N LEU N 242 45.81 -24.90 -26.38
CA LEU N 242 45.94 -23.59 -27.01
C LEU N 242 45.41 -23.67 -28.42
N TRP N 243 44.43 -22.83 -28.75
CA TRP N 243 43.82 -22.78 -30.07
C TRP N 243 44.14 -21.45 -30.75
N ASP N 244 43.82 -21.38 -32.04
CA ASP N 244 43.88 -20.14 -32.80
C ASP N 244 42.46 -19.80 -33.27
N VAL N 245 42.11 -18.53 -33.17
CA VAL N 245 40.72 -18.13 -33.42
C VAL N 245 40.35 -18.32 -34.89
N ARG N 246 41.27 -17.99 -35.81
CA ARG N 246 40.90 -17.95 -37.21
C ARG N 246 40.51 -19.33 -37.74
N GLU N 247 41.38 -20.33 -37.55
CA GLU N 247 41.15 -21.65 -38.12
C GLU N 247 40.99 -22.76 -37.09
N GLY N 248 41.58 -22.62 -35.91
CA GLY N 248 41.36 -23.62 -34.87
C GLY N 248 42.16 -24.91 -34.84
N MET N 249 43.49 -24.88 -34.75
CA MET N 249 44.27 -26.10 -34.60
C MET N 249 44.88 -26.09 -33.20
N CYS N 250 44.76 -27.22 -32.50
CA CYS N 250 45.35 -27.33 -31.17
C CYS N 250 46.86 -27.41 -31.36
N ARG N 251 47.58 -26.46 -30.77
CA ARG N 251 48.99 -26.26 -31.05
C ARG N 251 49.90 -26.98 -30.05
N GLN N 252 49.79 -26.70 -28.76
CA GLN N 252 50.47 -27.51 -27.75
C GLN N 252 49.48 -27.93 -26.68
N THR N 253 49.96 -28.81 -25.80
CA THR N 253 49.18 -29.32 -24.68
C THR N 253 50.06 -29.31 -23.43
N PHE N 254 49.48 -28.96 -22.30
CA PHE N 254 50.20 -28.86 -21.04
C PHE N 254 49.56 -29.76 -19.99
N THR N 255 50.35 -30.14 -18.99
CA THR N 255 49.93 -31.10 -17.99
C THR N 255 50.74 -30.83 -16.71
N GLY N 256 50.27 -31.37 -15.60
CA GLY N 256 51.00 -31.26 -14.34
C GLY N 256 50.15 -31.16 -13.09
N HIS N 257 48.90 -30.71 -13.23
CA HIS N 257 47.99 -30.64 -12.10
C HIS N 257 47.18 -31.93 -11.96
N GLU N 258 46.52 -32.06 -10.82
CA GLU N 258 45.64 -33.19 -10.53
C GLU N 258 44.19 -32.79 -10.45
N SER N 259 43.86 -31.77 -9.67
CA SER N 259 42.49 -31.33 -9.51
C SER N 259 42.08 -30.44 -10.69
N ASP N 260 40.86 -29.92 -10.63
CA ASP N 260 40.36 -29.07 -11.71
C ASP N 260 41.07 -27.72 -11.71
N ILE N 261 41.35 -27.22 -12.91
CA ILE N 261 41.97 -25.91 -13.09
C ILE N 261 40.84 -24.87 -13.11
N ASN N 262 40.88 -23.92 -12.17
CA ASN N 262 39.80 -22.95 -12.03
C ASN N 262 40.23 -21.52 -12.30
N ALA N 263 41.44 -21.30 -12.82
CA ALA N 263 41.92 -19.93 -13.05
C ALA N 263 43.04 -19.95 -14.07
N ILE N 264 42.88 -19.21 -15.15
CA ILE N 264 43.91 -19.07 -16.18
C ILE N 264 44.15 -17.58 -16.41
N CYS N 265 45.42 -17.17 -16.43
CA CYS N 265 45.80 -15.78 -16.66
C CYS N 265 47.03 -15.73 -17.55
N PHE N 266 47.32 -14.53 -18.06
CA PHE N 266 48.45 -14.26 -18.94
C PHE N 266 49.36 -13.19 -18.36
N PHE N 267 50.66 -13.37 -18.56
CA PHE N 267 51.63 -12.31 -18.32
C PHE N 267 51.45 -11.26 -19.42
N PRO N 268 51.71 -9.98 -19.12
CA PRO N 268 51.44 -8.93 -20.12
C PRO N 268 52.17 -9.12 -21.43
N ASN N 269 53.38 -9.68 -21.41
CA ASN N 269 54.15 -9.83 -22.65
C ASN N 269 53.48 -10.81 -23.61
N GLY N 270 52.92 -11.89 -23.09
CA GLY N 270 52.29 -12.90 -23.92
C GLY N 270 53.06 -14.18 -24.08
N ASN N 271 54.11 -14.40 -23.30
CA ASN N 271 54.91 -15.61 -23.36
C ASN N 271 54.97 -16.27 -21.99
N ALA N 272 53.81 -16.35 -21.33
CA ALA N 272 53.69 -17.04 -20.06
C ALA N 272 52.23 -17.39 -19.82
N PHE N 273 52.00 -18.52 -19.17
CA PHE N 273 50.66 -19.08 -19.00
C PHE N 273 50.58 -19.65 -17.58
N ALA N 274 50.03 -18.88 -16.66
CA ALA N 274 50.00 -19.22 -15.24
C ALA N 274 48.59 -19.62 -14.84
N THR N 275 48.48 -20.72 -14.08
CA THR N 275 47.19 -21.26 -13.66
C THR N 275 47.22 -21.60 -12.18
N GLY N 276 46.02 -21.81 -11.63
CA GLY N 276 45.85 -22.35 -10.30
C GLY N 276 44.90 -23.54 -10.31
N SER N 277 44.87 -24.24 -9.19
CA SER N 277 44.03 -25.42 -9.06
C SER N 277 43.54 -25.54 -7.62
N ASP N 278 42.85 -26.64 -7.33
CA ASP N 278 42.27 -26.86 -6.01
C ASP N 278 43.20 -27.65 -5.10
N ASP N 279 44.51 -27.51 -5.29
CA ASP N 279 45.51 -28.16 -4.45
C ASP N 279 46.46 -27.16 -3.80
N ALA N 280 46.11 -25.88 -3.83
CA ALA N 280 46.96 -24.80 -3.30
C ALA N 280 48.32 -24.79 -3.99
N THR N 281 48.33 -25.05 -5.29
CA THR N 281 49.55 -25.06 -6.09
C THR N 281 49.38 -24.06 -7.24
N CYS N 282 50.38 -23.18 -7.40
CA CYS N 282 50.42 -22.25 -8.51
C CYS N 282 51.62 -22.57 -9.38
N ARG N 283 51.37 -22.77 -10.68
CA ARG N 283 52.41 -23.18 -11.63
C ARG N 283 52.46 -22.18 -12.77
N LEU N 284 53.66 -21.75 -13.13
CA LEU N 284 53.88 -20.87 -14.28
C LEU N 284 54.50 -21.68 -15.41
N PHE N 285 53.86 -21.66 -16.58
CA PHE N 285 54.31 -22.40 -17.75
C PHE N 285 54.88 -21.43 -18.78
N ASP N 286 55.76 -21.96 -19.63
CA ASP N 286 56.34 -21.20 -20.71
C ASP N 286 55.97 -21.85 -22.04
N LEU N 287 55.44 -21.03 -22.96
CA LEU N 287 55.00 -21.55 -24.25
C LEU N 287 56.18 -22.06 -25.06
N ARG N 288 57.30 -21.34 -25.03
CA ARG N 288 58.43 -21.69 -25.90
C ARG N 288 59.04 -23.03 -25.51
N ALA N 289 59.17 -23.29 -24.22
CA ALA N 289 59.85 -24.49 -23.75
C ALA N 289 58.90 -25.63 -23.40
N ASP N 290 57.60 -25.34 -23.26
CA ASP N 290 56.58 -26.34 -22.93
C ASP N 290 56.84 -27.03 -21.60
N GLN N 291 57.63 -26.43 -20.72
CA GLN N 291 58.01 -27.03 -19.45
C GLN N 291 57.62 -26.13 -18.30
N GLU N 292 57.12 -26.73 -17.22
CA GLU N 292 56.77 -25.97 -16.03
C GLU N 292 58.03 -25.36 -15.42
N LEU N 293 57.95 -24.07 -15.09
CA LEU N 293 59.13 -23.33 -14.64
C LEU N 293 59.27 -23.34 -13.12
N MET N 294 58.32 -22.74 -12.42
CA MET N 294 58.33 -22.70 -10.95
C MET N 294 57.09 -23.37 -10.39
N THR N 295 56.96 -23.34 -9.07
CA THR N 295 55.79 -23.87 -8.38
C THR N 295 55.69 -23.14 -7.04
N TYR N 296 54.54 -22.53 -6.78
CA TYR N 296 54.34 -21.72 -5.58
C TYR N 296 53.47 -22.52 -4.62
N SER N 297 54.11 -23.12 -3.62
CA SER N 297 53.41 -23.93 -2.63
C SER N 297 53.90 -23.58 -1.23
N HIS N 298 53.00 -23.70 -0.26
CA HIS N 298 53.31 -23.46 1.14
C HIS N 298 52.75 -24.60 1.97
N ASP N 299 53.37 -24.86 3.12
CA ASP N 299 53.03 -26.05 3.89
C ASP N 299 51.71 -25.90 4.64
N ASN N 300 51.41 -24.70 5.15
CA ASN N 300 50.26 -24.52 6.01
C ASN N 300 48.95 -24.40 5.22
N ILE N 301 49.00 -23.88 3.99
CA ILE N 301 47.77 -23.68 3.22
C ILE N 301 47.19 -25.02 2.81
N ILE N 302 45.88 -25.16 2.96
CA ILE N 302 45.20 -26.42 2.65
C ILE N 302 43.98 -26.21 1.76
N CYS N 303 43.64 -24.95 1.50
CA CYS N 303 42.45 -24.64 0.72
C CYS N 303 42.80 -24.42 -0.75
N GLY N 304 41.76 -24.42 -1.59
CA GLY N 304 41.92 -24.32 -3.02
C GLY N 304 42.02 -22.89 -3.52
N ILE N 305 42.27 -22.77 -4.82
CA ILE N 305 42.38 -21.49 -5.52
C ILE N 305 41.08 -21.23 -6.26
N THR N 306 40.62 -19.97 -6.23
CA THR N 306 39.43 -19.57 -6.97
C THR N 306 39.69 -18.52 -8.04
N SER N 307 40.80 -17.79 -7.97
CA SER N 307 41.08 -16.73 -8.94
C SER N 307 42.53 -16.29 -8.79
N VAL N 308 43.16 -15.94 -9.90
CA VAL N 308 44.51 -15.38 -9.91
C VAL N 308 44.54 -14.21 -10.90
N SER N 309 45.54 -13.35 -10.74
CA SER N 309 45.69 -12.18 -11.59
C SER N 309 47.07 -11.58 -11.40
N PHE N 310 47.66 -11.10 -12.48
CA PHE N 310 48.96 -10.43 -12.44
C PHE N 310 48.77 -8.92 -12.33
N SER N 311 49.86 -8.24 -11.98
CA SER N 311 49.87 -6.78 -11.87
C SER N 311 50.25 -6.17 -13.22
N LYS N 312 50.52 -4.86 -13.23
CA LYS N 312 50.90 -4.18 -14.46
C LYS N 312 52.19 -4.75 -15.03
N SER N 313 53.28 -4.67 -14.25
CA SER N 313 54.56 -5.18 -14.71
C SER N 313 54.70 -6.68 -14.55
N GLY N 314 53.74 -7.33 -13.88
CA GLY N 314 53.84 -8.75 -13.65
C GLY N 314 54.80 -9.16 -12.55
N ARG N 315 55.20 -8.22 -11.70
CA ARG N 315 56.17 -8.54 -10.66
C ARG N 315 55.53 -9.39 -9.56
N LEU N 316 54.27 -9.11 -9.22
CA LEU N 316 53.57 -9.81 -8.16
C LEU N 316 52.49 -10.71 -8.74
N LEU N 317 51.96 -11.59 -7.90
CA LEU N 317 50.89 -12.50 -8.28
C LEU N 317 49.92 -12.63 -7.12
N LEU N 318 48.64 -12.36 -7.38
CA LEU N 318 47.60 -12.44 -6.37
C LEU N 318 46.75 -13.69 -6.58
N ALA N 319 46.28 -14.27 -5.48
CA ALA N 319 45.47 -15.47 -5.52
C ALA N 319 44.38 -15.39 -4.47
N GLY N 320 43.32 -16.15 -4.68
CA GLY N 320 42.18 -16.19 -3.78
C GLY N 320 42.08 -17.55 -3.11
N TYR N 321 41.71 -17.56 -1.83
CA TYR N 321 41.62 -18.77 -1.04
C TYR N 321 40.22 -18.96 -0.49
N ASP N 322 39.82 -20.23 -0.36
CA ASP N 322 38.53 -20.58 0.23
C ASP N 322 38.52 -20.40 1.75
N ASP N 323 39.68 -20.16 2.37
CA ASP N 323 39.80 -20.01 3.82
C ASP N 323 39.47 -18.61 4.29
N PHE N 324 38.70 -17.86 3.50
CA PHE N 324 38.15 -16.55 3.80
C PHE N 324 39.19 -15.45 3.76
N ASN N 325 40.38 -15.71 3.21
CA ASN N 325 41.47 -14.74 3.18
C ASN N 325 42.15 -14.68 1.82
N CYS N 326 43.27 -13.95 1.75
CA CYS N 326 44.00 -13.74 0.51
C CYS N 326 45.39 -13.18 0.81
N ASN N 327 46.41 -13.74 0.16
CA ASN N 327 47.79 -13.28 0.30
C ASN N 327 48.43 -13.20 -1.08
N VAL N 328 49.56 -12.49 -1.15
CA VAL N 328 50.25 -12.22 -2.41
C VAL N 328 51.60 -12.93 -2.38
N TRP N 329 51.88 -13.67 -3.45
CA TRP N 329 53.18 -14.30 -3.64
C TRP N 329 54.08 -13.40 -4.48
N ASP N 330 55.26 -13.90 -4.83
CA ASP N 330 56.16 -13.20 -5.72
C ASP N 330 56.50 -14.09 -6.91
N ALA N 331 56.68 -13.45 -8.07
CA ALA N 331 56.86 -14.19 -9.31
C ALA N 331 58.22 -14.88 -9.37
N LEU N 332 59.29 -14.13 -9.15
CA LEU N 332 60.64 -14.65 -9.40
C LEU N 332 61.07 -15.64 -8.34
N LYS N 333 60.86 -15.32 -7.06
CA LYS N 333 61.43 -16.11 -5.98
C LYS N 333 60.40 -16.89 -5.19
N ALA N 334 59.12 -16.79 -5.52
CA ALA N 334 58.05 -17.49 -4.79
C ALA N 334 58.08 -17.16 -3.31
N ASP N 335 58.32 -15.89 -2.98
CA ASP N 335 58.38 -15.44 -1.59
C ASP N 335 57.10 -14.65 -1.28
N ARG N 336 56.35 -15.13 -0.31
CA ARG N 336 55.10 -14.47 0.07
C ARG N 336 55.40 -13.18 0.84
N ALA N 337 54.79 -12.08 0.40
CA ALA N 337 55.08 -10.76 0.93
C ALA N 337 54.13 -10.32 2.03
N GLY N 338 52.83 -10.54 1.87
CA GLY N 338 51.88 -10.11 2.87
C GLY N 338 50.54 -10.81 2.70
N VAL N 339 49.61 -10.48 3.58
CA VAL N 339 48.28 -11.08 3.59
C VAL N 339 47.24 -9.96 3.66
N LEU N 340 46.04 -10.26 3.18
CA LEU N 340 44.93 -9.32 3.14
C LEU N 340 43.75 -9.93 3.90
N ALA N 341 43.55 -9.49 5.15
CA ALA N 341 42.45 -9.97 5.97
C ALA N 341 41.21 -9.17 5.61
N GLY N 342 40.63 -9.49 4.46
CA GLY N 342 39.54 -8.73 3.90
C GLY N 342 38.15 -8.99 4.45
N HIS N 343 37.64 -10.21 4.30
CA HIS N 343 36.22 -10.49 4.48
C HIS N 343 36.00 -11.53 5.57
N ASP N 344 34.75 -11.97 5.70
CA ASP N 344 34.35 -12.99 6.65
C ASP N 344 33.57 -14.11 5.96
N ASN N 345 33.90 -14.39 4.71
CA ASN N 345 33.31 -15.50 3.96
C ASN N 345 34.18 -15.76 2.74
N ARG N 346 33.82 -16.76 1.95
CA ARG N 346 34.67 -17.22 0.87
C ARG N 346 34.81 -16.16 -0.22
N VAL N 347 36.03 -16.03 -0.73
CA VAL N 347 36.33 -15.11 -1.83
C VAL N 347 36.15 -15.84 -3.15
N SER N 348 35.46 -15.19 -4.10
CA SER N 348 35.10 -15.82 -5.36
C SER N 348 35.43 -15.00 -6.60
N CYS N 349 36.05 -13.82 -6.47
CA CYS N 349 36.42 -13.03 -7.62
C CYS N 349 37.54 -12.08 -7.25
N LEU N 350 38.23 -11.59 -8.28
CA LEU N 350 39.36 -10.68 -8.10
C LEU N 350 39.69 -10.06 -9.45
N GLY N 351 40.10 -8.80 -9.42
CA GLY N 351 40.43 -8.10 -10.65
C GLY N 351 41.42 -6.98 -10.43
N VAL N 352 42.23 -6.73 -11.44
CA VAL N 352 43.24 -5.68 -11.41
C VAL N 352 43.04 -4.79 -12.63
N THR N 353 43.05 -3.48 -12.42
CA THR N 353 42.81 -2.54 -13.50
C THR N 353 43.97 -2.58 -14.49
N ASP N 354 43.68 -2.21 -15.75
CA ASP N 354 44.75 -2.12 -16.75
C ASP N 354 45.76 -1.05 -16.36
N ASP N 355 45.29 0.07 -15.82
CA ASP N 355 46.19 1.12 -15.34
C ASP N 355 47.05 0.63 -14.19
N GLY N 356 46.47 -0.12 -13.27
CA GLY N 356 47.17 -0.64 -12.12
C GLY N 356 47.06 0.14 -10.83
N MET N 357 45.92 0.79 -10.56
CA MET N 357 45.76 1.59 -9.35
C MET N 357 44.62 1.10 -8.47
N ALA N 358 44.07 -0.07 -8.76
CA ALA N 358 42.91 -0.55 -7.99
C ALA N 358 42.87 -2.07 -7.99
N VAL N 359 42.46 -2.62 -6.85
CA VAL N 359 42.18 -4.04 -6.68
C VAL N 359 40.80 -4.17 -6.07
N ALA N 360 39.94 -4.98 -6.68
CA ALA N 360 38.57 -5.16 -6.22
C ALA N 360 38.30 -6.63 -5.97
N THR N 361 37.70 -6.93 -4.83
CA THR N 361 37.45 -8.29 -4.37
C THR N 361 36.01 -8.41 -3.89
N GLY N 362 35.35 -9.51 -4.23
CA GLY N 362 33.98 -9.73 -3.81
C GLY N 362 33.72 -11.11 -3.24
N SER N 363 33.33 -11.17 -1.97
CA SER N 363 33.10 -12.44 -1.29
C SER N 363 31.62 -12.82 -1.37
N TRP N 364 31.23 -13.81 -0.57
CA TRP N 364 29.88 -14.35 -0.57
C TRP N 364 28.96 -13.67 0.44
N ASP N 365 29.43 -12.63 1.13
CA ASP N 365 28.63 -11.95 2.13
C ASP N 365 28.03 -10.65 1.62
N SER N 366 28.08 -10.43 0.31
CA SER N 366 27.41 -9.31 -0.37
C SER N 366 28.04 -7.96 -0.04
N PHE N 367 29.36 -7.92 0.07
CA PHE N 367 30.11 -6.67 0.12
C PHE N 367 31.24 -6.71 -0.89
N LEU N 368 31.53 -5.57 -1.50
CA LEU N 368 32.58 -5.43 -2.49
C LEU N 368 33.59 -4.41 -2.00
N LYS N 369 34.87 -4.78 -1.99
CA LYS N 369 35.93 -3.98 -1.42
C LYS N 369 36.82 -3.41 -2.51
N ILE N 370 37.18 -2.14 -2.38
CA ILE N 370 38.18 -1.50 -3.22
C ILE N 370 39.47 -1.38 -2.43
N TRP N 371 40.58 -1.75 -3.03
CA TRP N 371 41.86 -1.80 -2.34
C TRP N 371 42.88 -0.92 -3.05
N ASN N 372 43.86 -0.44 -2.28
CA ASN N 372 44.92 0.40 -2.82
C ASN N 372 46.15 0.37 -1.92
N ALA O 32 33.87 -47.28 -33.01
CA ALA O 32 34.18 -45.89 -32.72
C ALA O 32 35.60 -45.77 -32.27
N SER O 33 36.17 -46.87 -31.84
CA SER O 33 37.56 -46.87 -31.43
C SER O 33 38.42 -46.53 -32.62
N ILE O 34 38.06 -47.02 -33.80
CA ILE O 34 38.81 -46.71 -35.00
C ILE O 34 38.80 -45.22 -35.28
N ALA O 35 37.63 -44.59 -35.11
CA ALA O 35 37.53 -43.15 -35.33
C ALA O 35 38.50 -42.41 -34.42
N GLN O 36 38.52 -42.79 -33.14
CA GLN O 36 39.41 -42.12 -32.20
C GLN O 36 40.85 -42.34 -32.58
N ALA O 37 41.19 -43.54 -33.00
CA ALA O 37 42.56 -43.84 -33.38
C ALA O 37 42.94 -42.99 -34.58
N ARG O 38 42.02 -42.86 -35.53
CA ARG O 38 42.29 -42.06 -36.71
C ARG O 38 42.53 -40.60 -36.33
N LYS O 39 41.72 -40.09 -35.41
CA LYS O 39 41.89 -38.71 -34.96
C LYS O 39 43.24 -38.56 -34.29
N LEU O 40 43.53 -39.47 -33.36
CA LEU O 40 44.80 -39.42 -32.67
C LEU O 40 45.97 -39.29 -33.62
N VAL O 41 45.97 -40.12 -34.65
CA VAL O 41 47.08 -40.07 -35.56
C VAL O 41 47.10 -38.71 -36.19
N GLU O 42 45.93 -38.22 -36.53
CA GLU O 42 45.84 -36.94 -37.22
C GLU O 42 46.37 -35.77 -36.40
N GLN O 43 46.08 -35.75 -35.11
CA GLN O 43 46.47 -34.55 -34.36
C GLN O 43 47.84 -34.63 -33.69
N LEU O 44 48.03 -35.61 -32.85
CA LEU O 44 49.28 -35.78 -32.10
C LEU O 44 50.49 -35.71 -33.02
N LYS O 45 50.42 -36.33 -34.21
CA LYS O 45 51.49 -36.12 -35.18
C LYS O 45 51.53 -34.69 -35.71
N MET O 46 50.44 -33.93 -35.58
CA MET O 46 50.54 -32.48 -35.81
C MET O 46 51.27 -31.80 -34.66
N GLU O 47 51.06 -32.27 -33.44
CA GLU O 47 51.77 -31.73 -32.28
C GLU O 47 53.27 -31.99 -32.38
N ALA O 48 53.65 -33.15 -32.92
CA ALA O 48 55.03 -33.62 -32.78
C ALA O 48 56.03 -32.65 -33.42
N ASN O 49 55.73 -32.17 -34.63
CA ASN O 49 56.68 -31.37 -35.39
C ASN O 49 56.49 -29.89 -35.06
N ILE O 50 57.12 -29.46 -33.97
CA ILE O 50 57.15 -28.06 -33.56
C ILE O 50 58.59 -27.69 -33.19
N ASP O 51 58.81 -26.41 -32.98
CA ASP O 51 60.14 -25.89 -32.67
C ASP O 51 60.39 -25.97 -31.17
N ARG O 52 61.62 -26.33 -30.81
CA ARG O 52 62.05 -26.44 -29.41
C ARG O 52 63.29 -25.58 -29.23
N ILE O 53 63.17 -24.53 -28.41
CA ILE O 53 64.24 -23.56 -28.27
C ILE O 53 64.78 -23.56 -26.84
N LYS O 54 65.76 -22.71 -26.56
CA LYS O 54 66.49 -22.74 -25.31
C LYS O 54 65.80 -21.88 -24.26
N VAL O 55 65.99 -22.26 -22.99
CA VAL O 55 65.27 -21.62 -21.89
C VAL O 55 65.97 -20.36 -21.40
N SER O 56 67.28 -20.24 -21.60
CA SER O 56 68.01 -19.10 -21.07
C SER O 56 67.47 -17.79 -21.62
N LYS O 57 67.24 -17.73 -22.94
CA LYS O 57 66.64 -16.53 -23.52
C LYS O 57 65.17 -16.41 -23.13
N ALA O 58 64.48 -17.55 -22.94
CA ALA O 58 63.09 -17.51 -22.52
C ALA O 58 62.92 -16.93 -21.12
N ALA O 59 63.99 -16.90 -20.32
CA ALA O 59 63.96 -16.20 -19.05
C ALA O 59 64.59 -14.82 -19.13
N ALA O 60 65.56 -14.63 -20.03
CA ALA O 60 66.20 -13.33 -20.17
C ALA O 60 65.21 -12.29 -20.69
N ASP O 61 64.35 -12.69 -21.64
CA ASP O 61 63.35 -11.76 -22.14
C ASP O 61 62.38 -11.35 -21.04
N LEU O 62 61.99 -12.31 -20.19
CA LEU O 62 61.10 -12.00 -19.07
C LEU O 62 61.75 -11.03 -18.10
N MET O 63 63.02 -11.28 -17.77
CA MET O 63 63.73 -10.39 -16.85
C MET O 63 63.87 -8.99 -17.44
N ALA O 64 64.19 -8.90 -18.73
CA ALA O 64 64.30 -7.59 -19.38
C ALA O 64 62.96 -6.87 -19.39
N TYR O 65 61.88 -7.60 -19.63
CA TYR O 65 60.55 -6.98 -19.60
C TYR O 65 60.23 -6.46 -18.22
N CYS O 66 60.55 -7.22 -17.18
CA CYS O 66 60.18 -6.83 -15.83
C CYS O 66 61.03 -5.66 -15.34
N GLU O 67 62.34 -5.69 -15.60
CA GLU O 67 63.24 -4.68 -15.05
C GLU O 67 62.97 -3.30 -15.65
N ALA O 68 62.66 -3.24 -16.95
CA ALA O 68 62.49 -1.95 -17.61
C ALA O 68 61.25 -1.21 -17.08
N HIS O 69 60.14 -1.91 -16.90
CA HIS O 69 58.89 -1.28 -16.49
C HIS O 69 58.81 -1.22 -14.96
N ALA O 70 59.63 -0.33 -14.41
CA ALA O 70 59.56 0.03 -13.00
C ALA O 70 58.87 1.36 -12.77
N LYS O 71 58.24 1.92 -13.81
CA LYS O 71 57.57 3.21 -13.70
C LYS O 71 56.05 3.11 -13.86
N GLU O 72 55.54 1.99 -14.38
CA GLU O 72 54.12 1.82 -14.65
C GLU O 72 53.39 1.10 -13.52
N ASP O 73 54.03 0.87 -12.38
CA ASP O 73 53.44 0.12 -11.27
C ASP O 73 53.27 1.04 -10.07
N PRO O 74 52.09 1.66 -9.90
CA PRO O 74 51.87 2.51 -8.72
C PRO O 74 51.82 1.74 -7.41
N LEU O 75 51.63 0.43 -7.45
CA LEU O 75 51.59 -0.35 -6.21
C LEU O 75 52.97 -0.47 -5.60
N LEU O 76 53.92 -1.04 -6.34
CA LEU O 76 55.28 -1.18 -5.82
C LEU O 76 55.94 0.17 -5.60
N THR O 77 55.74 1.11 -6.51
CA THR O 77 56.31 2.44 -6.38
C THR O 77 55.24 3.40 -5.88
N PRO O 78 55.30 3.84 -4.63
CA PRO O 78 54.23 4.68 -4.08
C PRO O 78 54.15 6.04 -4.77
N VAL O 79 52.95 6.59 -4.77
CA VAL O 79 52.67 7.91 -5.37
C VAL O 79 51.99 8.77 -4.32
N PRO O 80 52.11 10.09 -4.44
CA PRO O 80 51.47 10.99 -3.46
C PRO O 80 49.95 10.85 -3.47
N ALA O 81 49.34 11.39 -2.42
CA ALA O 81 47.89 11.29 -2.26
C ALA O 81 47.14 12.01 -3.39
N SER O 82 47.77 13.01 -4.01
CA SER O 82 47.13 13.73 -5.10
C SER O 82 47.02 12.89 -6.36
N GLU O 83 47.77 11.79 -6.45
CA GLU O 83 47.74 10.97 -7.65
C GLU O 83 46.53 10.05 -7.68
N ASN O 84 46.34 9.27 -6.62
CA ASN O 84 45.26 8.30 -6.59
C ASN O 84 43.92 8.97 -6.33
N PRO O 85 42.93 8.84 -7.22
CA PRO O 85 41.61 9.44 -6.97
C PRO O 85 40.73 8.61 -6.05
N PHE O 86 41.14 7.39 -5.70
CA PHE O 86 40.31 6.50 -4.89
C PHE O 86 40.36 6.83 -3.40
N ARG O 87 41.19 7.78 -2.99
CA ARG O 87 41.27 8.17 -1.59
C ARG O 87 39.96 8.77 -1.11
#